data_6S59
#
_entry.id   6S59
#
_cell.length_a   1.00
_cell.length_b   1.00
_cell.length_c   1.00
_cell.angle_alpha   90.00
_cell.angle_beta   90.00
_cell.angle_gamma   90.00
#
_symmetry.space_group_name_H-M   'P 1'
#
loop_
_entity.id
_entity.type
_entity.pdbx_description
1 polymer 'Nicotinamide nucleotide transhydrogenase'
2 non-polymer 1,2-DIACYL-SN-GLYCERO-3-PHOSPHOCHOLINE
#
_entity_poly.entity_id   1
_entity_poly.type   'polypeptide(L)'
_entity_poly.pdbx_seq_one_letter_code
;MANLLKTVVTGCSCPFLSNLGSCKVLPGKKNFLRTFHTHRILWCKAPVKPGIPYKQLTVGVPKEIFQNEKRVALSPAGVQ
ALVKQGFNVVVESGAGEASKFSDDHYRAAGAQIQGAKEVLASDLVVKVRAPMLNPTLGIHEADLLKTSGTLISFIYPAQN
PDLLNKLSKRNTTVLAMDQVPRVTIAQGYDALSSMANIAGYKAVVLAANHFGRFFTGQITAAGKVPPAKILIVGGGVAGL
ASAGAAKSMGAIVRGFDTRAAALEQFKSLGAEPLEVDLKESGEGQGGYAKEMSKEFIEAEMKLFAQQCKEVDILISTALI
PGKKAPILFNKEMIESMKEGSVVVDLAAEAGGNFETTKPGELYVHKGITHIGYTDLPSRMATQASTLYSNNITKLLKAIS
PDKDNFYFEVKDDFDFGTMGHVIRGTVVMKDGQVIFPAPTPKNIPQGAPVKQKTVAELEAEKAATITPFRKTMTSASVYT
AGLTGILGLGIAAPNLAFSQMVTTFGLAGIVGYHTVWGVTPALHSPLMSVTNAISGLTAVGGLVLMGGHLYPSTTSQGLA
ALATFISSVNIAGGFLVTQRMLDMFKRPTDPPEYNYLYLLPAGTFVGGYLASLYSGYNIEQIMYLGSGLCCVGALAGLST
QGTARLGNALGMIGVAGGLAATLGGLKPCPELLAQMSGAMALGGTIGLTIAKRIQISDLPQLVAAFHSLVGLAAVLTCIA
EYIIEYPHFATDAAANLTKIVAYLGTYIGGVTFSGSLVAYGKLQGILKSAPLLLPGRHLLNAGLLAASVGGIIPFMMDPS
FTTGITCLGSVSALSAVMGVTLTAAIGGADMPVVITVLNSYSGWALCAEGFLLNNNLLTIVGALIGSSGAILSYIMCVAM
NRSLANVILGGYGTTSTAGGKPMEISGTHTEINLDNAIDMIREANSIIITPGYGLCAAKAQYPIADLVKMLSEQGKKVRF
GIHPVAGRMPGQLNVLLAEAGVPYDIVLEMDEINHDFPDTDLVLVIGANDTVNSAAQEDPNSIIAGMPVLEVWKSKQVIV
MKRSLGVGYAAVDNPIFYKPNTAMLLGDAKKTCDALQAKVRESYQK
;
_entity_poly.pdbx_strand_id   A,B
#
loop_
_chem_comp.id
_chem_comp.type
_chem_comp.name
_chem_comp.formula
PC1 non-polymer 1,2-DIACYL-SN-GLYCERO-3-PHOSPHOCHOLINE 'C44 H88 N O8 P'
#
# COMPACT_ATOMS: atom_id res chain seq x y z
N VAL A 48 -51.41 -36.88 1.21
CA VAL A 48 -51.49 -35.47 0.85
C VAL A 48 -50.70 -34.63 1.84
N LYS A 49 -50.27 -33.44 1.40
CA LYS A 49 -49.53 -32.53 2.27
C LYS A 49 -50.50 -31.77 3.17
N PRO A 50 -50.12 -31.48 4.42
CA PRO A 50 -51.03 -30.81 5.36
C PRO A 50 -51.21 -29.33 5.08
N GLY A 51 -51.89 -29.03 3.98
CA GLY A 51 -52.18 -27.65 3.61
C GLY A 51 -52.47 -27.53 2.13
N ILE A 52 -53.27 -26.51 1.81
CA ILE A 52 -53.66 -26.26 0.43
C ILE A 52 -52.51 -25.60 -0.30
N PRO A 53 -52.20 -26.00 -1.53
CA PRO A 53 -51.05 -25.43 -2.24
C PRO A 53 -51.29 -24.00 -2.66
N TYR A 54 -50.19 -23.35 -3.09
CA TYR A 54 -50.23 -21.95 -3.45
C TYR A 54 -50.99 -21.68 -4.75
N LYS A 55 -51.16 -22.68 -5.62
CA LYS A 55 -51.90 -22.48 -6.85
C LYS A 55 -53.39 -22.25 -6.56
N GLN A 56 -53.88 -22.80 -5.47
CA GLN A 56 -55.24 -22.52 -4.99
C GLN A 56 -55.27 -21.38 -3.99
N LEU A 57 -54.25 -20.53 -3.97
CA LEU A 57 -54.13 -19.45 -3.00
C LEU A 57 -54.03 -18.12 -3.74
N THR A 58 -55.08 -17.32 -3.65
CA THR A 58 -55.06 -15.96 -4.17
C THR A 58 -54.68 -14.98 -3.07
N VAL A 59 -54.02 -13.89 -3.47
CA VAL A 59 -53.56 -12.88 -2.53
C VAL A 59 -54.34 -11.59 -2.77
N GLY A 60 -54.41 -10.77 -1.73
CA GLY A 60 -55.14 -9.51 -1.82
C GLY A 60 -54.36 -8.32 -1.30
N VAL A 61 -54.09 -7.36 -2.17
CA VAL A 61 -53.42 -6.12 -1.81
C VAL A 61 -54.35 -4.96 -2.15
N PRO A 62 -55.15 -4.50 -1.19
CA PRO A 62 -56.12 -3.45 -1.47
C PRO A 62 -55.52 -2.06 -1.31
N LYS A 63 -56.34 -1.07 -1.65
CA LYS A 63 -55.90 0.32 -1.57
C LYS A 63 -55.88 0.79 -0.12
N GLU A 64 -54.86 1.57 0.22
CA GLU A 64 -54.80 2.17 1.55
C GLU A 64 -55.74 3.36 1.64
N ILE A 65 -56.66 3.32 2.60
CA ILE A 65 -57.68 4.36 2.76
C ILE A 65 -57.35 5.32 3.88
N PHE A 66 -56.21 5.16 4.54
CA PHE A 66 -55.85 6.07 5.63
C PHE A 66 -55.35 7.40 5.07
N GLN A 67 -55.36 8.41 5.93
CA GLN A 67 -54.86 9.72 5.55
C GLN A 67 -53.35 9.80 5.78
N ASN A 68 -52.69 10.56 4.89
CA ASN A 68 -51.24 10.85 4.96
C ASN A 68 -50.40 9.58 4.90
N GLU A 69 -50.82 8.61 4.08
CA GLU A 69 -50.07 7.38 3.86
C GLU A 69 -49.91 7.19 2.36
N LYS A 70 -48.67 7.27 1.88
CA LYS A 70 -48.37 7.09 0.47
C LYS A 70 -47.76 5.73 0.16
N ARG A 71 -47.66 4.86 1.17
CA ARG A 71 -47.03 3.57 0.99
C ARG A 71 -47.91 2.63 0.17
N VAL A 72 -47.29 1.55 -0.30
CA VAL A 72 -47.98 0.55 -1.11
C VAL A 72 -47.68 -0.83 -0.52
N ALA A 73 -48.54 -1.79 -0.88
CA ALA A 73 -48.38 -3.14 -0.34
C ALA A 73 -47.24 -3.89 -1.03
N LEU A 74 -47.34 -4.04 -2.35
CA LEU A 74 -46.32 -4.74 -3.11
C LEU A 74 -46.15 -4.09 -4.47
N SER A 75 -44.91 -3.86 -4.87
CA SER A 75 -44.61 -3.22 -6.13
C SER A 75 -44.67 -4.24 -7.26
N PRO A 76 -44.40 -3.83 -8.50
CA PRO A 76 -44.33 -4.80 -9.59
C PRO A 76 -43.14 -5.73 -9.48
N ALA A 77 -42.03 -5.26 -8.92
CA ALA A 77 -40.91 -6.15 -8.63
C ALA A 77 -41.24 -7.11 -7.49
N GLY A 78 -42.14 -6.73 -6.60
CA GLY A 78 -42.62 -7.65 -5.60
C GLY A 78 -43.65 -8.64 -6.09
N VAL A 79 -44.18 -8.44 -7.30
CA VAL A 79 -45.17 -9.36 -7.84
C VAL A 79 -44.56 -10.55 -8.55
N GLN A 80 -43.29 -10.46 -8.96
CA GLN A 80 -42.60 -11.62 -9.52
C GLN A 80 -42.38 -12.67 -8.45
N ALA A 81 -41.86 -12.26 -7.29
CA ALA A 81 -41.89 -13.09 -6.12
C ALA A 81 -43.34 -13.27 -5.67
N LEU A 82 -43.59 -14.42 -5.02
CA LEU A 82 -44.88 -14.91 -4.50
C LEU A 82 -45.86 -15.28 -5.61
N VAL A 83 -45.51 -15.01 -6.86
CA VAL A 83 -46.13 -15.66 -8.00
C VAL A 83 -45.14 -16.74 -8.41
N LYS A 84 -43.86 -16.48 -8.12
CA LYS A 84 -42.87 -17.55 -8.20
C LYS A 84 -43.10 -18.60 -7.12
N GLN A 85 -43.68 -18.21 -5.99
CA GLN A 85 -44.08 -19.20 -4.99
C GLN A 85 -45.31 -19.97 -5.43
N GLY A 86 -46.14 -19.38 -6.28
CA GLY A 86 -47.30 -20.07 -6.81
C GLY A 86 -48.60 -19.39 -6.48
N PHE A 87 -48.56 -18.46 -5.52
CA PHE A 87 -49.76 -17.75 -5.11
C PHE A 87 -50.18 -16.76 -6.19
N ASN A 88 -51.49 -16.64 -6.37
CA ASN A 88 -52.04 -15.73 -7.35
C ASN A 88 -51.92 -14.29 -6.87
N VAL A 89 -52.05 -13.36 -7.81
CA VAL A 89 -51.86 -11.94 -7.53
C VAL A 89 -53.09 -11.19 -8.00
N VAL A 90 -53.75 -10.50 -7.08
CA VAL A 90 -54.90 -9.64 -7.38
C VAL A 90 -54.56 -8.24 -6.90
N VAL A 91 -54.65 -7.27 -7.80
CA VAL A 91 -54.20 -5.91 -7.52
C VAL A 91 -55.39 -4.99 -7.45
N GLU A 92 -55.19 -3.82 -6.84
CA GLU A 92 -56.19 -2.78 -6.76
C GLU A 92 -56.17 -1.93 -8.03
N SER A 93 -56.88 -0.80 -8.01
CA SER A 93 -57.04 -0.02 -9.24
C SER A 93 -55.82 0.84 -9.54
N GLY A 94 -55.54 1.83 -8.68
CA GLY A 94 -54.48 2.77 -8.95
C GLY A 94 -53.57 3.06 -7.78
N ALA A 95 -53.29 2.04 -6.97
CA ALA A 95 -52.58 2.28 -5.71
C ALA A 95 -51.10 2.58 -5.91
N GLY A 96 -50.49 2.04 -6.96
CA GLY A 96 -49.06 2.17 -7.11
C GLY A 96 -48.62 3.51 -7.66
N GLU A 97 -49.54 4.21 -8.32
CA GLU A 97 -49.24 5.53 -8.85
C GLU A 97 -49.03 6.56 -7.75
N ALA A 98 -49.60 6.32 -6.56
CA ALA A 98 -49.31 7.18 -5.41
C ALA A 98 -47.86 7.05 -4.98
N SER A 99 -47.27 5.86 -5.15
CA SER A 99 -45.84 5.66 -4.96
C SER A 99 -45.09 5.64 -6.28
N LYS A 100 -45.72 6.17 -7.34
CA LYS A 100 -45.14 6.27 -8.69
C LYS A 100 -44.76 4.89 -9.24
N PHE A 101 -45.73 3.98 -9.27
CA PHE A 101 -45.58 2.67 -9.88
C PHE A 101 -46.71 2.48 -10.89
N SER A 102 -46.36 2.10 -12.10
CA SER A 102 -47.36 1.94 -13.14
C SER A 102 -48.16 0.67 -12.92
N ASP A 103 -49.49 0.81 -13.02
CA ASP A 103 -50.36 -0.36 -12.97
C ASP A 103 -50.27 -1.19 -14.24
N ASP A 104 -49.78 -0.60 -15.34
CA ASP A 104 -49.48 -1.40 -16.53
C ASP A 104 -48.34 -2.36 -16.27
N HIS A 105 -47.27 -1.86 -15.65
CA HIS A 105 -46.16 -2.74 -15.26
C HIS A 105 -46.58 -3.70 -14.17
N TYR A 106 -47.53 -3.31 -13.31
CA TYR A 106 -48.03 -4.20 -12.28
C TYR A 106 -48.84 -5.35 -12.87
N ARG A 107 -49.67 -5.07 -13.87
CA ARG A 107 -50.40 -6.13 -14.55
C ARG A 107 -49.50 -6.95 -15.46
N ALA A 108 -48.41 -6.35 -15.95
CA ALA A 108 -47.44 -7.10 -16.74
C ALA A 108 -46.53 -7.96 -15.89
N ALA A 109 -46.42 -7.67 -14.59
CA ALA A 109 -45.59 -8.48 -13.72
C ALA A 109 -46.22 -9.84 -13.42
N GLY A 110 -47.52 -9.99 -13.64
CA GLY A 110 -48.19 -11.26 -13.43
C GLY A 110 -49.45 -11.15 -12.60
N ALA A 111 -49.90 -9.92 -12.35
CA ALA A 111 -51.05 -9.70 -11.50
C ALA A 111 -52.32 -9.55 -12.35
N GLN A 112 -53.47 -9.64 -11.68
CA GLN A 112 -54.76 -9.41 -12.30
C GLN A 112 -55.48 -8.37 -11.46
N ILE A 113 -55.58 -7.15 -11.99
CA ILE A 113 -56.14 -6.04 -11.22
C ILE A 113 -57.64 -6.25 -11.03
N GLN A 114 -58.10 -6.02 -9.80
CA GLN A 114 -59.49 -6.27 -9.44
C GLN A 114 -60.10 -5.02 -8.83
N GLY A 115 -61.30 -5.14 -8.26
CA GLY A 115 -62.00 -4.02 -7.67
C GLY A 115 -61.47 -3.61 -6.32
N ALA A 116 -62.37 -3.16 -5.45
CA ALA A 116 -62.00 -2.69 -4.12
C ALA A 116 -62.44 -3.66 -3.03
N LYS A 117 -63.74 -3.98 -2.96
CA LYS A 117 -64.18 -5.03 -2.05
C LYS A 117 -63.73 -6.39 -2.54
N GLU A 118 -63.52 -6.54 -3.86
CA GLU A 118 -62.97 -7.75 -4.43
C GLU A 118 -61.47 -7.87 -4.21
N VAL A 119 -60.79 -6.76 -3.88
CA VAL A 119 -59.37 -6.86 -3.56
C VAL A 119 -59.18 -7.33 -2.13
N LEU A 120 -60.15 -7.08 -1.26
CA LEU A 120 -60.05 -7.50 0.13
C LEU A 120 -60.58 -8.91 0.36
N ALA A 121 -61.48 -9.39 -0.50
CA ALA A 121 -62.10 -10.70 -0.31
C ALA A 121 -61.36 -11.79 -1.09
N SER A 122 -60.13 -12.04 -0.66
CA SER A 122 -59.29 -13.09 -1.23
C SER A 122 -58.88 -14.08 -0.14
N ASP A 123 -57.97 -14.98 -0.51
CA ASP A 123 -57.46 -15.95 0.45
C ASP A 123 -56.31 -15.40 1.28
N LEU A 124 -55.68 -14.31 0.85
CA LEU A 124 -54.56 -13.73 1.59
C LEU A 124 -54.62 -12.21 1.44
N VAL A 125 -55.25 -11.54 2.39
CA VAL A 125 -55.38 -10.09 2.37
C VAL A 125 -54.15 -9.47 3.02
N VAL A 126 -53.58 -8.48 2.35
CA VAL A 126 -52.38 -7.81 2.83
C VAL A 126 -52.53 -6.31 2.60
N LYS A 127 -52.12 -5.51 3.57
CA LYS A 127 -52.13 -4.06 3.48
C LYS A 127 -50.92 -3.52 4.23
N VAL A 128 -50.79 -2.20 4.24
CA VAL A 128 -49.75 -1.54 5.05
C VAL A 128 -50.29 -1.16 6.41
N ARG A 129 -51.47 -0.56 6.44
CA ARG A 129 -52.16 -0.25 7.68
C ARG A 129 -53.13 -1.37 8.02
N ALA A 130 -53.71 -1.30 9.21
CA ALA A 130 -54.63 -2.31 9.68
C ALA A 130 -55.99 -2.15 9.01
N PRO A 131 -56.90 -3.08 9.24
CA PRO A 131 -58.25 -2.99 8.67
C PRO A 131 -59.09 -1.98 9.44
N MET A 132 -59.44 -0.89 8.77
CA MET A 132 -60.19 0.19 9.38
C MET A 132 -61.50 0.40 8.64
N LEU A 133 -62.22 1.45 9.02
CA LEU A 133 -63.47 1.81 8.36
C LEU A 133 -63.20 2.73 7.18
N ASN A 134 -63.66 2.32 6.00
CA ASN A 134 -63.44 3.10 4.79
C ASN A 134 -64.47 4.21 4.68
N PRO A 135 -64.06 5.47 4.52
CA PRO A 135 -65.06 6.55 4.40
C PRO A 135 -65.65 6.69 3.01
N THR A 136 -64.93 6.26 1.96
CA THR A 136 -65.47 6.36 0.61
C THR A 136 -66.57 5.33 0.38
N LEU A 137 -66.46 4.15 0.96
CA LEU A 137 -67.51 3.14 0.94
C LEU A 137 -67.65 2.63 2.36
N GLY A 138 -68.74 2.98 3.02
CA GLY A 138 -68.86 2.75 4.45
C GLY A 138 -69.02 1.31 4.84
N ILE A 139 -67.93 0.72 5.34
CA ILE A 139 -67.85 -0.64 5.84
C ILE A 139 -66.53 -0.78 6.58
N HIS A 140 -66.51 -1.57 7.65
CA HIS A 140 -65.25 -1.99 8.22
C HIS A 140 -64.56 -2.96 7.26
N GLU A 141 -63.23 -2.91 7.24
CA GLU A 141 -62.48 -3.70 6.27
C GLU A 141 -62.48 -5.19 6.60
N ALA A 142 -62.87 -5.57 7.82
CA ALA A 142 -63.01 -6.97 8.15
C ALA A 142 -64.23 -7.60 7.49
N ASP A 143 -65.27 -6.80 7.24
CA ASP A 143 -66.46 -7.32 6.58
C ASP A 143 -66.25 -7.51 5.10
N LEU A 144 -65.45 -6.64 4.46
CA LEU A 144 -65.12 -6.78 3.05
C LEU A 144 -64.15 -7.91 2.78
N LEU A 145 -63.47 -8.41 3.81
CA LEU A 145 -62.58 -9.55 3.66
C LEU A 145 -63.34 -10.85 3.86
N LYS A 146 -62.75 -11.94 3.39
CA LYS A 146 -63.36 -13.25 3.50
C LYS A 146 -63.18 -13.81 4.90
N THR A 147 -64.17 -14.59 5.35
CA THR A 147 -64.09 -15.24 6.65
C THR A 147 -63.04 -16.35 6.62
N SER A 148 -62.30 -16.47 7.73
CA SER A 148 -61.14 -17.36 7.87
C SER A 148 -60.10 -17.11 6.79
N GLY A 149 -59.85 -15.84 6.49
CA GLY A 149 -58.84 -15.44 5.55
C GLY A 149 -57.50 -15.24 6.23
N THR A 150 -56.62 -14.50 5.55
CA THR A 150 -55.29 -14.21 6.06
C THR A 150 -55.08 -12.71 6.09
N LEU A 151 -54.50 -12.21 7.18
CA LEU A 151 -54.21 -10.79 7.34
C LEU A 151 -52.76 -10.62 7.74
N ILE A 152 -52.04 -9.77 7.00
CA ILE A 152 -50.64 -9.50 7.32
C ILE A 152 -50.35 -8.01 7.11
N SER A 153 -50.28 -7.27 8.20
CA SER A 153 -50.00 -5.84 8.15
C SER A 153 -49.48 -5.41 9.52
N PHE A 154 -49.09 -4.14 9.61
CA PHE A 154 -48.74 -3.56 10.90
C PHE A 154 -50.02 -3.34 11.70
N ILE A 155 -50.25 -4.17 12.71
CA ILE A 155 -51.47 -4.17 13.49
C ILE A 155 -51.26 -3.59 14.88
N TYR A 156 -50.28 -4.13 15.61
CA TYR A 156 -49.92 -3.81 16.99
C TYR A 156 -51.14 -3.92 17.89
N PRO A 157 -51.59 -5.16 18.19
CA PRO A 157 -52.83 -5.33 18.96
C PRO A 157 -52.71 -4.95 20.42
N ALA A 158 -51.49 -4.68 20.91
CA ALA A 158 -51.33 -4.03 22.21
C ALA A 158 -51.95 -2.64 22.20
N GLN A 159 -51.91 -1.96 21.06
CA GLN A 159 -52.64 -0.72 20.87
C GLN A 159 -53.85 -0.90 19.98
N ASN A 160 -54.07 -2.10 19.43
CA ASN A 160 -55.22 -2.40 18.57
C ASN A 160 -56.01 -3.54 19.18
N PRO A 161 -56.47 -3.37 20.43
CA PRO A 161 -57.24 -4.45 21.07
C PRO A 161 -58.68 -4.51 20.56
N ASP A 162 -59.27 -3.35 20.30
CA ASP A 162 -60.60 -3.33 19.70
C ASP A 162 -60.54 -3.78 18.24
N LEU A 163 -59.46 -3.45 17.55
CA LEU A 163 -59.23 -4.00 16.22
C LEU A 163 -58.98 -5.50 16.29
N LEU A 164 -58.37 -5.99 17.37
CA LEU A 164 -58.23 -7.42 17.56
C LEU A 164 -59.59 -8.08 17.79
N ASN A 165 -60.48 -7.41 18.52
CA ASN A 165 -61.83 -7.92 18.71
C ASN A 165 -62.63 -7.89 17.43
N LYS A 166 -62.35 -6.93 16.55
CA LYS A 166 -63.01 -6.89 15.25
C LYS A 166 -62.47 -8.00 14.33
N LEU A 167 -61.17 -8.26 14.40
CA LEU A 167 -60.57 -9.30 13.57
C LEU A 167 -60.92 -10.70 14.06
N SER A 168 -61.23 -10.85 15.34
CA SER A 168 -61.70 -12.13 15.85
C SER A 168 -63.14 -12.42 15.41
N LYS A 169 -63.88 -11.41 14.96
CA LYS A 169 -65.27 -11.61 14.57
C LYS A 169 -65.40 -12.39 13.26
N ARG A 170 -64.51 -12.15 12.31
CA ARG A 170 -64.52 -12.87 11.04
C ARG A 170 -63.77 -14.19 11.12
N ASN A 171 -63.21 -14.52 12.28
CA ASN A 171 -62.41 -15.73 12.53
C ASN A 171 -61.21 -15.83 11.58
N THR A 172 -60.62 -14.68 11.27
CA THR A 172 -59.50 -14.63 10.34
C THR A 172 -58.18 -14.80 11.08
N THR A 173 -57.11 -14.94 10.31
CA THR A 173 -55.76 -15.14 10.84
C THR A 173 -54.95 -13.87 10.63
N VAL A 174 -54.28 -13.42 11.68
CA VAL A 174 -53.51 -12.18 11.66
C VAL A 174 -52.03 -12.53 11.71
N LEU A 175 -51.24 -11.90 10.84
CA LEU A 175 -49.79 -12.06 10.80
C LEU A 175 -49.17 -10.69 11.09
N ALA A 176 -48.79 -10.47 12.35
CA ALA A 176 -48.27 -9.18 12.77
C ALA A 176 -46.82 -9.03 12.30
N MET A 177 -46.59 -8.07 11.40
CA MET A 177 -45.25 -7.87 10.86
C MET A 177 -44.35 -7.17 11.86
N ASP A 178 -44.87 -6.22 12.64
CA ASP A 178 -44.06 -5.49 13.60
C ASP A 178 -43.71 -6.32 14.83
N GLN A 179 -44.38 -7.45 15.04
CA GLN A 179 -44.15 -8.31 16.20
C GLN A 179 -43.06 -9.34 15.95
N VAL A 180 -42.25 -9.16 14.92
CA VAL A 180 -41.10 -10.04 14.69
C VAL A 180 -40.04 -9.72 15.74
N PRO A 181 -39.70 -10.66 16.60
CA PRO A 181 -38.73 -10.36 17.65
C PRO A 181 -37.30 -10.29 17.09
N ARG A 182 -36.42 -9.71 17.89
CA ARG A 182 -35.03 -9.53 17.48
C ARG A 182 -34.27 -10.85 17.57
N VAL A 183 -34.37 -11.66 16.52
CA VAL A 183 -33.67 -12.94 16.46
C VAL A 183 -32.56 -12.83 15.42
N THR A 184 -31.63 -13.79 15.47
CA THR A 184 -30.52 -13.81 14.52
C THR A 184 -30.97 -14.17 13.11
N ILE A 185 -32.06 -14.92 12.97
CA ILE A 185 -32.63 -15.23 11.67
C ILE A 185 -33.73 -14.23 11.28
N ALA A 186 -33.88 -13.15 12.04
CA ALA A 186 -34.91 -12.16 11.79
C ALA A 186 -34.36 -10.96 11.02
N GLN A 187 -33.20 -11.13 10.39
CA GLN A 187 -32.64 -10.07 9.56
C GLN A 187 -33.42 -9.89 8.26
N GLY A 188 -34.12 -10.93 7.81
CA GLY A 188 -34.95 -10.81 6.63
C GLY A 188 -36.32 -10.22 6.87
N TYR A 189 -36.78 -10.22 8.12
CA TYR A 189 -38.11 -9.72 8.47
C TYR A 189 -37.98 -8.82 9.69
N ASP A 190 -37.86 -7.51 9.44
CA ASP A 190 -37.86 -6.52 10.52
C ASP A 190 -38.47 -5.24 9.94
N ALA A 191 -39.78 -5.08 10.15
CA ALA A 191 -40.50 -3.98 9.50
C ALA A 191 -40.14 -2.64 10.12
N LEU A 192 -40.08 -2.58 11.45
CA LEU A 192 -39.75 -1.33 12.13
C LEU A 192 -38.32 -0.91 11.86
N SER A 193 -37.42 -1.87 11.63
CA SER A 193 -36.03 -1.53 11.34
C SER A 193 -35.90 -0.86 9.98
N SER A 194 -36.56 -1.42 8.96
CA SER A 194 -36.52 -0.81 7.64
C SER A 194 -37.26 0.51 7.61
N MET A 195 -38.37 0.61 8.36
CA MET A 195 -39.11 1.86 8.46
C MET A 195 -38.28 2.93 9.16
N ALA A 196 -37.49 2.52 10.17
CA ALA A 196 -36.63 3.47 10.86
C ALA A 196 -35.48 3.92 9.99
N ASN A 197 -34.92 3.00 9.19
CA ASN A 197 -33.86 3.39 8.26
C ASN A 197 -34.38 4.34 7.20
N ILE A 198 -35.61 4.11 6.72
CA ILE A 198 -36.21 4.99 5.73
C ILE A 198 -36.50 6.36 6.34
N ALA A 199 -36.98 6.38 7.58
CA ALA A 199 -37.26 7.65 8.26
C ALA A 199 -35.98 8.41 8.56
N GLY A 200 -34.90 7.71 8.88
CA GLY A 200 -33.63 8.38 9.13
C GLY A 200 -33.00 8.94 7.88
N TYR A 201 -33.09 8.23 6.76
CA TYR A 201 -32.63 8.78 5.49
C TYR A 201 -33.47 9.99 5.08
N LYS A 202 -34.78 9.91 5.27
CA LYS A 202 -35.66 11.03 4.97
C LYS A 202 -35.37 12.22 5.88
N ALA A 203 -35.03 11.98 7.13
CA ALA A 203 -34.74 13.07 8.06
C ALA A 203 -33.41 13.72 7.76
N VAL A 204 -32.40 12.92 7.41
CA VAL A 204 -31.10 13.48 7.07
C VAL A 204 -31.16 14.22 5.74
N VAL A 205 -32.08 13.81 4.86
CA VAL A 205 -32.33 14.61 3.67
C VAL A 205 -33.08 15.89 4.03
N LEU A 206 -34.03 15.80 4.97
CA LEU A 206 -34.80 16.96 5.38
C LEU A 206 -34.00 17.93 6.24
N ALA A 207 -32.78 17.55 6.65
CA ALA A 207 -31.84 18.51 7.20
C ALA A 207 -31.56 19.62 6.20
N ALA A 208 -31.23 19.25 4.98
CA ALA A 208 -31.24 20.20 3.88
C ALA A 208 -32.67 20.61 3.56
N ASN A 209 -32.81 21.78 2.92
CA ASN A 209 -34.05 22.52 2.67
C ASN A 209 -34.74 22.94 3.96
N HIS A 210 -34.06 22.86 5.09
CA HIS A 210 -34.49 23.45 6.34
C HIS A 210 -33.43 24.32 6.99
N PHE A 211 -32.15 23.94 6.86
CA PHE A 211 -31.05 24.72 7.39
C PHE A 211 -30.79 25.94 6.51
N GLY A 212 -29.88 26.79 6.98
CA GLY A 212 -29.57 28.01 6.27
C GLY A 212 -28.25 28.00 5.53
N ARG A 213 -27.30 27.20 6.02
CA ARG A 213 -25.97 27.13 5.44
C ARG A 213 -25.68 25.72 4.99
N PHE A 214 -24.61 25.59 4.21
CA PHE A 214 -24.19 24.28 3.73
C PHE A 214 -23.59 23.47 4.88
N PHE A 215 -23.82 22.16 4.82
CA PHE A 215 -23.33 21.26 5.85
C PHE A 215 -22.05 20.54 5.47
N THR A 216 -21.68 20.55 4.19
CA THR A 216 -20.47 19.87 3.76
C THR A 216 -19.22 20.63 4.16
N GLY A 217 -19.11 21.88 3.70
CA GLY A 217 -17.97 22.71 4.04
C GLY A 217 -16.82 22.56 3.07
N GLN A 218 -16.14 23.66 2.79
CA GLN A 218 -15.00 23.65 1.87
C GLN A 218 -14.06 24.79 2.25
N ILE A 219 -12.91 24.80 1.58
CA ILE A 219 -11.93 25.89 1.70
C ILE A 219 -11.97 26.64 0.39
N THR A 220 -12.79 27.68 0.33
CA THR A 220 -12.99 28.43 -0.90
C THR A 220 -11.97 29.56 -1.03
N ALA A 221 -11.93 30.15 -2.23
CA ALA A 221 -10.97 31.20 -2.51
C ALA A 221 -11.32 32.50 -1.81
N ALA A 222 -12.61 32.83 -1.69
CA ALA A 222 -13.02 34.03 -0.98
C ALA A 222 -12.95 33.86 0.53
N GLY A 223 -12.73 32.65 1.01
CA GLY A 223 -12.62 32.39 2.43
C GLY A 223 -12.96 30.94 2.74
N LYS A 224 -12.43 30.47 3.86
CA LYS A 224 -12.69 29.11 4.29
C LYS A 224 -14.06 29.03 4.97
N VAL A 225 -14.76 27.94 4.70
CA VAL A 225 -16.09 27.69 5.25
C VAL A 225 -15.96 26.60 6.30
N PRO A 226 -16.52 26.77 7.50
CA PRO A 226 -16.44 25.73 8.51
C PRO A 226 -17.65 24.81 8.45
N PRO A 227 -17.50 23.56 8.84
CA PRO A 227 -18.64 22.64 8.82
C PRO A 227 -19.54 22.83 10.04
N ALA A 228 -20.74 22.26 9.95
CA ALA A 228 -21.74 22.37 11.00
C ALA A 228 -21.76 21.11 11.84
N LYS A 229 -21.99 21.28 13.14
CA LYS A 229 -22.07 20.16 14.06
C LYS A 229 -23.52 19.73 14.21
N ILE A 230 -23.76 18.43 14.23
CA ILE A 230 -25.10 17.86 14.26
C ILE A 230 -25.26 17.04 15.53
N LEU A 231 -26.42 17.15 16.15
CA LEU A 231 -26.73 16.39 17.35
C LEU A 231 -27.72 15.28 17.02
N ILE A 232 -27.47 14.09 17.56
CA ILE A 232 -28.37 12.95 17.43
C ILE A 232 -28.76 12.53 18.83
N VAL A 233 -30.06 12.60 19.14
CA VAL A 233 -30.58 12.23 20.45
C VAL A 233 -31.41 10.98 20.25
N GLY A 234 -30.97 9.89 20.87
CA GLY A 234 -31.61 8.60 20.68
C GLY A 234 -30.83 7.76 19.70
N GLY A 235 -30.06 6.81 20.23
CA GLY A 235 -29.18 6.01 19.38
C GLY A 235 -29.71 4.64 19.06
N GLY A 236 -30.17 4.46 17.82
CA GLY A 236 -30.57 3.14 17.35
C GLY A 236 -30.16 2.93 15.91
N VAL A 237 -31.03 2.30 15.14
CA VAL A 237 -30.80 2.20 13.70
C VAL A 237 -30.99 3.55 13.02
N ALA A 238 -31.92 4.34 13.54
CA ALA A 238 -32.19 5.66 12.99
C ALA A 238 -31.01 6.61 13.21
N GLY A 239 -30.42 6.55 14.41
CA GLY A 239 -29.25 7.36 14.68
C GLY A 239 -28.05 6.95 13.84
N LEU A 240 -27.88 5.64 13.64
CA LEU A 240 -26.77 5.16 12.80
C LEU A 240 -26.97 5.56 11.35
N ALA A 241 -28.20 5.51 10.86
CA ALA A 241 -28.48 5.90 9.49
C ALA A 241 -28.29 7.39 9.28
N SER A 242 -28.77 8.20 10.23
CA SER A 242 -28.59 9.65 10.13
C SER A 242 -27.12 10.03 10.26
N ALA A 243 -26.36 9.31 11.08
CA ALA A 243 -24.94 9.58 11.23
C ALA A 243 -24.16 9.20 9.99
N GLY A 244 -24.52 8.07 9.36
CA GLY A 244 -23.87 7.68 8.13
C GLY A 244 -24.18 8.62 6.99
N ALA A 245 -25.43 9.10 6.92
CA ALA A 245 -25.79 10.04 5.87
C ALA A 245 -25.17 11.41 6.10
N ALA A 246 -25.01 11.82 7.37
CA ALA A 246 -24.38 13.10 7.65
C ALA A 246 -22.88 13.06 7.40
N LYS A 247 -22.23 11.93 7.74
CA LYS A 247 -20.82 11.77 7.44
C LYS A 247 -20.58 11.64 5.94
N SER A 248 -21.55 11.06 5.22
CA SER A 248 -21.49 11.12 3.77
C SER A 248 -21.70 12.55 3.27
N MET A 249 -22.62 13.29 3.90
CA MET A 249 -22.81 14.69 3.58
C MET A 249 -21.70 15.57 4.13
N GLY A 250 -20.84 15.04 4.99
CA GLY A 250 -19.72 15.79 5.50
C GLY A 250 -20.00 16.61 6.74
N ALA A 251 -20.80 16.09 7.66
CA ALA A 251 -21.15 16.80 8.86
C ALA A 251 -20.34 16.28 10.06
N ILE A 252 -20.49 16.94 11.20
CA ILE A 252 -19.86 16.55 12.44
C ILE A 252 -20.96 16.12 13.40
N VAL A 253 -20.88 14.87 13.87
CA VAL A 253 -21.89 14.31 14.75
C VAL A 253 -21.32 14.23 16.16
N ARG A 254 -22.18 14.43 17.15
CA ARG A 254 -21.84 14.29 18.55
C ARG A 254 -22.94 13.57 19.30
N GLY A 255 -23.51 12.55 18.67
CA GLY A 255 -24.62 11.83 19.28
C GLY A 255 -24.16 10.80 20.28
N PHE A 256 -24.94 10.69 21.36
CA PHE A 256 -24.69 9.72 22.42
C PHE A 256 -25.99 9.01 22.75
N ASP A 257 -25.87 7.83 23.34
CA ASP A 257 -27.04 7.03 23.64
C ASP A 257 -26.90 6.42 25.03
N THR A 258 -28.03 5.95 25.56
CA THR A 258 -28.03 5.29 26.86
C THR A 258 -27.39 3.92 26.80
N ARG A 259 -27.73 3.13 25.78
CA ARG A 259 -27.06 1.85 25.57
C ARG A 259 -25.62 2.10 25.15
N ALA A 260 -24.68 1.51 25.90
CA ALA A 260 -23.26 1.73 25.62
C ALA A 260 -22.84 1.07 24.32
N ALA A 261 -23.51 -0.02 23.92
CA ALA A 261 -23.24 -0.62 22.63
C ALA A 261 -23.71 0.27 21.50
N ALA A 262 -24.77 1.06 21.73
CA ALA A 262 -25.21 2.02 20.72
C ALA A 262 -24.21 3.15 20.56
N LEU A 263 -23.69 3.68 21.66
CA LEU A 263 -22.66 4.71 21.57
C LEU A 263 -21.36 4.17 21.01
N GLU A 264 -21.02 2.91 21.32
CA GLU A 264 -19.82 2.31 20.77
C GLU A 264 -19.95 2.06 19.27
N GLN A 265 -21.14 1.64 18.82
CA GLN A 265 -21.35 1.45 17.39
C GLN A 265 -21.41 2.78 16.65
N PHE A 266 -21.90 3.84 17.31
CA PHE A 266 -21.89 5.16 16.70
C PHE A 266 -20.46 5.69 16.59
N LYS A 267 -19.63 5.42 17.60
CA LYS A 267 -18.23 5.83 17.53
C LYS A 267 -17.47 5.01 16.50
N SER A 268 -17.80 3.72 16.36
CA SER A 268 -17.23 2.89 15.31
C SER A 268 -17.70 3.30 13.92
N LEU A 269 -18.88 3.92 13.83
CA LEU A 269 -19.30 4.58 12.60
C LEU A 269 -18.59 5.92 12.40
N GLY A 270 -17.96 6.46 13.42
CA GLY A 270 -17.23 7.69 13.32
C GLY A 270 -17.86 8.88 14.02
N ALA A 271 -18.93 8.68 14.78
CA ALA A 271 -19.55 9.77 15.49
C ALA A 271 -18.84 9.99 16.83
N GLU A 272 -19.15 11.11 17.47
CA GLU A 272 -18.57 11.43 18.78
C GLU A 272 -19.53 10.96 19.86
N PRO A 273 -19.34 9.76 20.41
CA PRO A 273 -20.22 9.32 21.50
C PRO A 273 -19.92 10.06 22.79
N LEU A 274 -20.80 10.97 23.17
CA LEU A 274 -20.61 11.79 24.35
C LEU A 274 -20.80 10.95 25.61
N GLU A 275 -20.36 11.48 26.75
CA GLU A 275 -20.45 10.77 28.02
C GLU A 275 -20.89 11.73 29.09
N VAL A 276 -21.98 11.39 29.77
CA VAL A 276 -22.52 12.19 30.85
C VAL A 276 -22.00 11.63 32.16
N ASP A 277 -21.98 12.49 33.18
CA ASP A 277 -21.52 12.11 34.51
C ASP A 277 -22.66 11.56 35.36
N LEU A 278 -23.27 10.47 34.89
CA LEU A 278 -24.40 9.85 35.57
C LEU A 278 -24.21 8.35 35.57
N LYS A 279 -24.13 7.75 36.76
CA LYS A 279 -23.87 6.32 36.89
C LYS A 279 -25.20 5.57 36.92
N GLU A 280 -25.88 5.55 35.77
CA GLU A 280 -27.11 4.80 35.58
C GLU A 280 -26.97 3.95 34.33
N SER A 281 -27.36 2.68 34.43
CA SER A 281 -27.23 1.76 33.31
C SER A 281 -28.27 2.07 32.24
N GLY A 282 -27.81 2.20 31.00
CA GLY A 282 -28.72 2.51 29.91
C GLY A 282 -29.45 1.31 29.36
N GLU A 283 -28.80 0.16 29.32
CA GLU A 283 -29.44 -1.04 28.82
C GLU A 283 -30.30 -1.68 29.90
N GLY A 284 -31.24 -2.51 29.46
CA GLY A 284 -32.12 -3.21 30.38
C GLY A 284 -31.85 -4.70 30.41
N GLN A 285 -32.77 -5.48 29.85
CA GLN A 285 -32.62 -6.94 29.80
C GLN A 285 -31.93 -7.40 28.52
N GLY A 286 -32.06 -6.65 27.43
CA GLY A 286 -31.42 -7.00 26.19
C GLY A 286 -30.75 -5.82 25.53
N GLY A 287 -31.03 -5.62 24.23
CA GLY A 287 -30.46 -4.50 23.50
C GLY A 287 -31.21 -3.20 23.63
N TYR A 288 -32.44 -3.24 24.14
CA TYR A 288 -33.27 -2.06 24.24
C TYR A 288 -32.91 -1.23 25.48
N ALA A 289 -33.50 -0.05 25.57
CA ALA A 289 -33.28 0.84 26.69
C ALA A 289 -34.16 0.43 27.87
N LYS A 290 -34.04 1.16 28.98
CA LYS A 290 -34.78 0.85 30.19
C LYS A 290 -35.17 2.15 30.88
N GLU A 291 -35.78 2.02 32.06
CA GLU A 291 -36.21 3.17 32.83
C GLU A 291 -35.10 3.66 33.75
N MET A 292 -34.69 4.91 33.56
CA MET A 292 -33.68 5.54 34.41
C MET A 292 -34.33 6.57 35.32
N SER A 293 -33.59 6.95 36.34
CA SER A 293 -34.10 7.88 37.35
C SER A 293 -34.02 9.31 36.84
N LYS A 294 -34.52 10.24 37.66
CA LYS A 294 -34.47 11.66 37.32
C LYS A 294 -33.08 12.27 37.51
N GLU A 295 -32.18 11.58 38.21
CA GLU A 295 -30.83 12.11 38.40
C GLU A 295 -30.01 12.02 37.12
N PHE A 296 -30.01 10.84 36.48
CA PHE A 296 -29.37 10.70 35.18
C PHE A 296 -30.09 11.52 34.11
N ILE A 297 -31.41 11.67 34.27
CA ILE A 297 -32.19 12.49 33.34
C ILE A 297 -31.80 13.95 33.46
N GLU A 298 -31.57 14.44 34.68
CA GLU A 298 -31.17 15.84 34.86
C GLU A 298 -29.72 16.06 34.44
N ALA A 299 -28.86 15.06 34.63
CA ALA A 299 -27.48 15.17 34.16
C ALA A 299 -27.42 15.22 32.63
N GLU A 300 -28.18 14.35 31.96
CA GLU A 300 -28.27 14.40 30.50
C GLU A 300 -28.98 15.64 30.01
N MET A 301 -29.91 16.19 30.81
CA MET A 301 -30.59 17.41 30.43
C MET A 301 -29.66 18.62 30.52
N LYS A 302 -28.81 18.65 31.55
CA LYS A 302 -27.83 19.72 31.65
C LYS A 302 -26.77 19.60 30.57
N LEU A 303 -26.35 18.37 30.25
CA LEU A 303 -25.40 18.18 29.14
C LEU A 303 -26.04 18.54 27.80
N PHE A 304 -27.33 18.28 27.64
CA PHE A 304 -28.02 18.64 26.40
C PHE A 304 -28.24 20.14 26.30
N ALA A 305 -28.46 20.81 27.43
CA ALA A 305 -28.55 22.27 27.42
C ALA A 305 -27.19 22.90 27.17
N GLN A 306 -26.12 22.24 27.61
CA GLN A 306 -24.78 22.73 27.31
C GLN A 306 -24.44 22.54 25.83
N GLN A 307 -24.79 21.39 25.27
CA GLN A 307 -24.53 21.10 23.87
C GLN A 307 -25.55 21.74 22.93
N CYS A 308 -26.64 22.29 23.47
CA CYS A 308 -27.66 22.92 22.65
C CYS A 308 -27.19 24.23 22.02
N LYS A 309 -26.25 24.91 22.65
CA LYS A 309 -25.58 26.05 22.05
C LYS A 309 -24.24 25.67 21.42
N GLU A 310 -24.02 24.38 21.18
CA GLU A 310 -22.78 23.89 20.58
C GLU A 310 -22.96 23.41 19.15
N VAL A 311 -23.90 22.51 18.91
CA VAL A 311 -24.13 21.98 17.58
C VAL A 311 -25.18 22.83 16.87
N ASP A 312 -25.23 22.70 15.54
CA ASP A 312 -26.20 23.44 14.74
C ASP A 312 -27.45 22.64 14.41
N ILE A 313 -27.30 21.34 14.20
CA ILE A 313 -28.42 20.46 13.89
C ILE A 313 -28.69 19.58 15.10
N LEU A 314 -29.96 19.29 15.35
CA LEU A 314 -30.36 18.44 16.47
C LEU A 314 -31.47 17.51 16.03
N ILE A 315 -31.24 16.21 16.19
CA ILE A 315 -32.20 15.19 15.81
C ILE A 315 -32.52 14.37 17.04
N SER A 316 -33.80 14.32 17.42
CA SER A 316 -34.26 13.57 18.58
C SER A 316 -35.05 12.37 18.09
N THR A 317 -34.51 11.17 18.32
CA THR A 317 -35.14 9.92 17.91
C THR A 317 -35.31 8.97 19.09
N ALA A 318 -35.32 9.52 20.31
CA ALA A 318 -35.40 8.69 21.51
C ALA A 318 -36.86 8.38 21.83
N LEU A 319 -37.15 7.10 22.08
CA LEU A 319 -38.50 6.66 22.43
C LEU A 319 -38.40 5.30 23.08
N ILE A 320 -39.15 5.08 24.15
CA ILE A 320 -39.25 3.79 24.82
C ILE A 320 -40.53 3.12 24.32
N PRO A 321 -40.46 1.89 23.79
CA PRO A 321 -41.67 1.28 23.24
C PRO A 321 -42.62 0.81 24.32
N GLY A 322 -43.89 1.14 24.15
CA GLY A 322 -44.94 0.79 25.08
C GLY A 322 -45.29 1.90 26.06
N LYS A 323 -44.37 2.81 26.33
CA LYS A 323 -44.60 3.93 27.21
C LYS A 323 -44.33 5.22 26.46
N LYS A 324 -44.54 6.35 27.12
CA LYS A 324 -44.30 7.63 26.48
C LYS A 324 -42.81 7.91 26.37
N ALA A 325 -42.43 8.63 25.32
CA ALA A 325 -41.04 8.99 25.14
C ALA A 325 -40.67 10.12 26.10
N PRO A 326 -39.47 10.07 26.69
CA PRO A 326 -39.08 11.13 27.62
C PRO A 326 -38.71 12.40 26.89
N ILE A 327 -39.16 13.53 27.44
CA ILE A 327 -38.81 14.83 26.88
C ILE A 327 -37.33 15.09 27.16
N LEU A 328 -36.50 14.96 26.13
CA LEU A 328 -35.06 15.14 26.25
C LEU A 328 -34.61 16.54 25.89
N PHE A 329 -35.54 17.46 25.69
CA PHE A 329 -35.21 18.86 25.41
C PHE A 329 -36.13 19.75 26.23
N ASN A 330 -35.57 20.79 26.82
CA ASN A 330 -36.29 21.69 27.71
C ASN A 330 -36.92 22.84 26.93
N LYS A 331 -37.55 23.76 27.67
CA LYS A 331 -38.27 24.85 27.03
C LYS A 331 -37.35 25.99 26.62
N GLU A 332 -36.37 26.33 27.44
CA GLU A 332 -35.40 27.35 27.09
C GLU A 332 -34.10 26.78 26.57
N MET A 333 -33.80 25.51 26.87
CA MET A 333 -32.65 24.85 26.27
C MET A 333 -32.86 24.62 24.78
N ILE A 334 -34.11 24.50 24.34
CA ILE A 334 -34.39 24.41 22.92
C ILE A 334 -34.16 25.76 22.23
N GLU A 335 -34.53 26.86 22.89
CA GLU A 335 -34.25 28.19 22.37
C GLU A 335 -32.82 28.63 22.63
N SER A 336 -32.04 27.82 23.34
CA SER A 336 -30.64 28.13 23.65
C SER A 336 -29.71 27.95 22.47
N MET A 337 -30.20 27.47 21.33
CA MET A 337 -29.38 27.41 20.13
C MET A 337 -29.41 28.75 19.41
N LYS A 338 -28.68 28.83 18.30
CA LYS A 338 -28.65 30.05 17.51
C LYS A 338 -29.96 30.22 16.75
N GLU A 339 -30.21 31.45 16.30
CA GLU A 339 -31.38 31.76 15.49
C GLU A 339 -31.19 31.15 14.11
N GLY A 340 -31.89 30.06 13.84
CA GLY A 340 -31.67 29.30 12.63
C GLY A 340 -31.40 27.83 12.95
N SER A 341 -31.82 27.41 14.13
CA SER A 341 -31.60 26.04 14.56
C SER A 341 -32.55 25.08 13.86
N VAL A 342 -32.18 23.81 13.87
CA VAL A 342 -32.99 22.74 13.32
C VAL A 342 -33.16 21.68 14.40
N VAL A 343 -34.40 21.48 14.84
CA VAL A 343 -34.73 20.51 15.87
C VAL A 343 -35.62 19.45 15.24
N VAL A 344 -35.12 18.24 15.14
CA VAL A 344 -35.83 17.13 14.51
C VAL A 344 -36.32 16.19 15.60
N ASP A 345 -37.63 15.92 15.60
CA ASP A 345 -38.26 15.06 16.58
C ASP A 345 -38.76 13.81 15.87
N LEU A 346 -37.96 12.75 15.88
CA LEU A 346 -38.30 11.50 15.22
C LEU A 346 -39.12 10.56 16.08
N ALA A 347 -39.57 11.02 17.24
CA ALA A 347 -40.47 10.28 18.11
C ALA A 347 -41.85 10.94 18.09
N ALA A 348 -42.26 11.38 16.89
CA ALA A 348 -43.42 12.26 16.77
C ALA A 348 -44.73 11.56 17.07
N GLU A 349 -44.87 10.30 16.69
CA GLU A 349 -46.10 9.57 16.99
C GLU A 349 -46.19 9.24 18.46
N ALA A 350 -45.07 8.89 19.08
CA ALA A 350 -45.02 8.60 20.51
C ALA A 350 -44.62 9.83 21.32
N GLY A 351 -45.33 10.93 21.10
CA GLY A 351 -45.03 12.16 21.82
C GLY A 351 -43.87 12.92 21.22
N GLY A 352 -42.72 12.88 21.87
CA GLY A 352 -41.55 13.57 21.40
C GLY A 352 -40.56 13.81 22.52
N ASN A 353 -39.31 14.06 22.13
CA ASN A 353 -38.22 14.30 23.08
C ASN A 353 -37.95 15.78 23.29
N PHE A 354 -38.98 16.61 23.22
CA PHE A 354 -38.85 18.05 23.44
C PHE A 354 -39.94 18.52 24.39
N GLU A 355 -39.70 19.66 25.04
CA GLU A 355 -40.72 20.26 25.88
C GLU A 355 -41.78 20.99 25.08
N THR A 356 -41.55 21.25 23.80
CA THR A 356 -42.52 21.92 22.94
C THR A 356 -42.40 21.31 21.54
N THR A 357 -43.38 20.47 21.19
CA THR A 357 -43.37 19.82 19.87
C THR A 357 -44.81 19.50 19.49
N LYS A 358 -45.39 20.32 18.61
CA LYS A 358 -46.66 19.95 18.01
C LYS A 358 -46.42 18.87 16.96
N PRO A 359 -47.07 17.71 17.08
CA PRO A 359 -46.66 16.54 16.30
C PRO A 359 -47.28 16.43 14.91
N GLY A 360 -47.94 17.47 14.41
CA GLY A 360 -48.62 17.34 13.14
C GLY A 360 -48.25 18.39 12.13
N GLU A 361 -47.33 19.27 12.48
CA GLU A 361 -46.94 20.35 11.58
C GLU A 361 -45.51 20.77 11.88
N LEU A 362 -44.89 21.38 10.88
CA LEU A 362 -43.58 22.00 11.05
C LEU A 362 -43.75 23.44 11.48
N TYR A 363 -42.73 23.99 12.14
CA TYR A 363 -42.79 25.36 12.62
C TYR A 363 -41.37 25.89 12.78
N VAL A 364 -41.25 27.21 12.69
CA VAL A 364 -40.01 27.92 13.01
C VAL A 364 -40.22 28.52 14.39
N HIS A 365 -39.70 27.86 15.41
CA HIS A 365 -39.97 28.23 16.80
C HIS A 365 -38.88 29.19 17.27
N LYS A 366 -39.12 30.49 17.03
CA LYS A 366 -38.26 31.59 17.49
C LYS A 366 -36.82 31.44 16.98
N GLY A 367 -36.68 31.03 15.73
CA GLY A 367 -35.39 30.74 15.17
C GLY A 367 -34.95 29.30 15.30
N ILE A 368 -35.88 28.38 15.54
CA ILE A 368 -35.58 26.96 15.63
C ILE A 368 -36.59 26.22 14.76
N THR A 369 -36.09 25.46 13.79
CA THR A 369 -36.97 24.66 12.95
C THR A 369 -37.51 23.49 13.75
N HIS A 370 -38.82 23.45 13.92
CA HIS A 370 -39.49 22.40 14.67
C HIS A 370 -39.99 21.37 13.65
N ILE A 371 -39.11 20.44 13.30
CA ILE A 371 -39.43 19.45 12.28
C ILE A 371 -40.28 18.37 12.92
N GLY A 372 -41.60 18.57 12.87
CA GLY A 372 -42.52 17.66 13.53
C GLY A 372 -43.51 17.03 12.57
N TYR A 373 -43.03 16.61 11.40
CA TYR A 373 -43.90 15.91 10.46
C TYR A 373 -44.28 14.55 11.00
N THR A 374 -45.54 14.18 10.82
CA THR A 374 -46.09 13.01 11.48
C THR A 374 -45.79 11.70 10.77
N ASP A 375 -45.49 11.75 9.46
CA ASP A 375 -45.27 10.53 8.68
C ASP A 375 -44.02 10.71 7.83
N LEU A 376 -42.87 10.34 8.39
CA LEU A 376 -41.64 10.25 7.64
C LEU A 376 -41.73 9.07 6.67
N PRO A 377 -42.50 8.04 7.02
CA PRO A 377 -42.69 6.92 6.10
C PRO A 377 -43.52 7.28 4.87
N SER A 378 -44.34 8.34 4.94
CA SER A 378 -45.04 8.81 3.76
C SER A 378 -44.20 9.72 2.89
N ARG A 379 -42.97 10.02 3.31
CA ARG A 379 -42.13 10.95 2.56
C ARG A 379 -41.33 10.27 1.45
N MET A 380 -40.92 9.02 1.64
CA MET A 380 -40.05 8.30 0.71
C MET A 380 -40.64 6.95 0.38
N ALA A 381 -41.91 6.94 -0.02
CA ALA A 381 -42.72 5.73 -0.05
C ALA A 381 -42.30 4.71 -1.11
N THR A 382 -41.49 5.11 -2.10
CA THR A 382 -41.12 4.17 -3.16
C THR A 382 -40.16 3.11 -2.65
N GLN A 383 -39.02 3.55 -2.09
CA GLN A 383 -38.08 2.62 -1.48
C GLN A 383 -38.68 1.97 -0.24
N ALA A 384 -39.63 2.64 0.41
CA ALA A 384 -40.33 2.06 1.55
C ALA A 384 -41.17 0.87 1.11
N SER A 385 -41.91 1.01 0.02
CA SER A 385 -42.71 -0.09 -0.50
C SER A 385 -41.81 -1.20 -1.04
N THR A 386 -40.65 -0.84 -1.59
CA THR A 386 -39.69 -1.85 -2.04
C THR A 386 -39.16 -2.67 -0.87
N LEU A 387 -38.80 -2.00 0.23
CA LEU A 387 -38.31 -2.71 1.40
C LEU A 387 -39.42 -3.52 2.06
N TYR A 388 -40.66 -3.02 2.03
CA TYR A 388 -41.80 -3.76 2.56
C TYR A 388 -42.04 -5.03 1.75
N SER A 389 -41.95 -4.93 0.43
CA SER A 389 -42.13 -6.10 -0.42
C SER A 389 -41.00 -7.10 -0.22
N ASN A 390 -39.76 -6.62 -0.02
CA ASN A 390 -38.64 -7.53 0.19
C ASN A 390 -38.75 -8.25 1.53
N ASN A 391 -39.15 -7.52 2.59
CA ASN A 391 -39.34 -8.15 3.89
C ASN A 391 -40.50 -9.12 3.88
N ILE A 392 -41.57 -8.79 3.14
CA ILE A 392 -42.69 -9.71 3.01
C ILE A 392 -42.31 -10.93 2.20
N THR A 393 -41.39 -10.77 1.24
CA THR A 393 -40.89 -11.91 0.48
C THR A 393 -40.10 -12.86 1.36
N LYS A 394 -39.22 -12.32 2.21
CA LYS A 394 -38.49 -13.16 3.15
C LYS A 394 -39.43 -13.81 4.16
N LEU A 395 -40.47 -13.09 4.58
CA LEU A 395 -41.41 -13.63 5.54
C LEU A 395 -42.25 -14.75 4.95
N LEU A 396 -42.72 -14.57 3.71
CA LEU A 396 -43.49 -15.61 3.05
C LEU A 396 -42.62 -16.79 2.66
N LYS A 397 -41.34 -16.57 2.44
CA LYS A 397 -40.43 -17.70 2.23
C LYS A 397 -40.20 -18.47 3.53
N ALA A 398 -40.19 -17.76 4.66
CA ALA A 398 -39.93 -18.43 5.93
C ALA A 398 -41.16 -19.12 6.50
N ILE A 399 -42.37 -18.63 6.16
CA ILE A 399 -43.58 -19.12 6.82
C ILE A 399 -43.95 -20.52 6.37
N SER A 400 -43.70 -20.85 5.11
CA SER A 400 -44.01 -22.18 4.57
C SER A 400 -42.99 -22.49 3.50
N PRO A 401 -41.85 -23.06 3.89
CA PRO A 401 -40.73 -23.22 2.93
C PRO A 401 -40.87 -24.39 1.98
N ASP A 402 -42.03 -25.03 1.86
CA ASP A 402 -42.22 -26.10 0.90
C ASP A 402 -42.41 -25.53 -0.50
N LYS A 403 -42.68 -26.42 -1.45
CA LYS A 403 -42.93 -25.99 -2.83
C LYS A 403 -44.26 -25.26 -2.93
N ASP A 404 -45.35 -25.95 -2.62
CA ASP A 404 -46.65 -25.31 -2.50
C ASP A 404 -47.44 -26.10 -1.46
N ASN A 405 -47.34 -25.68 -0.22
CA ASN A 405 -48.07 -26.32 0.85
C ASN A 405 -48.85 -25.33 1.69
N PHE A 406 -48.33 -24.12 1.88
CA PHE A 406 -48.91 -23.04 2.67
C PHE A 406 -49.23 -23.52 4.10
N TYR A 407 -48.23 -24.10 4.73
CA TYR A 407 -48.43 -24.71 6.05
C TYR A 407 -48.63 -23.65 7.13
N PHE A 408 -47.59 -22.85 7.37
CA PHE A 408 -47.52 -21.86 8.45
C PHE A 408 -47.91 -22.49 9.79
N GLU A 409 -47.09 -23.45 10.19
CA GLU A 409 -47.42 -24.28 11.35
C GLU A 409 -47.32 -23.49 12.64
N VAL A 410 -48.10 -23.91 13.64
CA VAL A 410 -48.18 -23.23 14.93
C VAL A 410 -47.34 -24.02 15.93
N LYS A 411 -46.31 -23.38 16.47
CA LYS A 411 -45.46 -23.96 17.49
C LYS A 411 -45.47 -23.06 18.73
N ASP A 412 -45.53 -23.69 19.90
CA ASP A 412 -45.60 -22.98 21.17
C ASP A 412 -44.35 -23.15 22.00
N ASP A 413 -43.95 -24.39 22.29
CA ASP A 413 -42.67 -24.65 22.93
C ASP A 413 -41.59 -24.49 21.87
N PHE A 414 -40.92 -23.35 21.87
CA PHE A 414 -40.01 -23.01 20.79
C PHE A 414 -38.74 -22.40 21.36
N ASP A 415 -37.66 -22.52 20.59
CA ASP A 415 -36.34 -22.18 21.08
C ASP A 415 -35.98 -20.74 20.75
N PHE A 416 -34.93 -20.26 21.41
CA PHE A 416 -34.34 -18.96 21.10
C PHE A 416 -33.66 -19.07 19.74
N GLY A 417 -34.16 -18.32 18.77
CA GLY A 417 -33.69 -18.41 17.40
C GLY A 417 -34.51 -19.35 16.54
N THR A 418 -35.45 -20.08 17.13
CA THR A 418 -36.30 -20.96 16.35
C THR A 418 -37.31 -20.16 15.55
N MET A 419 -37.53 -20.59 14.30
CA MET A 419 -38.52 -19.96 13.45
C MET A 419 -39.94 -20.21 13.95
N GLY A 420 -40.16 -21.27 14.72
CA GLY A 420 -41.45 -21.46 15.34
C GLY A 420 -41.74 -20.44 16.42
N HIS A 421 -40.70 -19.96 17.09
CA HIS A 421 -40.87 -18.85 18.02
C HIS A 421 -41.23 -17.57 17.27
N VAL A 422 -40.64 -17.37 16.10
CA VAL A 422 -41.00 -16.22 15.27
C VAL A 422 -42.42 -16.37 14.75
N ILE A 423 -42.86 -17.61 14.49
CA ILE A 423 -44.22 -17.83 14.01
C ILE A 423 -45.22 -17.60 15.14
N ARG A 424 -44.85 -17.98 16.37
CA ARG A 424 -45.72 -17.74 17.51
C ARG A 424 -45.81 -16.26 17.83
N GLY A 425 -44.69 -15.54 17.72
CA GLY A 425 -44.70 -14.12 17.98
C GLY A 425 -45.37 -13.32 16.88
N THR A 426 -45.32 -13.83 15.65
CA THR A 426 -45.92 -13.10 14.53
C THR A 426 -47.43 -13.31 14.48
N VAL A 427 -47.88 -14.53 14.68
CA VAL A 427 -49.31 -14.82 14.66
C VAL A 427 -49.87 -14.66 16.06
N VAL A 428 -50.73 -13.66 16.25
CA VAL A 428 -51.39 -13.43 17.51
C VAL A 428 -52.86 -13.82 17.46
N MET A 429 -53.54 -13.49 16.37
CA MET A 429 -54.90 -13.95 16.14
C MET A 429 -54.82 -15.11 15.16
N LYS A 430 -54.98 -16.31 15.66
CA LYS A 430 -54.92 -17.53 14.86
C LYS A 430 -56.34 -18.00 14.61
N ASP A 431 -56.80 -17.79 13.37
CA ASP A 431 -58.18 -18.10 12.93
C ASP A 431 -59.21 -17.41 13.82
N GLY A 432 -58.91 -16.17 14.22
CA GLY A 432 -59.71 -15.43 15.15
C GLY A 432 -59.38 -15.70 16.61
N GLN A 433 -58.92 -16.90 16.94
CA GLN A 433 -58.60 -17.24 18.32
C GLN A 433 -57.30 -16.54 18.73
N VAL A 434 -57.25 -16.18 20.01
CA VAL A 434 -56.16 -15.36 20.54
C VAL A 434 -55.00 -16.26 20.94
N ILE A 435 -53.89 -16.13 20.23
CA ILE A 435 -52.60 -16.64 20.68
C ILE A 435 -51.76 -15.39 20.96
N PHE A 436 -52.45 -14.33 21.36
CA PHE A 436 -51.92 -12.98 21.52
C PHE A 436 -50.87 -12.91 22.62
N PRO A 437 -51.06 -13.64 23.72
CA PRO A 437 -50.02 -13.68 24.74
C PRO A 437 -48.80 -14.46 24.26
N ALA A 438 -47.69 -13.76 24.04
CA ALA A 438 -46.51 -14.37 23.45
C ALA A 438 -45.81 -15.27 24.47
N PRO A 439 -45.31 -16.42 24.05
CA PRO A 439 -44.61 -17.32 24.99
C PRO A 439 -43.19 -16.84 25.24
N THR A 440 -42.63 -17.34 26.33
CA THR A 440 -41.26 -16.97 26.66
C THR A 440 -40.27 -17.80 25.83
N PRO A 441 -39.03 -17.33 25.70
CA PRO A 441 -38.03 -18.06 24.94
C PRO A 441 -37.50 -19.23 25.76
N LYS A 442 -36.77 -20.12 25.07
CA LYS A 442 -36.16 -21.27 25.72
C LYS A 442 -34.82 -20.85 26.32
N ASN A 443 -34.01 -21.84 26.72
CA ASN A 443 -32.77 -21.61 27.44
C ASN A 443 -31.76 -20.88 26.57
N ILE A 444 -31.53 -19.61 26.88
CA ILE A 444 -30.79 -18.69 26.04
C ILE A 444 -29.74 -17.99 26.89
N PRO A 445 -28.46 -18.03 26.51
CA PRO A 445 -27.51 -17.05 27.06
C PRO A 445 -27.68 -15.66 26.48
N GLN A 446 -28.43 -15.53 25.37
CA GLN A 446 -28.79 -14.25 24.74
C GLN A 446 -27.55 -13.48 24.28
N GLY A 447 -26.70 -14.15 23.50
CA GLY A 447 -25.50 -13.54 22.95
C GLY A 447 -24.45 -13.19 23.98
N ALA A 448 -23.96 -14.21 24.71
CA ALA A 448 -22.98 -13.95 25.76
C ALA A 448 -21.60 -13.70 25.18
N PRO A 449 -21.07 -14.55 24.29
CA PRO A 449 -19.77 -14.24 23.65
C PRO A 449 -19.95 -13.36 22.42
N VAL A 450 -20.39 -12.11 22.66
CA VAL A 450 -20.61 -11.18 21.56
C VAL A 450 -19.28 -10.75 20.95
N LYS A 451 -18.22 -10.73 21.75
CA LYS A 451 -16.86 -10.69 21.22
C LYS A 451 -16.55 -12.09 20.72
N GLN A 452 -16.94 -12.37 19.48
CA GLN A 452 -16.70 -13.67 18.88
C GLN A 452 -15.20 -13.88 18.71
N LYS A 453 -14.75 -15.12 18.90
CA LYS A 453 -13.32 -15.39 18.85
C LYS A 453 -12.82 -15.32 17.42
N THR A 454 -12.46 -14.12 16.99
CA THR A 454 -11.75 -13.95 15.74
C THR A 454 -10.32 -14.47 15.87
N VAL A 455 -9.76 -14.92 14.75
CA VAL A 455 -8.58 -15.77 14.76
C VAL A 455 -7.29 -15.04 15.09
N ALA A 456 -7.07 -13.85 14.54
CA ALA A 456 -5.75 -13.20 14.54
C ALA A 456 -5.27 -12.74 15.92
N GLU A 457 -6.10 -12.85 16.95
CA GLU A 457 -5.79 -12.39 18.29
C GLU A 457 -5.30 -13.51 19.19
N LEU A 458 -5.66 -14.75 18.88
CA LEU A 458 -5.20 -15.85 19.71
C LEU A 458 -3.73 -16.12 19.50
N GLU A 459 -3.17 -15.73 18.34
CA GLU A 459 -1.73 -15.83 18.17
C GLU A 459 -0.99 -14.75 18.96
N ALA A 460 -1.57 -13.55 19.09
CA ALA A 460 -0.96 -12.56 19.95
C ALA A 460 -1.07 -12.95 21.42
N GLU A 461 -2.12 -13.69 21.78
CA GLU A 461 -2.20 -14.24 23.13
C GLU A 461 -1.23 -15.39 23.34
N LYS A 462 -0.94 -16.16 22.29
CA LYS A 462 0.00 -17.25 22.40
C LYS A 462 1.45 -16.76 22.38
N ALA A 463 1.72 -15.65 21.69
CA ALA A 463 3.05 -15.05 21.66
C ALA A 463 3.31 -14.11 22.83
N ALA A 464 2.54 -14.23 23.92
CA ALA A 464 2.75 -13.47 25.13
C ALA A 464 3.33 -14.29 26.27
N THR A 465 3.20 -15.61 26.22
CA THR A 465 3.90 -16.51 27.13
C THR A 465 5.28 -16.89 26.59
N ILE A 466 5.82 -16.09 25.68
CA ILE A 466 7.08 -16.34 25.02
C ILE A 466 7.99 -15.24 25.56
N THR A 467 7.85 -15.00 26.87
CA THR A 467 8.56 -14.09 27.76
C THR A 467 10.04 -14.01 27.43
N PRO A 468 10.62 -12.81 27.44
CA PRO A 468 11.86 -12.57 26.69
C PRO A 468 13.08 -13.30 27.20
N PHE A 469 13.05 -13.79 28.44
CA PHE A 469 14.15 -14.63 28.92
C PHE A 469 14.23 -15.93 28.12
N ARG A 470 13.10 -16.60 27.95
CA ARG A 470 13.14 -17.83 27.18
C ARG A 470 13.26 -17.55 25.69
N LYS A 471 12.87 -16.36 25.23
CA LYS A 471 13.11 -15.99 23.84
C LYS A 471 14.59 -15.84 23.55
N THR A 472 15.31 -15.08 24.37
CA THR A 472 16.74 -14.98 24.10
C THR A 472 17.49 -16.24 24.50
N MET A 473 16.91 -17.07 25.37
CA MET A 473 17.54 -18.35 25.68
C MET A 473 17.45 -19.30 24.50
N THR A 474 16.28 -19.38 23.86
CA THR A 474 16.17 -20.19 22.66
C THR A 474 16.80 -19.51 21.45
N SER A 475 17.13 -18.22 21.56
CA SER A 475 17.96 -17.61 20.53
C SER A 475 19.41 -18.05 20.66
N ALA A 476 20.01 -17.86 21.84
CA ALA A 476 21.41 -18.19 22.05
C ALA A 476 21.68 -19.69 22.02
N SER A 477 20.66 -20.52 22.30
CA SER A 477 20.82 -21.95 22.19
C SER A 477 21.08 -22.39 20.76
N VAL A 478 20.47 -21.69 19.80
CA VAL A 478 20.70 -22.00 18.39
C VAL A 478 22.14 -21.72 18.02
N TYR A 479 22.69 -20.59 18.50
CA TYR A 479 24.03 -20.24 18.08
C TYR A 479 25.08 -21.10 18.78
N THR A 480 24.84 -21.53 20.02
CA THR A 480 25.80 -22.46 20.61
C THR A 480 25.73 -23.82 19.95
N ALA A 481 24.54 -24.24 19.50
CA ALA A 481 24.45 -25.48 18.74
C ALA A 481 25.19 -25.38 17.42
N GLY A 482 25.08 -24.24 16.74
CA GLY A 482 25.76 -24.06 15.47
C GLY A 482 27.27 -24.02 15.61
N LEU A 483 27.76 -23.34 16.65
CA LEU A 483 29.20 -23.22 16.81
C LEU A 483 29.83 -24.52 17.28
N THR A 484 29.14 -25.28 18.14
CA THR A 484 29.68 -26.61 18.42
C THR A 484 29.52 -27.55 17.25
N GLY A 485 28.57 -27.30 16.35
CA GLY A 485 28.50 -28.09 15.12
C GLY A 485 29.70 -27.86 14.22
N ILE A 486 30.09 -26.60 14.02
CA ILE A 486 31.23 -26.36 13.16
C ILE A 486 32.52 -26.79 13.85
N LEU A 487 32.56 -26.75 15.18
CA LEU A 487 33.71 -27.36 15.87
C LEU A 487 33.76 -28.87 15.65
N GLY A 488 32.60 -29.52 15.64
CA GLY A 488 32.56 -30.95 15.37
C GLY A 488 33.02 -31.30 13.96
N LEU A 489 32.65 -30.47 12.98
CA LEU A 489 33.18 -30.68 11.63
C LEU A 489 34.67 -30.40 11.56
N GLY A 490 35.16 -29.49 12.39
CA GLY A 490 36.59 -29.25 12.43
C GLY A 490 37.35 -30.40 13.07
N ILE A 491 36.72 -31.14 13.97
CA ILE A 491 37.39 -32.25 14.64
C ILE A 491 37.68 -33.37 13.66
N ALA A 492 36.72 -33.73 12.83
CA ALA A 492 36.87 -34.83 11.88
C ALA A 492 37.47 -34.39 10.54
N ALA A 493 38.09 -33.23 10.47
CA ALA A 493 38.68 -32.75 9.22
C ALA A 493 39.96 -33.51 8.94
N PRO A 494 40.07 -34.16 7.79
CA PRO A 494 41.26 -34.95 7.51
C PRO A 494 42.46 -34.13 7.05
N ASN A 495 42.20 -33.07 6.29
CA ASN A 495 43.25 -32.39 5.54
C ASN A 495 42.81 -30.97 5.24
N LEU A 496 43.48 -30.32 4.29
CA LEU A 496 43.17 -28.95 3.95
C LEU A 496 42.01 -28.86 2.98
N ALA A 497 41.90 -29.82 2.04
CA ALA A 497 40.91 -29.73 0.97
C ALA A 497 39.50 -29.90 1.48
N PHE A 498 39.31 -30.70 2.54
CA PHE A 498 37.99 -30.85 3.12
C PHE A 498 37.53 -29.56 3.79
N SER A 499 38.43 -28.87 4.47
CA SER A 499 38.08 -27.61 5.12
C SER A 499 37.80 -26.53 4.08
N GLN A 500 38.59 -26.49 3.01
CA GLN A 500 38.31 -25.58 1.90
C GLN A 500 36.97 -25.86 1.28
N MET A 501 36.59 -27.14 1.20
CA MET A 501 35.31 -27.47 0.61
C MET A 501 34.17 -27.09 1.53
N VAL A 502 34.38 -27.16 2.85
CA VAL A 502 33.38 -26.69 3.79
C VAL A 502 33.19 -25.17 3.66
N THR A 503 34.28 -24.42 3.48
CA THR A 503 34.14 -22.96 3.37
C THR A 503 33.45 -22.55 2.09
N THR A 504 33.81 -23.17 0.95
CA THR A 504 33.14 -22.80 -0.29
C THR A 504 31.68 -23.25 -0.30
N PHE A 505 31.37 -24.36 0.37
CA PHE A 505 29.98 -24.77 0.49
C PHE A 505 29.17 -23.82 1.36
N GLY A 506 29.74 -23.36 2.48
CA GLY A 506 28.99 -22.48 3.37
C GLY A 506 28.70 -21.13 2.74
N LEU A 507 29.71 -20.54 2.08
CA LEU A 507 29.45 -19.26 1.46
C LEU A 507 28.56 -19.40 0.23
N ALA A 508 28.62 -20.53 -0.48
CA ALA A 508 27.67 -20.76 -1.55
C ALA A 508 26.26 -20.94 -1.00
N GLY A 509 26.14 -21.49 0.20
CA GLY A 509 24.83 -21.61 0.82
C GLY A 509 24.22 -20.27 1.18
N ILE A 510 25.05 -19.32 1.66
CA ILE A 510 24.50 -18.02 2.02
C ILE A 510 24.15 -17.21 0.77
N VAL A 511 24.93 -17.36 -0.31
CA VAL A 511 24.54 -16.76 -1.59
C VAL A 511 23.22 -17.34 -2.08
N GLY A 512 23.09 -18.67 -2.04
CA GLY A 512 21.88 -19.32 -2.48
C GLY A 512 20.68 -19.06 -1.60
N TYR A 513 20.89 -18.72 -0.34
CA TYR A 513 19.75 -18.32 0.47
C TYR A 513 19.30 -16.91 0.13
N HIS A 514 20.24 -15.98 -0.04
CA HIS A 514 19.79 -14.62 -0.30
C HIS A 514 19.28 -14.41 -1.70
N THR A 515 19.66 -15.23 -2.67
CA THR A 515 19.23 -14.92 -4.03
C THR A 515 17.93 -15.60 -4.44
N VAL A 516 17.44 -16.60 -3.71
CA VAL A 516 16.22 -17.28 -4.13
C VAL A 516 14.99 -16.52 -3.64
N TRP A 517 15.11 -15.76 -2.55
CA TRP A 517 14.05 -14.80 -2.25
C TRP A 517 14.01 -13.66 -3.25
N GLY A 518 15.08 -13.46 -4.01
CA GLY A 518 15.13 -12.38 -4.96
C GLY A 518 14.28 -12.56 -6.19
N VAL A 519 13.83 -13.78 -6.48
CA VAL A 519 13.02 -13.99 -7.66
C VAL A 519 11.63 -13.40 -7.42
N THR A 520 11.03 -12.88 -8.49
CA THR A 520 9.70 -12.35 -8.36
C THR A 520 8.72 -13.50 -8.22
N PRO A 521 7.66 -13.32 -7.42
CA PRO A 521 6.77 -14.46 -7.13
C PRO A 521 5.88 -14.87 -8.29
N ALA A 522 5.93 -14.17 -9.42
CA ALA A 522 5.23 -14.62 -10.60
C ALA A 522 6.11 -15.50 -11.49
N LEU A 523 7.34 -15.77 -11.10
CA LEU A 523 8.22 -16.60 -11.90
C LEU A 523 8.80 -17.73 -11.08
N HIS A 524 8.02 -18.32 -10.18
CA HIS A 524 8.52 -19.50 -9.50
C HIS A 524 8.49 -20.73 -10.38
N SER A 525 7.66 -20.75 -11.40
CA SER A 525 7.60 -21.91 -12.28
C SER A 525 8.77 -22.02 -13.27
N PRO A 526 9.36 -20.94 -13.80
CA PRO A 526 10.67 -21.12 -14.43
C PRO A 526 11.77 -21.48 -13.46
N LEU A 527 11.60 -21.20 -12.17
CA LEU A 527 12.69 -21.37 -11.21
C LEU A 527 13.02 -22.83 -11.01
N MET A 528 12.01 -23.66 -10.78
CA MET A 528 12.36 -25.06 -10.59
C MET A 528 12.66 -25.77 -11.90
N SER A 529 12.21 -25.23 -13.03
CA SER A 529 12.66 -25.77 -14.31
C SER A 529 14.14 -25.46 -14.54
N VAL A 530 14.60 -24.27 -14.18
CA VAL A 530 16.01 -23.98 -14.41
C VAL A 530 16.87 -24.65 -13.36
N THR A 531 16.35 -24.93 -12.16
CA THR A 531 17.18 -25.69 -11.24
C THR A 531 17.23 -27.17 -11.60
N ASN A 532 16.17 -27.74 -12.17
CA ASN A 532 16.33 -29.06 -12.76
C ASN A 532 17.20 -29.04 -14.00
N ALA A 533 17.35 -27.90 -14.67
CA ALA A 533 18.31 -27.80 -15.76
C ALA A 533 19.74 -27.83 -15.24
N ILE A 534 20.01 -27.02 -14.21
CA ILE A 534 21.37 -26.94 -13.68
C ILE A 534 21.76 -28.24 -12.98
N SER A 535 20.78 -28.96 -12.41
CA SER A 535 21.08 -30.23 -11.76
C SER A 535 21.41 -31.34 -12.71
N GLY A 536 21.57 -31.11 -14.01
CA GLY A 536 22.18 -32.08 -14.87
C GLY A 536 23.70 -32.04 -14.87
N LEU A 537 24.30 -31.31 -13.93
CA LEU A 537 25.74 -31.26 -13.77
C LEU A 537 26.27 -32.41 -12.93
N THR A 538 25.47 -33.44 -12.65
CA THR A 538 26.08 -34.67 -12.18
C THR A 538 26.64 -35.50 -13.32
N ALA A 539 26.50 -35.04 -14.56
CA ALA A 539 27.33 -35.54 -15.65
C ALA A 539 28.78 -35.20 -15.44
N VAL A 540 29.08 -34.09 -14.75
CA VAL A 540 30.46 -33.72 -14.44
C VAL A 540 31.11 -34.78 -13.57
N GLY A 541 30.41 -35.22 -12.55
CA GLY A 541 30.87 -36.32 -11.76
C GLY A 541 30.71 -37.68 -12.39
N GLY A 542 30.08 -37.76 -13.55
CA GLY A 542 30.03 -39.02 -14.25
C GLY A 542 31.20 -39.17 -15.19
N LEU A 543 31.59 -38.06 -15.81
CA LEU A 543 32.67 -38.11 -16.79
C LEU A 543 34.02 -38.35 -16.17
N VAL A 544 34.19 -38.03 -14.89
CA VAL A 544 35.51 -38.06 -14.26
C VAL A 544 36.02 -39.49 -14.18
N LEU A 545 35.17 -40.43 -13.77
CA LEU A 545 35.57 -41.82 -13.68
C LEU A 545 35.05 -42.65 -14.84
N MET A 546 34.79 -42.01 -15.97
CA MET A 546 34.48 -42.70 -17.21
C MET A 546 35.77 -42.96 -17.96
N GLY A 547 35.87 -44.11 -18.59
CA GLY A 547 37.08 -44.44 -19.29
C GLY A 547 36.97 -45.74 -20.06
N GLY A 548 38.13 -46.32 -20.33
CA GLY A 548 38.21 -47.52 -21.14
C GLY A 548 38.53 -47.20 -22.58
N HIS A 549 37.62 -47.55 -23.47
CA HIS A 549 37.74 -47.32 -24.90
C HIS A 549 36.33 -47.08 -25.42
N LEU A 550 36.12 -47.24 -26.74
CA LEU A 550 34.83 -46.99 -27.38
C LEU A 550 33.71 -47.86 -26.81
N TYR A 551 34.02 -48.98 -26.20
CA TYR A 551 33.11 -49.75 -25.40
C TYR A 551 33.46 -49.58 -23.92
N PRO A 552 32.51 -49.75 -23.01
CA PRO A 552 32.91 -49.90 -21.61
C PRO A 552 33.52 -51.27 -21.39
N SER A 553 34.55 -51.32 -20.56
CA SER A 553 35.23 -52.58 -20.28
C SER A 553 34.89 -53.11 -18.89
N THR A 554 35.12 -52.32 -17.84
CA THR A 554 34.89 -52.76 -16.48
C THR A 554 33.44 -52.47 -16.09
N THR A 555 33.14 -52.59 -14.80
CA THR A 555 31.79 -52.30 -14.33
C THR A 555 31.67 -50.97 -13.60
N SER A 556 32.77 -50.47 -13.03
CA SER A 556 32.83 -49.08 -12.61
C SER A 556 32.57 -48.14 -13.78
N GLN A 557 33.35 -48.32 -14.85
CA GLN A 557 33.15 -47.56 -16.07
C GLN A 557 31.85 -47.89 -16.76
N GLY A 558 31.26 -49.04 -16.47
CA GLY A 558 29.93 -49.33 -16.97
C GLY A 558 28.87 -48.50 -16.28
N LEU A 559 28.99 -48.32 -14.97
CA LEU A 559 28.01 -47.50 -14.25
C LEU A 559 28.19 -46.02 -14.59
N ALA A 560 29.43 -45.56 -14.63
CA ALA A 560 29.67 -44.15 -14.95
C ALA A 560 29.78 -43.92 -16.45
N ALA A 561 28.87 -44.50 -17.18
CA ALA A 561 28.50 -44.11 -18.53
C ALA A 561 27.00 -43.92 -18.65
N LEU A 562 26.20 -44.81 -18.06
CA LEU A 562 24.79 -44.48 -18.02
C LEU A 562 24.47 -43.45 -16.96
N ALA A 563 25.40 -43.18 -16.03
CA ALA A 563 25.28 -41.96 -15.21
C ALA A 563 25.25 -40.72 -16.09
N THR A 564 26.21 -40.62 -17.00
CA THR A 564 26.25 -39.52 -17.96
C THR A 564 25.02 -39.56 -18.87
N PHE A 565 24.58 -40.75 -19.26
CA PHE A 565 23.45 -40.85 -20.18
C PHE A 565 22.15 -40.40 -19.54
N ILE A 566 21.86 -40.82 -18.30
CA ILE A 566 20.61 -40.37 -17.70
C ILE A 566 20.70 -38.95 -17.20
N SER A 567 21.89 -38.45 -16.89
CA SER A 567 21.96 -37.05 -16.47
C SER A 567 21.88 -36.11 -17.64
N SER A 568 22.27 -36.55 -18.84
CA SER A 568 22.26 -35.65 -19.99
C SER A 568 20.86 -35.34 -20.50
N VAL A 569 19.83 -36.03 -20.01
CA VAL A 569 18.46 -35.63 -20.31
C VAL A 569 18.15 -34.30 -19.65
N ASN A 570 18.69 -34.09 -18.45
CA ASN A 570 18.27 -32.97 -17.61
C ASN A 570 18.68 -31.63 -18.19
N ILE A 571 19.88 -31.55 -18.75
CA ILE A 571 20.41 -30.28 -19.24
C ILE A 571 19.57 -29.77 -20.41
N ALA A 572 19.41 -30.63 -21.42
CA ALA A 572 18.66 -30.25 -22.61
C ALA A 572 17.19 -30.06 -22.30
N GLY A 573 16.60 -30.95 -21.50
CA GLY A 573 15.18 -30.84 -21.20
C GLY A 573 14.84 -29.63 -20.36
N GLY A 574 15.69 -29.34 -19.35
CA GLY A 574 15.42 -28.22 -18.50
C GLY A 574 15.60 -26.89 -19.20
N PHE A 575 16.66 -26.75 -20.00
CA PHE A 575 16.82 -25.47 -20.67
C PHE A 575 15.84 -25.28 -21.81
N LEU A 576 15.39 -26.37 -22.44
CA LEU A 576 14.37 -26.20 -23.48
C LEU A 576 13.03 -25.83 -22.88
N VAL A 577 12.63 -26.46 -21.77
CA VAL A 577 11.32 -26.13 -21.24
C VAL A 577 11.34 -24.77 -20.54
N THR A 578 12.49 -24.36 -20.00
CA THR A 578 12.60 -23.01 -19.45
C THR A 578 12.53 -21.97 -20.56
N GLN A 579 13.16 -22.24 -21.71
CA GLN A 579 13.09 -21.29 -22.81
C GLN A 579 11.69 -21.26 -23.42
N ARG A 580 10.96 -22.37 -23.37
CA ARG A 580 9.58 -22.32 -23.81
C ARG A 580 8.72 -21.53 -22.84
N MET A 581 8.99 -21.64 -21.54
CA MET A 581 8.14 -20.95 -20.58
C MET A 581 8.45 -19.46 -20.48
N LEU A 582 9.67 -19.06 -20.81
CA LEU A 582 9.98 -17.63 -20.82
C LEU A 582 9.70 -16.96 -22.14
N ASP A 583 9.13 -17.66 -23.11
CA ASP A 583 8.62 -17.04 -24.31
C ASP A 583 7.11 -16.95 -24.30
N MET A 584 6.51 -17.02 -23.12
CA MET A 584 5.09 -16.75 -22.96
C MET A 584 4.82 -15.55 -22.08
N PHE A 585 5.73 -15.24 -21.16
CA PHE A 585 5.61 -14.01 -20.39
C PHE A 585 5.96 -12.78 -21.21
N LYS A 586 6.55 -12.95 -22.39
CA LYS A 586 6.93 -11.81 -23.21
C LYS A 586 5.71 -11.26 -23.92
N ARG A 587 5.35 -10.02 -23.61
CA ARG A 587 4.24 -9.36 -24.28
C ARG A 587 4.56 -9.14 -25.75
N PRO A 588 3.54 -9.09 -26.62
CA PRO A 588 3.80 -8.72 -28.02
C PRO A 588 4.15 -7.25 -28.19
N THR A 589 3.84 -6.40 -27.23
CA THR A 589 4.13 -4.98 -27.33
C THR A 589 5.53 -4.65 -26.81
N ASP A 590 6.17 -5.62 -26.16
CA ASP A 590 7.54 -5.43 -25.68
C ASP A 590 8.49 -5.36 -26.86
N PRO A 591 9.39 -4.38 -26.91
CA PRO A 591 10.38 -4.32 -28.01
C PRO A 591 11.29 -5.54 -28.02
N PRO A 592 11.64 -6.04 -29.20
CA PRO A 592 12.27 -7.36 -29.31
C PRO A 592 13.70 -7.38 -28.83
N GLU A 593 13.97 -8.04 -27.70
CA GLU A 593 15.34 -8.17 -27.27
C GLU A 593 16.07 -9.16 -28.19
N TYR A 594 17.18 -8.72 -28.73
CA TYR A 594 17.93 -9.52 -29.68
C TYR A 594 18.72 -10.53 -28.87
N ASN A 595 18.12 -11.69 -28.64
CA ASN A 595 18.72 -12.64 -27.72
C ASN A 595 19.93 -13.37 -28.29
N TYR A 596 20.20 -13.25 -29.59
CA TYR A 596 21.36 -13.95 -30.15
C TYR A 596 22.68 -13.30 -29.77
N LEU A 597 22.66 -12.10 -29.21
CA LEU A 597 23.90 -11.41 -28.88
C LEU A 597 24.62 -12.00 -27.68
N TYR A 598 23.99 -12.91 -26.95
CA TYR A 598 24.66 -13.53 -25.81
C TYR A 598 25.57 -14.66 -26.22
N LEU A 599 25.70 -14.95 -27.53
CA LEU A 599 26.75 -15.82 -28.01
C LEU A 599 28.11 -15.16 -27.96
N LEU A 600 28.15 -13.85 -27.85
CA LEU A 600 29.39 -13.09 -27.76
C LEU A 600 30.15 -13.36 -26.45
N PRO A 601 29.52 -13.46 -25.26
CA PRO A 601 30.32 -13.93 -24.12
C PRO A 601 30.61 -15.42 -24.16
N ALA A 602 29.64 -16.22 -24.60
CA ALA A 602 29.72 -17.67 -24.44
C ALA A 602 30.81 -18.27 -25.29
N GLY A 603 30.86 -17.89 -26.57
CA GLY A 603 31.87 -18.42 -27.46
C GLY A 603 33.27 -17.98 -27.07
N THR A 604 33.43 -16.71 -26.68
CA THR A 604 34.73 -16.23 -26.25
C THR A 604 35.19 -16.88 -24.96
N PHE A 605 34.26 -17.16 -24.04
CA PHE A 605 34.56 -17.85 -22.79
C PHE A 605 35.03 -19.28 -23.04
N VAL A 606 34.21 -20.07 -23.75
CA VAL A 606 34.55 -21.48 -23.94
C VAL A 606 35.72 -21.63 -24.90
N GLY A 607 35.74 -20.87 -26.00
CA GLY A 607 36.86 -20.90 -26.91
C GLY A 607 38.13 -20.28 -26.33
N GLY A 608 38.00 -19.41 -25.34
CA GLY A 608 39.17 -18.92 -24.65
C GLY A 608 39.76 -19.97 -23.74
N TYR A 609 38.90 -20.76 -23.10
CA TYR A 609 39.40 -21.95 -22.41
C TYR A 609 40.03 -22.93 -23.38
N LEU A 610 39.47 -23.06 -24.58
CA LEU A 610 40.02 -24.00 -25.57
C LEU A 610 41.39 -23.55 -26.06
N ALA A 611 41.53 -22.27 -26.42
CA ALA A 611 42.83 -21.71 -26.78
C ALA A 611 43.78 -21.70 -25.59
N SER A 612 43.25 -21.61 -24.38
CA SER A 612 44.11 -21.51 -23.22
C SER A 612 44.67 -22.85 -22.78
N LEU A 613 43.94 -23.95 -23.02
CA LEU A 613 44.60 -25.22 -22.76
C LEU A 613 45.34 -25.72 -23.99
N TYR A 614 45.01 -25.19 -25.17
CA TYR A 614 45.86 -25.44 -26.32
C TYR A 614 47.21 -24.77 -26.16
N SER A 615 47.24 -23.62 -25.49
CA SER A 615 48.50 -22.92 -25.25
C SER A 615 49.36 -23.58 -24.18
N GLY A 616 48.84 -24.57 -23.46
CA GLY A 616 49.62 -25.21 -22.43
C GLY A 616 49.42 -24.62 -21.05
N TYR A 617 48.17 -24.54 -20.61
CA TYR A 617 47.86 -24.12 -19.25
C TYR A 617 46.92 -25.10 -18.56
N ASN A 618 46.47 -24.74 -17.37
CA ASN A 618 45.48 -25.52 -16.63
C ASN A 618 44.55 -24.54 -15.93
N ILE A 619 43.40 -24.31 -16.53
CA ILE A 619 42.52 -23.23 -16.11
C ILE A 619 41.24 -23.90 -15.60
N GLU A 620 41.36 -25.09 -15.02
CA GLU A 620 40.13 -25.75 -14.59
C GLU A 620 39.58 -25.16 -13.31
N GLN A 621 40.44 -24.90 -12.32
CA GLN A 621 39.96 -24.48 -11.02
C GLN A 621 39.46 -23.04 -11.01
N ILE A 622 39.68 -22.28 -12.08
CA ILE A 622 39.05 -20.98 -12.22
C ILE A 622 37.83 -21.07 -13.14
N MET A 623 37.80 -22.04 -14.05
CA MET A 623 36.63 -22.24 -14.88
C MET A 623 35.46 -22.77 -14.05
N TYR A 624 35.76 -23.49 -12.97
CA TYR A 624 34.69 -23.92 -12.05
C TYR A 624 34.09 -22.72 -11.33
N LEU A 625 34.92 -21.75 -10.95
CA LEU A 625 34.41 -20.49 -10.41
C LEU A 625 33.53 -19.78 -11.43
N GLY A 626 33.98 -19.72 -12.68
CA GLY A 626 33.21 -19.03 -13.71
C GLY A 626 31.85 -19.67 -13.96
N SER A 627 31.81 -21.00 -14.01
CA SER A 627 30.53 -21.69 -14.19
C SER A 627 29.65 -21.56 -12.95
N GLY A 628 30.24 -21.54 -11.76
CA GLY A 628 29.44 -21.35 -10.56
C GLY A 628 28.81 -19.97 -10.50
N LEU A 629 29.56 -18.95 -10.91
CA LEU A 629 29.01 -17.61 -10.90
C LEU A 629 27.99 -17.43 -12.02
N CYS A 630 28.17 -18.10 -13.16
CA CYS A 630 27.14 -18.02 -14.18
C CYS A 630 25.89 -18.79 -13.76
N CYS A 631 26.03 -19.85 -12.98
CA CYS A 631 24.84 -20.53 -12.48
C CYS A 631 24.14 -19.72 -11.40
N VAL A 632 24.87 -18.93 -10.60
CA VAL A 632 24.20 -18.02 -9.68
C VAL A 632 23.50 -16.91 -10.46
N GLY A 633 24.15 -16.37 -11.49
CA GLY A 633 23.55 -15.36 -12.32
C GLY A 633 22.39 -15.84 -13.15
N ALA A 634 22.25 -17.15 -13.31
CA ALA A 634 21.03 -17.69 -13.92
C ALA A 634 19.81 -17.46 -13.03
N LEU A 635 19.94 -17.71 -11.74
CA LEU A 635 18.83 -17.50 -10.83
C LEU A 635 18.70 -16.05 -10.39
N ALA A 636 19.77 -15.26 -10.47
CA ALA A 636 19.63 -13.85 -10.15
C ALA A 636 19.09 -13.07 -11.32
N GLY A 637 19.15 -13.62 -12.52
CA GLY A 637 18.59 -12.97 -13.69
C GLY A 637 17.08 -12.86 -13.61
N LEU A 638 16.40 -13.99 -13.50
CA LEU A 638 14.95 -13.99 -13.41
C LEU A 638 14.53 -13.43 -12.05
N SER A 639 14.55 -12.11 -11.93
CA SER A 639 14.20 -11.46 -10.69
C SER A 639 13.45 -10.16 -10.89
N THR A 640 13.17 -9.76 -12.12
CA THR A 640 12.41 -8.53 -12.35
C THR A 640 11.46 -8.62 -13.53
N GLN A 641 11.29 -9.81 -14.13
CA GLN A 641 10.38 -10.16 -15.23
C GLN A 641 10.88 -9.60 -16.57
N GLY A 642 11.91 -8.77 -16.55
CA GLY A 642 12.43 -8.17 -17.76
C GLY A 642 13.78 -8.74 -18.10
N THR A 643 14.51 -9.18 -17.09
CA THR A 643 15.79 -9.85 -17.27
C THR A 643 15.65 -11.35 -17.17
N ALA A 644 14.56 -11.91 -17.66
CA ALA A 644 14.35 -13.34 -17.57
C ALA A 644 15.22 -14.09 -18.58
N ARG A 645 15.37 -13.54 -19.78
CA ARG A 645 16.16 -14.23 -20.80
C ARG A 645 17.66 -14.13 -20.54
N LEU A 646 18.09 -13.17 -19.73
CA LEU A 646 19.49 -13.14 -19.32
C LEU A 646 19.81 -14.32 -18.40
N GLY A 647 18.90 -14.65 -17.50
CA GLY A 647 19.03 -15.70 -16.53
C GLY A 647 18.80 -17.10 -17.05
N ASN A 648 18.63 -17.23 -18.34
CA ASN A 648 18.65 -18.52 -19.02
C ASN A 648 19.91 -18.68 -19.85
N ALA A 649 20.30 -17.61 -20.54
CA ALA A 649 21.53 -17.62 -21.31
C ALA A 649 22.74 -17.78 -20.42
N LEU A 650 22.76 -17.12 -19.25
CA LEU A 650 23.86 -17.30 -18.32
C LEU A 650 23.92 -18.72 -17.77
N GLY A 651 22.77 -19.37 -17.59
CA GLY A 651 22.78 -20.75 -17.19
C GLY A 651 23.36 -21.67 -18.25
N MET A 652 23.06 -21.37 -19.52
CA MET A 652 23.62 -22.17 -20.60
C MET A 652 25.12 -21.98 -20.71
N ILE A 653 25.58 -20.74 -20.53
CA ILE A 653 27.01 -20.44 -20.50
C ILE A 653 27.69 -21.21 -19.37
N GLY A 654 27.05 -21.23 -18.20
CA GLY A 654 27.64 -21.90 -17.06
C GLY A 654 27.73 -23.41 -17.23
N VAL A 655 26.68 -24.02 -17.77
CA VAL A 655 26.70 -25.47 -17.95
C VAL A 655 27.68 -25.87 -19.05
N ALA A 656 27.76 -25.06 -20.12
CA ALA A 656 28.75 -25.34 -21.17
C ALA A 656 30.17 -25.17 -20.65
N GLY A 657 30.41 -24.15 -19.83
CA GLY A 657 31.73 -23.97 -19.27
C GLY A 657 32.13 -25.08 -18.31
N GLY A 658 31.17 -25.54 -17.50
CA GLY A 658 31.47 -26.63 -16.58
C GLY A 658 31.76 -27.94 -17.29
N LEU A 659 30.97 -28.25 -18.33
CA LEU A 659 31.22 -29.47 -19.10
C LEU A 659 32.53 -29.39 -19.86
N ALA A 660 32.85 -28.24 -20.44
CA ALA A 660 34.11 -28.10 -21.16
C ALA A 660 35.30 -28.18 -20.22
N ALA A 661 35.17 -27.64 -19.01
CA ALA A 661 36.26 -27.68 -18.06
C ALA A 661 36.51 -29.10 -17.57
N THR A 662 35.45 -29.82 -17.20
CA THR A 662 35.67 -31.19 -16.77
C THR A 662 36.00 -32.12 -17.93
N LEU A 663 35.76 -31.69 -19.17
CA LEU A 663 36.21 -32.49 -20.30
C LEU A 663 37.69 -32.31 -20.54
N GLY A 664 38.16 -31.05 -20.54
CA GLY A 664 39.57 -30.79 -20.76
C GLY A 664 40.44 -31.24 -19.62
N GLY A 665 39.91 -31.27 -18.40
CA GLY A 665 40.69 -31.67 -17.26
C GLY A 665 40.91 -33.15 -17.10
N LEU A 666 40.56 -33.96 -18.09
CA LEU A 666 40.86 -35.38 -18.08
C LEU A 666 41.76 -35.80 -19.22
N LYS A 667 41.89 -34.97 -20.27
CA LYS A 667 42.70 -35.17 -21.48
C LYS A 667 42.41 -36.51 -22.11
N PRO A 668 41.25 -36.70 -22.72
CA PRO A 668 40.86 -38.02 -23.17
C PRO A 668 41.60 -38.45 -24.42
N CYS A 669 41.80 -39.76 -24.54
CA CYS A 669 42.17 -40.32 -25.83
C CYS A 669 40.96 -40.23 -26.77
N PRO A 670 41.18 -40.16 -28.08
CA PRO A 670 40.05 -40.04 -29.01
C PRO A 670 39.17 -41.27 -29.07
N GLU A 671 39.57 -42.39 -28.49
CA GLU A 671 38.75 -43.60 -28.54
C GLU A 671 37.56 -43.50 -27.58
N LEU A 672 37.77 -42.90 -26.40
CA LEU A 672 36.69 -42.75 -25.42
C LEU A 672 36.07 -41.37 -25.42
N LEU A 673 36.72 -40.39 -26.05
CA LEU A 673 36.03 -39.13 -26.33
C LEU A 673 34.85 -39.35 -27.27
N ALA A 674 34.99 -40.31 -28.17
CA ALA A 674 33.85 -40.76 -28.97
C ALA A 674 32.75 -41.33 -28.09
N GLN A 675 33.12 -42.07 -27.04
CA GLN A 675 32.12 -42.63 -26.14
C GLN A 675 31.40 -41.54 -25.36
N MET A 676 32.14 -40.55 -24.88
CA MET A 676 31.53 -39.44 -24.15
C MET A 676 30.60 -38.63 -25.03
N SER A 677 31.03 -38.36 -26.27
CA SER A 677 30.18 -37.61 -27.20
C SER A 677 28.94 -38.41 -27.58
N GLY A 678 29.09 -39.72 -27.76
CA GLY A 678 27.94 -40.55 -28.13
C GLY A 678 26.95 -40.68 -27.00
N ALA A 679 27.45 -40.82 -25.77
CA ALA A 679 26.57 -40.91 -24.61
C ALA A 679 25.86 -39.59 -24.37
N MET A 680 26.59 -38.47 -24.48
CA MET A 680 25.99 -37.16 -24.26
C MET A 680 24.96 -36.83 -25.33
N ALA A 681 25.25 -37.18 -26.59
CA ALA A 681 24.32 -36.89 -27.66
C ALA A 681 23.09 -37.77 -27.59
N LEU A 682 23.26 -39.04 -27.24
CA LEU A 682 22.11 -39.91 -27.12
C LEU A 682 21.27 -39.56 -25.90
N GLY A 683 21.86 -38.93 -24.89
CA GLY A 683 21.04 -38.37 -23.83
C GLY A 683 20.30 -37.11 -24.28
N GLY A 684 21.01 -36.21 -24.96
CA GLY A 684 20.44 -34.92 -25.30
C GLY A 684 19.36 -34.98 -26.35
N THR A 685 19.39 -36.00 -27.22
CA THR A 685 18.34 -36.13 -28.22
C THR A 685 17.01 -36.49 -27.59
N ILE A 686 17.01 -37.44 -26.66
CA ILE A 686 15.80 -37.80 -25.94
C ILE A 686 15.34 -36.65 -25.07
N GLY A 687 16.30 -35.99 -24.41
CA GLY A 687 15.96 -34.86 -23.56
C GLY A 687 15.42 -33.66 -24.30
N LEU A 688 15.80 -33.50 -25.55
CA LEU A 688 15.25 -32.41 -26.33
C LEU A 688 13.96 -32.81 -27.04
N THR A 689 13.76 -34.09 -27.31
CA THR A 689 12.54 -34.46 -27.99
C THR A 689 11.39 -34.76 -27.06
N ILE A 690 11.60 -34.84 -25.74
CA ILE A 690 10.44 -34.93 -24.86
C ILE A 690 10.19 -33.64 -24.11
N ALA A 691 10.89 -32.57 -24.45
CA ALA A 691 10.58 -31.30 -23.84
C ALA A 691 9.80 -30.37 -24.76
N LYS A 692 9.91 -30.52 -26.07
CA LYS A 692 9.13 -29.71 -26.98
C LYS A 692 7.80 -30.34 -27.35
N ARG A 693 7.53 -31.56 -26.88
CA ARG A 693 6.26 -32.22 -27.16
C ARG A 693 5.20 -31.94 -26.12
N ILE A 694 5.60 -31.74 -24.86
CA ILE A 694 4.64 -31.63 -23.78
C ILE A 694 3.87 -30.33 -23.86
N GLN A 695 2.61 -30.38 -23.45
CA GLN A 695 1.83 -29.18 -23.25
C GLN A 695 2.12 -28.67 -21.85
N ILE A 696 2.04 -27.34 -21.68
CA ILE A 696 2.57 -26.67 -20.50
C ILE A 696 1.82 -27.09 -19.23
N SER A 697 0.52 -27.36 -19.32
CA SER A 697 -0.26 -27.73 -18.15
C SER A 697 0.08 -29.10 -17.57
N ASP A 698 0.98 -29.84 -18.19
CA ASP A 698 1.47 -31.10 -17.65
C ASP A 698 2.95 -30.99 -17.30
N LEU A 699 3.31 -29.85 -16.71
CA LEU A 699 4.70 -29.63 -16.30
C LEU A 699 5.15 -30.43 -15.08
N PRO A 700 4.38 -30.55 -13.97
CA PRO A 700 4.92 -31.26 -12.80
C PRO A 700 5.25 -32.72 -13.02
N GLN A 701 4.72 -33.35 -14.07
CA GLN A 701 5.10 -34.72 -14.38
C GLN A 701 6.56 -34.80 -14.81
N LEU A 702 6.98 -33.93 -15.73
CA LEU A 702 8.37 -33.99 -16.12
C LEU A 702 9.27 -33.36 -15.08
N VAL A 703 8.73 -32.49 -14.21
CA VAL A 703 9.51 -32.04 -13.08
C VAL A 703 9.82 -33.19 -12.12
N ALA A 704 8.84 -34.06 -11.88
CA ALA A 704 9.07 -35.23 -11.05
C ALA A 704 10.00 -36.23 -11.72
N ALA A 705 9.86 -36.42 -13.03
CA ALA A 705 10.76 -37.33 -13.73
C ALA A 705 12.19 -36.83 -13.72
N PHE A 706 12.37 -35.51 -13.84
CA PHE A 706 13.71 -34.96 -13.82
C PHE A 706 14.30 -34.92 -12.43
N HIS A 707 13.48 -35.04 -11.38
CA HIS A 707 14.11 -35.33 -10.09
C HIS A 707 14.52 -36.79 -9.99
N SER A 708 13.70 -37.69 -10.53
CA SER A 708 14.00 -39.13 -10.41
C SER A 708 15.26 -39.51 -11.16
N LEU A 709 15.55 -38.83 -12.27
CA LEU A 709 16.77 -39.14 -13.01
C LEU A 709 18.02 -38.69 -12.26
N VAL A 710 17.96 -37.53 -11.59
CA VAL A 710 19.10 -37.07 -10.81
C VAL A 710 19.30 -37.96 -9.59
N GLY A 711 18.20 -38.41 -8.98
CA GLY A 711 18.30 -39.34 -7.88
C GLY A 711 18.88 -40.68 -8.27
N LEU A 712 18.61 -41.14 -9.49
CA LEU A 712 19.26 -42.35 -9.95
C LEU A 712 20.72 -42.10 -10.29
N ALA A 713 21.04 -40.92 -10.82
CA ALA A 713 22.41 -40.64 -11.24
C ALA A 713 23.35 -40.54 -10.05
N ALA A 714 22.86 -40.03 -8.92
CA ALA A 714 23.72 -39.90 -7.76
C ALA A 714 24.07 -41.26 -7.14
N VAL A 715 23.11 -42.18 -7.09
CA VAL A 715 23.43 -43.49 -6.53
C VAL A 715 24.25 -44.30 -7.53
N LEU A 716 24.07 -44.07 -8.83
CA LEU A 716 24.95 -44.73 -9.78
C LEU A 716 26.36 -44.15 -9.79
N THR A 717 26.56 -42.93 -9.31
CA THR A 717 27.92 -42.41 -9.29
C THR A 717 28.57 -42.43 -7.91
N CYS A 718 27.85 -42.79 -6.85
CA CYS A 718 28.54 -42.96 -5.57
C CYS A 718 29.18 -44.34 -5.46
N ILE A 719 28.43 -45.40 -5.79
CA ILE A 719 29.01 -46.73 -5.69
C ILE A 719 30.02 -46.99 -6.79
N ALA A 720 29.97 -46.22 -7.88
CA ALA A 720 31.00 -46.34 -8.90
C ALA A 720 32.35 -45.86 -8.40
N GLU A 721 32.38 -44.76 -7.65
CA GLU A 721 33.66 -44.37 -7.08
C GLU A 721 34.03 -45.24 -5.88
N TYR A 722 33.05 -45.77 -5.15
CA TYR A 722 33.41 -46.71 -4.10
C TYR A 722 34.01 -48.00 -4.66
N ILE A 723 33.60 -48.41 -5.85
CA ILE A 723 34.27 -49.52 -6.51
C ILE A 723 35.64 -49.10 -7.03
N ILE A 724 35.76 -47.88 -7.54
CA ILE A 724 37.03 -47.50 -8.18
C ILE A 724 38.08 -47.05 -7.17
N GLU A 725 37.71 -46.79 -5.92
CA GLU A 725 38.67 -46.35 -4.91
C GLU A 725 38.97 -47.42 -3.87
N TYR A 726 38.72 -48.68 -4.16
CA TYR A 726 38.88 -49.69 -3.10
C TYR A 726 40.32 -50.05 -2.75
N PRO A 727 41.29 -50.22 -3.68
CA PRO A 727 42.64 -50.56 -3.20
C PRO A 727 43.46 -49.38 -2.68
N HIS A 728 42.81 -48.27 -2.34
CA HIS A 728 43.50 -47.09 -1.85
C HIS A 728 43.14 -46.75 -0.40
N PHE A 729 42.35 -47.58 0.26
CA PHE A 729 41.93 -47.31 1.63
C PHE A 729 43.00 -47.62 2.68
N ALA A 730 44.11 -48.26 2.28
CA ALA A 730 45.14 -48.60 3.25
C ALA A 730 46.01 -47.40 3.58
N THR A 731 46.72 -46.88 2.59
CA THR A 731 47.66 -45.77 2.78
C THR A 731 47.01 -44.43 2.39
N ASP A 732 46.01 -44.04 3.18
CA ASP A 732 45.35 -42.75 2.99
C ASP A 732 44.67 -42.37 4.29
N ALA A 733 44.41 -41.07 4.46
CA ALA A 733 43.76 -40.52 5.64
C ALA A 733 42.32 -40.10 5.42
N ALA A 734 42.04 -39.40 4.31
CA ALA A 734 40.68 -38.99 3.98
C ALA A 734 39.82 -40.14 3.49
N ALA A 735 40.45 -41.28 3.19
CA ALA A 735 39.75 -42.45 2.71
C ALA A 735 38.81 -43.05 3.74
N ASN A 736 39.03 -42.79 5.02
CA ASN A 736 38.10 -43.30 6.02
C ASN A 736 36.91 -42.37 6.23
N LEU A 737 36.77 -41.32 5.42
CA LEU A 737 35.52 -40.58 5.36
C LEU A 737 34.99 -40.37 3.96
N THR A 738 35.72 -40.75 2.92
CA THR A 738 35.03 -40.89 1.64
C THR A 738 33.99 -42.02 1.71
N LYS A 739 34.16 -42.97 2.61
CA LYS A 739 33.14 -43.97 2.87
C LYS A 739 31.89 -43.36 3.49
N ILE A 740 32.03 -42.45 4.45
CA ILE A 740 30.84 -41.89 5.07
C ILE A 740 30.13 -40.93 4.11
N VAL A 741 30.89 -40.27 3.23
CA VAL A 741 30.27 -39.42 2.23
C VAL A 741 29.53 -40.27 1.19
N ALA A 742 30.10 -41.41 0.79
CA ALA A 742 29.43 -42.31 -0.15
C ALA A 742 28.16 -42.88 0.42
N TYR A 743 28.16 -43.24 1.70
CA TYR A 743 26.97 -43.78 2.34
C TYR A 743 25.86 -42.74 2.42
N LEU A 744 26.22 -41.51 2.81
CA LEU A 744 25.23 -40.43 2.91
C LEU A 744 24.64 -40.08 1.55
N GLY A 745 25.49 -40.01 0.52
CA GLY A 745 25.01 -39.67 -0.81
C GLY A 745 24.14 -40.75 -1.42
N THR A 746 24.48 -42.02 -1.16
CA THR A 746 23.65 -43.11 -1.63
C THR A 746 22.30 -43.11 -0.94
N TYR A 747 22.28 -42.77 0.35
CA TYR A 747 21.00 -42.69 1.08
C TYR A 747 20.10 -41.60 0.51
N ILE A 748 20.66 -40.40 0.29
CA ILE A 748 19.83 -39.31 -0.22
C ILE A 748 19.35 -39.58 -1.64
N GLY A 749 20.24 -40.12 -2.50
CA GLY A 749 19.83 -40.44 -3.85
C GLY A 749 18.79 -41.55 -3.91
N GLY A 750 18.92 -42.56 -3.06
CA GLY A 750 17.94 -43.63 -3.03
C GLY A 750 16.59 -43.19 -2.49
N VAL A 751 16.56 -42.19 -1.61
CA VAL A 751 15.28 -41.62 -1.22
C VAL A 751 14.65 -40.87 -2.39
N THR A 752 15.40 -39.94 -2.98
CA THR A 752 14.81 -39.03 -3.95
C THR A 752 14.51 -39.68 -5.29
N PHE A 753 15.06 -40.86 -5.57
CA PHE A 753 14.63 -41.63 -6.73
C PHE A 753 13.19 -42.08 -6.57
N SER A 754 12.93 -42.88 -5.54
CA SER A 754 11.64 -43.56 -5.42
C SER A 754 10.54 -42.62 -4.99
N GLY A 755 10.85 -41.61 -4.16
CA GLY A 755 9.84 -40.67 -3.74
C GLY A 755 9.26 -39.87 -4.90
N SER A 756 10.12 -39.45 -5.82
CA SER A 756 9.62 -38.73 -6.98
C SER A 756 8.99 -39.66 -7.99
N LEU A 757 9.36 -40.95 -8.03
CA LEU A 757 8.57 -41.91 -8.81
C LEU A 757 7.13 -42.00 -8.30
N VAL A 758 6.97 -42.07 -6.98
CA VAL A 758 5.63 -42.15 -6.39
C VAL A 758 4.87 -40.85 -6.62
N ALA A 759 5.57 -39.71 -6.58
CA ALA A 759 4.90 -38.44 -6.86
C ALA A 759 4.47 -38.33 -8.32
N TYR A 760 5.24 -38.89 -9.25
CA TYR A 760 4.80 -38.92 -10.64
C TYR A 760 3.60 -39.84 -10.84
N GLY A 761 3.65 -41.04 -10.25
CA GLY A 761 2.53 -41.96 -10.32
C GLY A 761 1.27 -41.46 -9.63
N LYS A 762 1.42 -40.54 -8.68
CA LYS A 762 0.27 -39.95 -8.03
C LYS A 762 -0.22 -38.70 -8.76
N LEU A 763 0.64 -38.01 -9.50
CA LEU A 763 0.16 -36.89 -10.28
C LEU A 763 -0.59 -37.34 -11.53
N GLN A 764 -0.14 -38.42 -12.16
CA GLN A 764 -0.81 -38.86 -13.38
C GLN A 764 -2.10 -39.63 -13.14
N GLY A 765 -2.58 -39.73 -11.91
CA GLY A 765 -3.81 -40.42 -11.63
C GLY A 765 -3.69 -41.93 -11.49
N ILE A 766 -2.54 -42.51 -11.86
CA ILE A 766 -2.40 -43.96 -11.86
C ILE A 766 -2.38 -44.51 -10.44
N LEU A 767 -1.56 -43.95 -9.57
CA LEU A 767 -1.70 -44.36 -8.19
C LEU A 767 -2.83 -43.57 -7.57
N LYS A 768 -3.38 -44.09 -6.47
CA LYS A 768 -4.59 -43.55 -5.88
C LYS A 768 -4.36 -42.14 -5.34
N SER A 769 -5.39 -41.30 -5.46
CA SER A 769 -5.33 -39.95 -4.93
C SER A 769 -5.72 -39.88 -3.45
N ALA A 770 -5.84 -41.03 -2.79
CA ALA A 770 -6.08 -41.25 -1.38
C ALA A 770 -4.81 -41.74 -0.70
N PRO A 771 -4.53 -41.27 0.51
CA PRO A 771 -3.32 -41.73 1.21
C PRO A 771 -3.45 -43.17 1.71
N LEU A 772 -2.36 -43.92 1.57
CA LEU A 772 -2.32 -45.32 1.96
C LEU A 772 -1.81 -45.45 3.39
N LEU A 773 -2.69 -45.74 4.33
CA LEU A 773 -2.28 -45.86 5.72
C LEU A 773 -2.76 -47.11 6.47
N LEU A 774 -2.38 -48.30 6.00
CA LEU A 774 -2.76 -49.52 6.71
C LEU A 774 -2.01 -49.71 8.03
N PRO A 775 -0.64 -49.74 8.09
CA PRO A 775 -0.01 -50.18 9.35
C PRO A 775 0.10 -49.07 10.38
N GLY A 776 0.83 -49.35 11.46
CA GLY A 776 1.08 -48.33 12.46
C GLY A 776 1.92 -47.19 11.95
N ARG A 777 2.72 -47.42 10.91
CA ARG A 777 3.39 -46.43 10.05
C ARG A 777 4.47 -45.62 10.73
N HIS A 778 4.68 -45.77 12.02
CA HIS A 778 5.71 -44.98 12.69
C HIS A 778 6.80 -45.86 13.26
N LEU A 779 6.43 -47.04 13.76
CA LEU A 779 7.42 -48.09 14.03
C LEU A 779 8.14 -48.47 12.75
N LEU A 780 7.42 -48.47 11.62
CA LEU A 780 8.00 -48.84 10.34
C LEU A 780 9.03 -47.81 9.88
N ASN A 781 8.67 -46.53 9.89
CA ASN A 781 9.58 -45.51 9.40
C ASN A 781 10.73 -45.29 10.37
N ALA A 782 10.46 -45.40 11.67
CA ALA A 782 11.55 -45.31 12.63
C ALA A 782 12.47 -46.52 12.54
N GLY A 783 11.95 -47.71 12.21
CA GLY A 783 12.80 -48.87 12.06
C GLY A 783 13.66 -48.80 10.81
N LEU A 784 13.09 -48.29 9.72
CA LEU A 784 13.88 -48.08 8.51
C LEU A 784 14.94 -47.01 8.72
N LEU A 785 14.61 -45.95 9.46
CA LEU A 785 15.58 -44.89 9.72
C LEU A 785 16.66 -45.35 10.68
N ALA A 786 16.30 -46.18 11.67
CA ALA A 786 17.28 -46.71 12.59
C ALA A 786 18.19 -47.71 11.90
N ALA A 787 17.65 -48.49 10.97
CA ALA A 787 18.48 -49.37 10.17
C ALA A 787 19.43 -48.58 9.27
N SER A 788 18.95 -47.45 8.74
CA SER A 788 19.78 -46.62 7.89
C SER A 788 20.95 -46.02 8.65
N VAL A 789 20.68 -45.44 9.82
CA VAL A 789 21.76 -44.85 10.61
C VAL A 789 22.63 -45.93 11.25
N GLY A 790 22.08 -47.13 11.49
CA GLY A 790 22.90 -48.18 12.05
C GLY A 790 23.73 -48.92 11.02
N GLY A 791 23.41 -48.76 9.74
CA GLY A 791 24.20 -49.40 8.71
C GLY A 791 25.59 -48.85 8.53
N ILE A 792 25.98 -47.81 9.25
CA ILE A 792 27.25 -47.17 8.95
C ILE A 792 28.40 -47.88 9.66
N ILE A 793 28.14 -48.58 10.76
CA ILE A 793 29.19 -49.33 11.45
C ILE A 793 29.53 -50.69 10.84
N PRO A 794 28.64 -51.49 10.21
CA PRO A 794 29.17 -52.61 9.44
C PRO A 794 29.86 -52.18 8.17
N PHE A 795 29.55 -50.98 7.68
CA PHE A 795 30.28 -50.45 6.54
C PHE A 795 31.62 -49.86 6.96
N MET A 796 31.74 -49.47 8.23
CA MET A 796 33.02 -49.33 8.90
C MET A 796 33.45 -50.69 9.42
N MET A 797 34.52 -50.73 10.22
CA MET A 797 34.88 -51.81 11.15
C MET A 797 35.40 -53.09 10.46
N ASP A 798 35.22 -53.24 9.14
CA ASP A 798 35.86 -54.33 8.41
C ASP A 798 36.00 -54.00 6.93
N PRO A 799 37.21 -54.02 6.40
CA PRO A 799 37.47 -53.40 5.10
C PRO A 799 37.23 -54.30 3.90
N SER A 800 36.49 -55.39 4.05
CA SER A 800 36.32 -56.34 2.95
C SER A 800 35.56 -55.73 1.78
N PHE A 801 35.91 -56.19 0.57
CA PHE A 801 35.34 -55.62 -0.64
C PHE A 801 33.88 -55.98 -0.81
N THR A 802 33.45 -57.09 -0.24
CA THR A 802 32.06 -57.47 -0.38
C THR A 802 31.17 -56.84 0.67
N THR A 803 31.69 -56.62 1.88
CA THR A 803 30.85 -56.13 2.96
C THR A 803 30.54 -54.65 2.84
N GLY A 804 31.26 -53.94 2.00
CA GLY A 804 30.90 -52.56 1.76
C GLY A 804 29.76 -52.51 0.77
N ILE A 805 29.91 -53.28 -0.31
CA ILE A 805 29.00 -53.16 -1.44
C ILE A 805 27.65 -53.75 -1.09
N THR A 806 27.62 -54.80 -0.27
CA THR A 806 26.33 -55.31 0.15
C THR A 806 25.62 -54.33 1.10
N CYS A 807 26.38 -53.53 1.84
CA CYS A 807 25.75 -52.55 2.71
C CYS A 807 25.26 -51.35 1.91
N LEU A 808 25.99 -51.00 0.85
CA LEU A 808 25.53 -49.95 -0.06
C LEU A 808 24.25 -50.35 -0.76
N GLY A 809 24.18 -51.61 -1.21
CA GLY A 809 22.94 -52.11 -1.78
C GLY A 809 21.81 -52.14 -0.76
N SER A 810 22.13 -52.48 0.49
CA SER A 810 21.12 -52.51 1.53
C SER A 810 20.58 -51.12 1.84
N VAL A 811 21.45 -50.12 1.90
CA VAL A 811 20.97 -48.79 2.26
C VAL A 811 20.24 -48.16 1.09
N SER A 812 20.62 -48.47 -0.15
CA SER A 812 19.85 -48.00 -1.30
C SER A 812 18.47 -48.64 -1.32
N ALA A 813 18.39 -49.93 -1.00
CA ALA A 813 17.11 -50.63 -1.00
C ALA A 813 16.18 -50.10 0.09
N LEU A 814 16.65 -50.06 1.33
CA LEU A 814 15.79 -49.63 2.42
C LEU A 814 15.48 -48.14 2.33
N SER A 815 16.37 -47.34 1.73
CA SER A 815 16.07 -45.93 1.52
C SER A 815 14.99 -45.76 0.47
N ALA A 816 15.00 -46.58 -0.58
CA ALA A 816 13.94 -46.50 -1.58
C ALA A 816 12.59 -46.92 -0.99
N VAL A 817 12.60 -47.93 -0.12
CA VAL A 817 11.35 -48.35 0.52
C VAL A 817 10.87 -47.26 1.49
N MET A 818 11.80 -46.58 2.15
CA MET A 818 11.45 -45.45 3.02
C MET A 818 10.82 -44.31 2.22
N GLY A 819 11.37 -44.04 1.04
CA GLY A 819 10.83 -42.98 0.21
C GLY A 819 9.44 -43.30 -0.30
N VAL A 820 9.20 -44.55 -0.69
CA VAL A 820 7.87 -44.95 -1.13
C VAL A 820 6.88 -44.91 0.04
N THR A 821 7.34 -45.29 1.23
CA THR A 821 6.45 -45.31 2.39
C THR A 821 6.05 -43.91 2.82
N LEU A 822 7.00 -42.98 2.86
CA LEU A 822 6.69 -41.61 3.27
C LEU A 822 5.87 -40.88 2.20
N THR A 823 6.27 -41.00 0.94
CA THR A 823 5.67 -40.19 -0.11
C THR A 823 4.29 -40.69 -0.52
N ALA A 824 3.96 -41.95 -0.24
CA ALA A 824 2.62 -42.44 -0.54
C ALA A 824 1.57 -41.78 0.35
N ALA A 825 1.76 -41.86 1.66
CA ALA A 825 0.76 -41.37 2.62
C ALA A 825 0.92 -39.86 2.80
N ILE A 826 0.65 -39.13 1.72
CA ILE A 826 0.76 -37.68 1.75
C ILE A 826 -0.61 -37.06 1.48
N GLY A 827 -1.17 -37.28 0.32
CA GLY A 827 -2.46 -36.70 0.01
C GLY A 827 -2.52 -36.25 -1.43
N GLY A 828 -3.55 -35.46 -1.73
CA GLY A 828 -3.74 -34.95 -3.07
C GLY A 828 -3.68 -33.45 -3.14
N ALA A 829 -4.08 -32.80 -2.04
CA ALA A 829 -3.97 -31.36 -1.93
C ALA A 829 -2.65 -30.92 -1.30
N ASP A 830 -1.92 -31.84 -0.67
CA ASP A 830 -0.59 -31.58 -0.15
C ASP A 830 0.48 -31.93 -1.17
N MET A 831 0.10 -32.08 -2.43
CA MET A 831 1.04 -32.38 -3.49
C MET A 831 2.17 -31.35 -3.71
N PRO A 832 1.93 -30.02 -3.74
CA PRO A 832 3.04 -29.13 -4.11
C PRO A 832 4.14 -29.02 -3.07
N VAL A 833 4.01 -29.65 -1.90
CA VAL A 833 5.12 -29.71 -0.96
C VAL A 833 6.18 -30.68 -1.46
N VAL A 834 5.77 -31.89 -1.85
CA VAL A 834 6.75 -32.94 -2.09
C VAL A 834 7.55 -32.69 -3.36
N ILE A 835 7.05 -31.90 -4.29
CA ILE A 835 7.85 -31.49 -5.45
C ILE A 835 9.05 -30.67 -4.99
N THR A 836 8.80 -29.72 -4.10
CA THR A 836 9.89 -28.85 -3.64
C THR A 836 10.83 -29.58 -2.69
N VAL A 837 10.30 -30.48 -1.86
CA VAL A 837 11.16 -31.22 -0.94
C VAL A 837 12.05 -32.19 -1.70
N LEU A 838 11.51 -32.81 -2.75
CA LEU A 838 12.31 -33.67 -3.60
C LEU A 838 13.33 -32.88 -4.40
N ASN A 839 13.00 -31.64 -4.78
CA ASN A 839 13.98 -30.75 -5.37
C ASN A 839 15.14 -30.48 -4.41
N SER A 840 14.81 -30.27 -3.15
CA SER A 840 15.83 -30.06 -2.14
C SER A 840 16.74 -31.28 -1.99
N TYR A 841 16.16 -32.48 -1.88
CA TYR A 841 17.00 -33.67 -1.73
C TYR A 841 17.87 -33.93 -2.95
N SER A 842 17.39 -33.57 -4.15
CA SER A 842 18.25 -33.65 -5.32
C SER A 842 19.45 -32.73 -5.22
N GLY A 843 19.22 -31.49 -4.76
CA GLY A 843 20.34 -30.57 -4.60
C GLY A 843 21.35 -31.01 -3.56
N TRP A 844 20.87 -31.53 -2.44
CA TRP A 844 21.79 -31.99 -1.41
C TRP A 844 22.52 -33.28 -1.81
N ALA A 845 21.92 -34.09 -2.68
CA ALA A 845 22.63 -35.23 -3.23
C ALA A 845 23.77 -34.79 -4.12
N LEU A 846 23.55 -33.74 -4.93
CA LEU A 846 24.64 -33.17 -5.72
C LEU A 846 25.77 -32.66 -4.85
N CYS A 847 25.42 -32.02 -3.72
CA CYS A 847 26.48 -31.49 -2.86
C CYS A 847 27.25 -32.61 -2.17
N ALA A 848 26.57 -33.70 -1.81
CA ALA A 848 27.27 -34.84 -1.20
C ALA A 848 28.22 -35.48 -2.18
N GLU A 849 27.78 -35.67 -3.42
CA GLU A 849 28.66 -36.17 -4.47
C GLU A 849 29.81 -35.20 -4.75
N GLY A 850 29.59 -33.89 -4.55
CA GLY A 850 30.66 -32.94 -4.68
C GLY A 850 31.72 -33.06 -3.61
N PHE A 851 31.31 -33.34 -2.37
CA PHE A 851 32.29 -33.70 -1.33
C PHE A 851 33.02 -34.99 -1.68
N LEU A 852 32.32 -35.91 -2.33
CA LEU A 852 32.88 -37.22 -2.64
C LEU A 852 34.01 -37.12 -3.66
N LEU A 853 33.84 -36.31 -4.71
CA LEU A 853 34.85 -36.18 -5.74
C LEU A 853 35.84 -35.04 -5.50
N ASN A 854 35.64 -34.25 -4.44
CA ASN A 854 36.40 -33.02 -4.14
C ASN A 854 36.39 -32.04 -5.31
N ASN A 855 35.27 -32.00 -6.01
CA ASN A 855 35.08 -31.08 -7.11
C ASN A 855 34.49 -29.81 -6.56
N ASN A 856 34.89 -28.68 -7.14
CA ASN A 856 34.56 -27.40 -6.53
C ASN A 856 33.34 -26.76 -7.17
N LEU A 857 32.93 -27.21 -8.34
CA LEU A 857 31.73 -26.66 -8.96
C LEU A 857 30.47 -27.27 -8.39
N LEU A 858 30.57 -28.53 -7.98
CA LEU A 858 29.39 -29.28 -7.57
C LEU A 858 28.84 -28.81 -6.25
N THR A 859 29.69 -28.38 -5.32
CA THR A 859 29.20 -27.91 -4.02
C THR A 859 28.44 -26.60 -4.18
N ILE A 860 28.96 -25.69 -5.00
CA ILE A 860 28.31 -24.42 -5.25
C ILE A 860 26.94 -24.63 -5.90
N VAL A 861 26.91 -25.41 -6.98
CA VAL A 861 25.67 -25.66 -7.71
C VAL A 861 24.67 -26.42 -6.85
N GLY A 862 25.13 -27.42 -6.11
CA GLY A 862 24.21 -28.20 -5.29
C GLY A 862 23.65 -27.42 -4.13
N ALA A 863 24.46 -26.54 -3.52
CA ALA A 863 23.95 -25.73 -2.43
C ALA A 863 22.94 -24.73 -2.93
N LEU A 864 23.15 -24.21 -4.14
CA LEU A 864 22.16 -23.30 -4.74
C LEU A 864 20.83 -24.00 -4.98
N ILE A 865 20.87 -25.20 -5.56
CA ILE A 865 19.62 -25.91 -5.86
C ILE A 865 18.91 -26.35 -4.59
N GLY A 866 19.66 -26.80 -3.60
CA GLY A 866 19.05 -27.25 -2.36
C GLY A 866 18.44 -26.11 -1.56
N SER A 867 19.11 -24.96 -1.52
CA SER A 867 18.52 -23.82 -0.85
C SER A 867 17.30 -23.32 -1.58
N SER A 868 17.28 -23.41 -2.92
CA SER A 868 16.09 -23.01 -3.66
C SER A 868 14.91 -23.93 -3.37
N GLY A 869 15.16 -25.24 -3.27
CA GLY A 869 14.10 -26.15 -2.93
C GLY A 869 13.56 -25.94 -1.53
N ALA A 870 14.44 -25.63 -0.59
CA ALA A 870 14.00 -25.37 0.78
C ALA A 870 13.17 -24.10 0.88
N ILE A 871 13.58 -23.03 0.17
CA ILE A 871 12.80 -21.80 0.19
C ILE A 871 11.44 -22.00 -0.46
N LEU A 872 11.39 -22.77 -1.54
CA LEU A 872 10.10 -22.99 -2.18
C LEU A 872 9.19 -23.88 -1.37
N SER A 873 9.73 -24.74 -0.51
CA SER A 873 8.85 -25.45 0.40
C SER A 873 8.36 -24.53 1.51
N TYR A 874 9.21 -23.60 1.97
CA TYR A 874 8.82 -22.75 3.09
C TYR A 874 7.76 -21.73 2.69
N ILE A 875 7.81 -21.22 1.47
CA ILE A 875 6.84 -20.21 1.05
C ILE A 875 5.43 -20.79 1.02
N MET A 876 5.29 -22.02 0.57
CA MET A 876 3.94 -22.58 0.63
C MET A 876 3.61 -23.27 1.94
N CYS A 877 4.59 -23.63 2.75
CA CYS A 877 4.23 -24.06 4.09
C CYS A 877 3.98 -22.91 5.04
N VAL A 878 4.16 -21.66 4.59
CA VAL A 878 3.51 -20.55 5.28
C VAL A 878 2.27 -20.09 4.53
N ALA A 879 2.11 -20.46 3.26
CA ALA A 879 0.88 -20.11 2.54
C ALA A 879 -0.30 -20.90 3.07
N MET A 880 -0.24 -22.23 2.99
CA MET A 880 -1.06 -23.03 3.87
C MET A 880 -0.38 -23.03 5.23
N ASN A 881 -1.17 -22.95 6.29
CA ASN A 881 -0.58 -22.65 7.60
C ASN A 881 -0.25 -23.91 8.38
N ARG A 882 0.50 -24.81 7.76
CA ARG A 882 0.88 -26.07 8.37
C ARG A 882 2.39 -26.05 8.60
N SER A 883 2.93 -27.17 9.05
CA SER A 883 4.37 -27.33 9.11
C SER A 883 4.79 -28.39 8.11
N LEU A 884 6.10 -28.61 8.03
CA LEU A 884 6.56 -29.65 7.11
C LEU A 884 6.37 -31.03 7.72
N ALA A 885 6.59 -31.16 9.02
CA ALA A 885 6.28 -32.41 9.71
C ALA A 885 4.79 -32.62 9.88
N ASN A 886 3.98 -31.58 9.69
CA ASN A 886 2.54 -31.71 9.74
C ASN A 886 1.99 -32.13 8.38
N VAL A 887 2.84 -32.24 7.36
CA VAL A 887 2.45 -32.72 6.05
C VAL A 887 3.07 -34.06 5.73
N ILE A 888 4.37 -34.22 6.01
CA ILE A 888 5.05 -35.49 5.80
C ILE A 888 4.47 -36.57 6.70
N LEU A 889 4.30 -36.28 7.99
CA LEU A 889 3.78 -37.25 8.94
C LEU A 889 2.26 -37.31 8.96
N GLY A 890 1.59 -36.79 7.92
CA GLY A 890 0.17 -37.01 7.72
C GLY A 890 -0.71 -36.38 8.77
N GLY A 891 -0.28 -35.28 9.36
CA GLY A 891 -0.97 -34.71 10.50
C GLY A 891 -2.30 -34.08 10.13
N TYR A 892 -3.01 -33.66 11.17
CA TYR A 892 -4.38 -33.22 11.04
C TYR A 892 -4.53 -31.80 11.57
N GLY A 893 -5.27 -30.97 10.82
CA GLY A 893 -5.54 -29.63 11.26
C GLY A 893 -4.54 -28.63 10.74
N THR A 894 -4.11 -27.71 11.60
CA THR A 894 -3.13 -26.70 11.25
C THR A 894 -2.46 -26.22 12.53
N THR A 895 -1.65 -25.17 12.41
CA THR A 895 -0.92 -24.61 13.53
C THR A 895 -1.74 -23.64 14.36
N SER A 896 -3.02 -23.46 14.04
CA SER A 896 -3.88 -22.59 14.82
C SER A 896 -5.17 -23.24 15.28
N THR A 897 -5.44 -24.48 14.85
CA THR A 897 -6.66 -25.17 15.23
C THR A 897 -6.64 -25.56 16.70
N ALA A 898 -7.67 -25.14 17.42
CA ALA A 898 -7.94 -25.48 18.82
C ALA A 898 -8.54 -26.87 18.92
N GLY A 899 -9.26 -27.14 20.00
CA GLY A 899 -10.00 -28.39 20.10
C GLY A 899 -11.18 -28.54 19.15
N GLY A 900 -12.16 -29.35 19.53
CA GLY A 900 -13.21 -29.76 18.62
C GLY A 900 -14.27 -28.71 18.39
N LYS A 901 -15.46 -29.20 18.02
CA LYS A 901 -16.67 -28.46 17.70
C LYS A 901 -16.42 -27.40 16.63
N PRO A 902 -16.31 -27.79 15.35
CA PRO A 902 -16.27 -26.78 14.28
C PRO A 902 -17.65 -26.15 14.14
N MET A 903 -17.71 -24.83 14.29
CA MET A 903 -19.01 -24.17 14.31
C MET A 903 -19.58 -24.09 12.90
N GLU A 904 -20.90 -24.13 12.83
CA GLU A 904 -21.58 -24.46 11.60
C GLU A 904 -22.11 -23.22 10.88
N ILE A 905 -22.49 -23.42 9.63
CA ILE A 905 -22.96 -22.36 8.78
C ILE A 905 -24.46 -22.16 8.96
N SER A 906 -24.92 -20.97 8.62
CA SER A 906 -26.33 -20.65 8.55
C SER A 906 -26.49 -19.66 7.41
N GLY A 907 -27.66 -19.07 7.30
CA GLY A 907 -27.87 -18.09 6.25
C GLY A 907 -28.19 -18.75 4.91
N THR A 908 -28.82 -17.97 4.04
CA THR A 908 -29.42 -18.50 2.84
C THR A 908 -28.69 -18.00 1.59
N HIS A 909 -28.58 -18.89 0.61
CA HIS A 909 -27.86 -18.63 -0.62
C HIS A 909 -28.79 -18.13 -1.71
N THR A 910 -28.19 -17.67 -2.81
CA THR A 910 -28.92 -16.99 -3.88
C THR A 910 -28.31 -17.39 -5.21
N GLU A 911 -29.13 -17.90 -6.11
CA GLU A 911 -28.66 -18.30 -7.44
C GLU A 911 -29.32 -17.44 -8.50
N ILE A 912 -28.55 -17.10 -9.53
CA ILE A 912 -29.05 -16.35 -10.67
C ILE A 912 -28.66 -17.10 -11.94
N ASN A 913 -29.37 -16.81 -13.02
CA ASN A 913 -29.12 -17.44 -14.30
C ASN A 913 -28.11 -16.61 -15.10
N LEU A 914 -28.02 -16.89 -16.41
CA LEU A 914 -26.96 -16.31 -17.21
C LEU A 914 -27.27 -14.89 -17.69
N ASP A 915 -28.54 -14.57 -17.94
CA ASP A 915 -28.83 -13.32 -18.64
C ASP A 915 -28.74 -12.09 -17.75
N ASN A 916 -29.07 -12.22 -16.47
CA ASN A 916 -28.92 -11.11 -15.56
C ASN A 916 -27.49 -10.93 -15.07
N ALA A 917 -26.74 -12.03 -14.97
CA ALA A 917 -25.34 -11.97 -14.53
C ALA A 917 -24.49 -11.17 -15.50
N ILE A 918 -24.75 -11.32 -16.80
CA ILE A 918 -23.91 -10.62 -17.76
C ILE A 918 -24.26 -9.13 -17.78
N ASP A 919 -25.52 -8.78 -17.57
CA ASP A 919 -25.86 -7.36 -17.47
C ASP A 919 -25.36 -6.79 -16.15
N MET A 920 -25.24 -7.63 -15.12
CA MET A 920 -24.57 -7.22 -13.88
C MET A 920 -23.10 -6.91 -14.13
N ILE A 921 -22.46 -7.70 -15.00
CA ILE A 921 -21.08 -7.38 -15.43
C ILE A 921 -21.04 -6.03 -16.14
N ARG A 922 -22.02 -5.75 -16.99
CA ARG A 922 -21.95 -4.57 -17.85
C ARG A 922 -22.08 -3.24 -17.11
N GLU A 923 -22.56 -3.21 -15.87
CA GLU A 923 -22.58 -1.98 -15.09
C GLU A 923 -21.63 -2.03 -13.91
N ALA A 924 -20.43 -2.56 -14.12
CA ALA A 924 -19.39 -2.55 -13.11
C ALA A 924 -18.12 -1.95 -13.70
N ASN A 925 -17.41 -1.17 -12.90
CA ASN A 925 -16.20 -0.51 -13.37
C ASN A 925 -14.95 -1.35 -13.17
N SER A 926 -14.73 -1.85 -11.96
CA SER A 926 -13.53 -2.60 -11.61
C SER A 926 -13.90 -4.05 -11.32
N ILE A 927 -13.20 -4.98 -11.97
CA ILE A 927 -13.42 -6.41 -11.81
C ILE A 927 -12.12 -7.03 -11.33
N ILE A 928 -12.20 -7.95 -10.38
CA ILE A 928 -11.05 -8.75 -9.98
C ILE A 928 -11.46 -10.21 -10.02
N ILE A 929 -10.78 -10.99 -10.85
CA ILE A 929 -11.08 -12.39 -11.08
C ILE A 929 -10.08 -13.22 -10.29
N THR A 930 -10.55 -14.22 -9.56
CA THR A 930 -9.68 -15.05 -8.73
C THR A 930 -9.81 -16.51 -9.13
N PRO A 931 -8.96 -17.03 -9.99
CA PRO A 931 -9.14 -18.40 -10.48
C PRO A 931 -8.64 -19.42 -9.48
N GLY A 932 -9.08 -20.67 -9.71
CA GLY A 932 -8.54 -21.81 -9.01
C GLY A 932 -8.01 -22.82 -10.00
N TYR A 933 -7.60 -23.98 -9.48
CA TYR A 933 -7.01 -24.99 -10.34
C TYR A 933 -8.06 -25.65 -11.23
N GLY A 934 -9.31 -25.71 -10.75
CA GLY A 934 -10.38 -26.28 -11.54
C GLY A 934 -10.68 -25.52 -12.82
N LEU A 935 -10.26 -24.26 -12.90
CA LEU A 935 -10.29 -23.54 -14.16
C LEU A 935 -9.40 -24.22 -15.19
N CYS A 936 -8.13 -24.41 -14.86
CA CYS A 936 -7.19 -24.91 -15.84
C CYS A 936 -7.34 -26.40 -16.08
N ALA A 937 -7.82 -27.14 -15.09
CA ALA A 937 -8.02 -28.59 -15.27
C ALA A 937 -9.22 -28.91 -16.15
N ALA A 938 -10.06 -27.92 -16.46
CA ALA A 938 -11.17 -28.08 -17.38
C ALA A 938 -10.95 -27.33 -18.69
N LYS A 939 -9.71 -26.91 -18.96
CA LYS A 939 -9.28 -26.26 -20.20
C LYS A 939 -10.06 -24.97 -20.50
N ALA A 940 -10.44 -24.26 -19.45
CA ALA A 940 -11.33 -23.11 -19.59
C ALA A 940 -10.63 -21.77 -19.42
N GLN A 941 -9.30 -21.76 -19.35
CA GLN A 941 -8.62 -20.47 -19.26
C GLN A 941 -8.57 -19.75 -20.60
N TYR A 942 -8.85 -20.43 -21.71
CA TYR A 942 -8.87 -19.77 -23.01
C TYR A 942 -10.04 -18.81 -23.21
N PRO A 943 -11.31 -19.16 -22.93
CA PRO A 943 -12.37 -18.16 -23.15
C PRO A 943 -12.37 -17.02 -22.16
N ILE A 944 -11.66 -17.14 -21.03
CA ILE A 944 -11.48 -16.00 -20.15
C ILE A 944 -10.55 -14.97 -20.78
N ALA A 945 -9.60 -15.41 -21.59
CA ALA A 945 -8.59 -14.55 -22.17
C ALA A 945 -9.14 -13.61 -23.24
N ASP A 946 -10.36 -13.81 -23.70
CA ASP A 946 -11.02 -12.89 -24.60
C ASP A 946 -11.97 -11.95 -23.87
N LEU A 947 -12.68 -12.49 -22.87
CA LEU A 947 -13.50 -11.71 -21.97
C LEU A 947 -12.71 -10.59 -21.33
N VAL A 948 -11.50 -10.90 -20.87
CA VAL A 948 -10.70 -9.92 -20.14
C VAL A 948 -10.26 -8.79 -21.05
N LYS A 949 -9.86 -9.09 -22.28
CA LYS A 949 -9.43 -8.03 -23.17
C LYS A 949 -10.60 -7.19 -23.68
N MET A 950 -11.75 -7.82 -23.97
CA MET A 950 -12.89 -7.03 -24.45
C MET A 950 -13.48 -6.18 -23.33
N LEU A 951 -13.36 -6.60 -22.07
CA LEU A 951 -13.74 -5.70 -21.00
C LEU A 951 -12.72 -4.61 -20.79
N SER A 952 -11.44 -4.91 -20.99
CA SER A 952 -10.41 -3.90 -20.74
C SER A 952 -10.41 -2.82 -21.82
N GLU A 953 -10.88 -3.12 -23.02
CA GLU A 953 -10.88 -2.14 -24.09
C GLU A 953 -12.05 -1.17 -24.03
N GLN A 954 -12.80 -1.15 -22.93
CA GLN A 954 -13.91 -0.22 -22.76
C GLN A 954 -13.73 0.67 -21.53
N GLY A 955 -12.55 0.63 -20.91
CA GLY A 955 -12.25 1.48 -19.76
C GLY A 955 -12.26 0.77 -18.43
N LYS A 956 -12.44 -0.55 -18.41
CA LYS A 956 -12.63 -1.26 -17.15
C LYS A 956 -11.28 -1.51 -16.49
N LYS A 957 -11.28 -2.26 -15.40
CA LYS A 957 -10.11 -2.44 -14.56
C LYS A 957 -9.99 -3.91 -14.19
N VAL A 958 -10.06 -4.80 -15.17
CA VAL A 958 -9.97 -6.22 -14.91
C VAL A 958 -8.57 -6.59 -14.45
N ARG A 959 -8.48 -7.25 -13.30
CA ARG A 959 -7.22 -7.71 -12.75
C ARG A 959 -7.42 -9.10 -12.19
N PHE A 960 -6.31 -9.76 -11.88
CA PHE A 960 -6.34 -11.13 -11.40
C PHE A 960 -5.74 -11.24 -10.01
N GLY A 961 -6.43 -11.96 -9.12
CA GLY A 961 -5.89 -12.34 -7.84
C GLY A 961 -5.44 -13.79 -7.90
N ILE A 962 -4.28 -14.07 -7.32
CA ILE A 962 -3.64 -15.38 -7.44
C ILE A 962 -3.27 -15.85 -6.04
N HIS A 963 -3.82 -17.00 -5.66
CA HIS A 963 -3.33 -17.49 -4.38
C HIS A 963 -2.18 -18.46 -4.61
N PRO A 964 -1.13 -18.44 -3.79
CA PRO A 964 0.07 -19.23 -4.10
C PRO A 964 -0.03 -20.74 -3.91
N VAL A 965 -1.21 -21.27 -3.62
CA VAL A 965 -1.33 -22.72 -3.51
C VAL A 965 -2.50 -23.16 -4.41
N ALA A 966 -2.76 -22.37 -5.45
CA ALA A 966 -3.83 -22.70 -6.38
C ALA A 966 -3.46 -23.92 -7.22
N GLY A 967 -2.40 -23.83 -8.00
CA GLY A 967 -1.99 -24.96 -8.82
C GLY A 967 -1.15 -25.95 -8.04
N ARG A 968 -0.84 -27.08 -8.68
CA ARG A 968 -0.11 -28.14 -8.02
C ARG A 968 1.40 -27.95 -8.03
N MET A 969 1.89 -26.75 -8.31
CA MET A 969 3.31 -26.44 -8.32
C MET A 969 3.42 -24.97 -7.98
N PRO A 970 4.56 -24.52 -7.42
CA PRO A 970 4.71 -23.08 -7.13
C PRO A 970 4.55 -22.16 -8.33
N GLY A 971 3.50 -21.36 -8.28
CA GLY A 971 3.19 -20.45 -9.38
C GLY A 971 2.81 -21.17 -10.65
N GLN A 972 2.09 -22.29 -10.54
CA GLN A 972 1.82 -23.09 -11.72
C GLN A 972 0.76 -22.47 -12.60
N LEU A 973 -0.01 -21.52 -12.09
CA LEU A 973 -1.08 -20.95 -12.88
C LEU A 973 -0.76 -19.57 -13.44
N ASN A 974 0.34 -18.94 -13.01
CA ASN A 974 0.84 -17.78 -13.74
C ASN A 974 1.20 -18.14 -15.16
N VAL A 975 1.82 -19.30 -15.35
CA VAL A 975 2.18 -19.72 -16.69
C VAL A 975 0.95 -20.15 -17.46
N LEU A 976 -0.05 -20.71 -16.77
CA LEU A 976 -1.26 -21.12 -17.47
C LEU A 976 -2.12 -19.92 -17.87
N LEU A 977 -2.08 -18.83 -17.10
CA LEU A 977 -2.70 -17.61 -17.59
C LEU A 977 -1.89 -16.99 -18.71
N ALA A 978 -0.57 -17.02 -18.60
CA ALA A 978 0.25 -16.33 -19.58
C ALA A 978 0.34 -17.08 -20.90
N GLU A 979 -0.02 -18.36 -20.92
CA GLU A 979 -0.12 -19.05 -22.19
C GLU A 979 -1.31 -18.54 -22.99
N ALA A 980 -2.44 -18.32 -22.33
CA ALA A 980 -3.67 -17.95 -23.02
C ALA A 980 -3.62 -16.56 -23.61
N GLY A 981 -2.80 -15.68 -23.04
CA GLY A 981 -2.58 -14.40 -23.68
C GLY A 981 -2.83 -13.20 -22.78
N VAL A 982 -2.94 -13.43 -21.48
CA VAL A 982 -3.07 -12.34 -20.51
C VAL A 982 -1.67 -11.77 -20.36
N PRO A 983 -1.49 -10.47 -20.20
CA PRO A 983 -0.14 -9.94 -19.93
C PRO A 983 0.29 -10.28 -18.53
N TYR A 984 1.57 -10.01 -18.24
CA TYR A 984 2.03 -10.27 -16.88
C TYR A 984 1.59 -9.16 -15.92
N ASP A 985 1.43 -7.94 -16.41
CA ASP A 985 1.35 -6.80 -15.50
C ASP A 985 0.01 -6.65 -14.80
N ILE A 986 -1.03 -7.34 -15.27
CA ILE A 986 -2.31 -7.26 -14.59
C ILE A 986 -2.56 -8.46 -13.70
N VAL A 987 -1.66 -9.44 -13.70
CA VAL A 987 -1.77 -10.56 -12.78
C VAL A 987 -1.02 -10.17 -11.51
N LEU A 988 -1.76 -9.91 -10.45
CA LEU A 988 -1.21 -9.48 -9.18
C LEU A 988 -1.23 -10.64 -8.21
N GLU A 989 -0.24 -10.69 -7.32
CA GLU A 989 -0.22 -11.75 -6.33
C GLU A 989 -1.19 -11.44 -5.20
N MET A 990 -1.18 -12.27 -4.17
CA MET A 990 -2.12 -12.11 -3.06
C MET A 990 -1.82 -10.87 -2.24
N ASP A 991 -0.56 -10.66 -1.89
CA ASP A 991 -0.21 -9.65 -0.89
C ASP A 991 -0.32 -8.22 -1.39
N GLU A 992 -0.49 -8.01 -2.69
CA GLU A 992 -0.67 -6.67 -3.23
C GLU A 992 -2.07 -6.45 -3.76
N ILE A 993 -2.92 -7.48 -3.75
CA ILE A 993 -4.31 -7.34 -4.16
C ILE A 993 -5.25 -7.50 -2.99
N ASN A 994 -4.75 -7.85 -1.82
CA ASN A 994 -5.59 -8.09 -0.67
C ASN A 994 -5.96 -6.80 0.05
N HIS A 995 -5.67 -5.64 -0.53
CA HIS A 995 -6.00 -4.37 0.10
C HIS A 995 -6.78 -3.42 -0.81
N ASP A 996 -7.24 -3.89 -1.97
CA ASP A 996 -8.15 -3.06 -2.77
C ASP A 996 -9.47 -3.75 -3.05
N PHE A 997 -9.70 -4.91 -2.45
CA PHE A 997 -11.05 -5.46 -2.39
C PHE A 997 -12.11 -4.56 -1.74
N PRO A 998 -11.81 -3.66 -0.78
CA PRO A 998 -12.79 -2.61 -0.49
C PRO A 998 -13.09 -1.71 -1.67
N ASP A 999 -12.06 -1.32 -2.43
CA ASP A 999 -12.23 -0.42 -3.56
C ASP A 999 -12.43 -1.21 -4.85
N THR A 1000 -13.39 -2.13 -4.82
CA THR A 1000 -13.62 -3.04 -5.94
C THR A 1000 -15.11 -3.28 -6.09
N ASP A 1001 -15.63 -3.05 -7.30
CA ASP A 1001 -17.07 -3.13 -7.50
C ASP A 1001 -17.54 -4.58 -7.60
N LEU A 1002 -17.05 -5.32 -8.58
CA LEU A 1002 -17.45 -6.70 -8.80
C LEU A 1002 -16.27 -7.61 -8.53
N VAL A 1003 -16.53 -8.74 -7.90
CA VAL A 1003 -15.50 -9.75 -7.66
C VAL A 1003 -16.04 -11.07 -8.19
N LEU A 1004 -15.43 -11.56 -9.26
CA LEU A 1004 -15.77 -12.85 -9.83
C LEU A 1004 -14.93 -13.92 -9.15
N VAL A 1005 -15.50 -15.11 -8.99
CA VAL A 1005 -14.77 -16.26 -8.45
C VAL A 1005 -15.01 -17.44 -9.36
N ILE A 1006 -13.93 -18.02 -9.87
CA ILE A 1006 -14.02 -19.13 -10.81
C ILE A 1006 -13.30 -20.33 -10.21
N GLY A 1007 -14.06 -21.31 -9.76
CA GLY A 1007 -13.51 -22.59 -9.35
C GLY A 1007 -12.80 -22.63 -8.02
N ALA A 1008 -12.33 -21.49 -7.50
CA ALA A 1008 -11.57 -21.47 -6.26
C ALA A 1008 -12.49 -21.68 -5.08
N ASN A 1009 -12.30 -22.79 -4.37
CA ASN A 1009 -13.15 -23.15 -3.24
C ASN A 1009 -12.46 -23.03 -1.90
N ASP A 1010 -11.14 -23.19 -1.85
CA ASP A 1010 -10.44 -23.29 -0.59
C ASP A 1010 -9.69 -22.03 -0.21
N THR A 1011 -9.40 -21.16 -1.17
CA THR A 1011 -8.61 -19.97 -0.92
C THR A 1011 -9.42 -18.70 -0.87
N VAL A 1012 -10.75 -18.80 -0.81
CA VAL A 1012 -11.58 -17.61 -0.65
C VAL A 1012 -12.55 -17.81 0.50
N ASN A 1013 -12.18 -18.62 1.48
CA ASN A 1013 -13.09 -18.83 2.59
C ASN A 1013 -12.93 -17.71 3.62
N SER A 1014 -13.90 -17.62 4.53
CA SER A 1014 -13.79 -16.74 5.69
C SER A 1014 -13.75 -17.52 7.00
N ALA A 1015 -13.76 -18.85 6.92
CA ALA A 1015 -13.50 -19.66 8.10
C ALA A 1015 -12.06 -19.52 8.58
N ALA A 1016 -11.15 -19.12 7.69
CA ALA A 1016 -9.79 -18.79 8.07
C ALA A 1016 -9.69 -17.47 8.83
N GLN A 1017 -10.73 -16.66 8.81
CA GLN A 1017 -10.73 -15.41 9.55
C GLN A 1017 -11.61 -15.44 10.79
N GLU A 1018 -12.68 -16.24 10.81
CA GLU A 1018 -13.68 -16.07 11.84
C GLU A 1018 -13.93 -17.32 12.70
N ASP A 1019 -13.35 -18.47 12.37
CA ASP A 1019 -13.51 -19.66 13.19
C ASP A 1019 -12.17 -20.17 13.69
N PRO A 1020 -11.97 -20.31 14.99
CA PRO A 1020 -10.74 -20.94 15.48
C PRO A 1020 -10.89 -22.45 15.65
N ASN A 1021 -11.91 -23.05 15.05
CA ASN A 1021 -12.09 -24.48 15.15
C ASN A 1021 -11.97 -25.21 13.83
N SER A 1022 -12.09 -24.53 12.70
CA SER A 1022 -12.07 -25.20 11.41
C SER A 1022 -10.64 -25.60 11.04
N ILE A 1023 -10.54 -26.38 9.97
CA ILE A 1023 -9.24 -26.93 9.56
C ILE A 1023 -8.34 -25.84 9.03
N ILE A 1024 -8.91 -24.85 8.34
CA ILE A 1024 -8.13 -23.89 7.61
C ILE A 1024 -7.89 -22.61 8.41
N ALA A 1025 -8.00 -22.68 9.73
CA ALA A 1025 -7.90 -21.49 10.55
C ALA A 1025 -6.48 -20.97 10.58
N GLY A 1026 -6.29 -19.74 10.10
CA GLY A 1026 -4.98 -19.13 10.04
C GLY A 1026 -4.37 -19.09 8.67
N MET A 1027 -4.95 -19.80 7.72
CA MET A 1027 -4.50 -19.79 6.34
C MET A 1027 -4.78 -18.43 5.71
N PRO A 1028 -3.77 -17.69 5.27
CA PRO A 1028 -4.02 -16.36 4.71
C PRO A 1028 -4.64 -16.42 3.33
N VAL A 1029 -5.93 -16.11 3.26
CA VAL A 1029 -6.70 -16.22 2.04
C VAL A 1029 -7.07 -14.83 1.55
N LEU A 1030 -7.59 -14.78 0.33
CA LEU A 1030 -8.05 -13.53 -0.24
C LEU A 1030 -9.27 -13.05 0.53
N GLU A 1031 -9.42 -11.74 0.66
CA GLU A 1031 -10.55 -11.17 1.38
C GLU A 1031 -11.61 -10.73 0.38
N VAL A 1032 -12.15 -11.70 -0.34
CA VAL A 1032 -13.08 -11.42 -1.43
C VAL A 1032 -14.47 -10.99 -0.97
N TRP A 1033 -14.78 -11.11 0.31
CA TRP A 1033 -16.08 -10.70 0.80
C TRP A 1033 -16.11 -9.22 1.16
N LYS A 1034 -15.06 -8.47 0.85
CA LYS A 1034 -14.96 -7.06 1.19
C LYS A 1034 -15.52 -6.15 0.10
N SER A 1035 -16.40 -6.66 -0.73
CA SER A 1035 -16.76 -5.95 -1.96
C SER A 1035 -18.27 -5.74 -2.04
N LYS A 1036 -18.73 -5.33 -3.21
CA LYS A 1036 -20.12 -4.93 -3.40
C LYS A 1036 -20.99 -6.06 -3.92
N GLN A 1037 -20.47 -6.91 -4.79
CA GLN A 1037 -21.22 -8.05 -5.31
C GLN A 1037 -20.23 -9.13 -5.71
N VAL A 1038 -20.56 -10.39 -5.39
CA VAL A 1038 -19.69 -11.53 -5.64
C VAL A 1038 -20.44 -12.50 -6.54
N ILE A 1039 -19.77 -13.02 -7.56
CA ILE A 1039 -20.28 -14.11 -8.39
C ILE A 1039 -19.41 -15.32 -8.12
N VAL A 1040 -19.98 -16.52 -8.21
CA VAL A 1040 -19.22 -17.75 -8.06
C VAL A 1040 -19.67 -18.69 -9.17
N MET A 1041 -18.71 -19.29 -9.89
CA MET A 1041 -18.99 -20.27 -10.93
C MET A 1041 -18.70 -21.66 -10.37
N LYS A 1042 -19.73 -22.36 -9.93
CA LYS A 1042 -19.55 -23.69 -9.34
C LYS A 1042 -20.65 -24.61 -9.84
N ARG A 1043 -20.29 -25.89 -10.07
CA ARG A 1043 -21.22 -26.82 -10.69
C ARG A 1043 -22.38 -27.26 -9.79
N SER A 1044 -22.31 -27.04 -8.48
CA SER A 1044 -23.41 -27.44 -7.62
C SER A 1044 -23.50 -26.49 -6.43
N LEU A 1045 -24.23 -26.91 -5.40
CA LEU A 1045 -24.62 -26.06 -4.29
C LEU A 1045 -23.87 -26.34 -3.00
N GLY A 1046 -23.72 -27.59 -2.61
CA GLY A 1046 -23.02 -27.92 -1.38
C GLY A 1046 -22.72 -29.40 -1.20
N VAL A 1052 -15.42 -28.02 3.57
CA VAL A 1052 -16.44 -28.51 2.66
C VAL A 1052 -17.54 -27.46 2.45
N ASP A 1053 -17.67 -26.54 3.42
CA ASP A 1053 -18.60 -25.43 3.34
C ASP A 1053 -17.84 -24.15 3.64
N ASN A 1054 -18.18 -23.08 2.94
CA ASN A 1054 -17.52 -21.79 3.11
C ASN A 1054 -18.60 -20.74 3.28
N PRO A 1055 -18.58 -19.95 4.35
CA PRO A 1055 -19.63 -18.95 4.57
C PRO A 1055 -19.57 -17.70 3.69
N ILE A 1056 -18.73 -17.67 2.65
CA ILE A 1056 -18.93 -16.68 1.59
C ILE A 1056 -20.11 -17.06 0.70
N PHE A 1057 -20.57 -18.29 0.79
CA PHE A 1057 -21.76 -18.69 0.08
C PHE A 1057 -23.00 -18.02 0.66
N TYR A 1058 -22.98 -17.72 1.95
CA TYR A 1058 -24.17 -17.31 2.68
C TYR A 1058 -23.92 -15.89 3.16
N LYS A 1059 -24.12 -14.92 2.27
CA LYS A 1059 -23.84 -13.51 2.50
C LYS A 1059 -24.96 -12.74 1.81
N PRO A 1060 -25.13 -11.43 2.03
CA PRO A 1060 -26.15 -10.73 1.24
C PRO A 1060 -25.75 -10.52 -0.20
N ASN A 1061 -24.45 -10.47 -0.50
CA ASN A 1061 -23.97 -10.18 -1.85
C ASN A 1061 -23.13 -11.34 -2.37
N THR A 1062 -23.80 -12.37 -2.88
CA THR A 1062 -23.13 -13.52 -3.47
C THR A 1062 -24.14 -14.25 -4.36
N ALA A 1063 -23.77 -14.47 -5.60
CA ALA A 1063 -24.56 -15.29 -6.50
C ALA A 1063 -23.86 -16.63 -6.69
N MET A 1064 -24.49 -17.51 -7.46
CA MET A 1064 -23.90 -18.79 -7.84
C MET A 1064 -24.36 -19.14 -9.25
N LEU A 1065 -23.46 -19.05 -10.22
CA LEU A 1065 -23.77 -19.57 -11.54
C LEU A 1065 -23.60 -21.08 -11.52
N LEU A 1066 -24.48 -21.77 -12.24
CA LEU A 1066 -24.47 -23.23 -12.28
C LEU A 1066 -24.12 -23.71 -13.68
N GLY A 1067 -23.45 -24.86 -13.75
CA GLY A 1067 -23.14 -25.50 -15.01
C GLY A 1067 -21.67 -25.78 -15.15
N ASP A 1068 -21.32 -26.38 -16.30
CA ASP A 1068 -19.93 -26.65 -16.62
C ASP A 1068 -19.16 -25.36 -16.80
N ALA A 1069 -17.89 -25.38 -16.36
CA ALA A 1069 -17.09 -24.16 -16.28
C ALA A 1069 -16.76 -23.63 -17.66
N LYS A 1070 -16.37 -24.51 -18.58
CA LYS A 1070 -16.13 -24.09 -19.96
C LYS A 1070 -17.43 -23.65 -20.63
N LYS A 1071 -18.52 -24.41 -20.40
CA LYS A 1071 -19.82 -24.10 -20.96
C LYS A 1071 -20.42 -22.83 -20.35
N THR A 1072 -19.99 -22.43 -19.15
CA THR A 1072 -20.41 -21.15 -18.62
C THR A 1072 -19.57 -20.01 -19.19
N CYS A 1073 -18.25 -20.22 -19.25
CA CYS A 1073 -17.36 -19.13 -19.63
C CYS A 1073 -17.49 -18.75 -21.10
N ASP A 1074 -17.74 -19.73 -21.98
CA ASP A 1074 -17.92 -19.34 -23.38
C ASP A 1074 -19.27 -18.68 -23.60
N ALA A 1075 -20.25 -18.99 -22.77
CA ALA A 1075 -21.50 -18.25 -22.79
C ALA A 1075 -21.30 -16.82 -22.33
N LEU A 1076 -20.45 -16.62 -21.30
CA LEU A 1076 -20.10 -15.28 -20.85
C LEU A 1076 -19.44 -14.45 -21.96
N GLN A 1077 -18.44 -15.04 -22.64
CA GLN A 1077 -17.78 -14.29 -23.70
C GLN A 1077 -18.67 -14.13 -24.91
N ALA A 1078 -19.62 -15.06 -25.12
CA ALA A 1078 -20.58 -14.91 -26.21
C ALA A 1078 -21.50 -13.72 -25.96
N LYS A 1079 -22.02 -13.61 -24.74
CA LYS A 1079 -22.91 -12.50 -24.39
C LYS A 1079 -22.17 -11.16 -24.44
N VAL A 1080 -20.91 -11.14 -24.02
CA VAL A 1080 -20.13 -9.91 -24.14
C VAL A 1080 -19.88 -9.55 -25.59
N ARG A 1081 -19.54 -10.53 -26.42
CA ARG A 1081 -19.22 -10.25 -27.82
C ARG A 1081 -20.45 -9.83 -28.61
N GLU A 1082 -21.62 -10.36 -28.28
CA GLU A 1082 -22.83 -9.97 -28.98
C GLU A 1082 -23.59 -8.87 -28.25
N SER A 1083 -23.05 -8.33 -27.16
CA SER A 1083 -23.73 -7.28 -26.42
C SER A 1083 -22.92 -5.99 -26.33
N TYR A 1084 -21.83 -5.89 -27.11
CA TYR A 1084 -20.93 -4.74 -27.04
C TYR A 1084 -20.44 -4.21 -28.37
N GLN A 1085 -21.02 -4.63 -29.49
CA GLN A 1085 -20.57 -4.12 -30.78
C GLN A 1085 -21.51 -3.04 -31.29
N VAL B 48 0.97 64.68 -1.49
CA VAL B 48 -0.14 64.29 -0.63
C VAL B 48 -1.08 63.36 -1.36
N LYS B 49 -1.65 62.41 -0.65
CA LYS B 49 -2.61 61.50 -1.27
C LYS B 49 -3.97 62.17 -1.39
N PRO B 50 -4.63 62.06 -2.55
CA PRO B 50 -5.94 62.69 -2.74
C PRO B 50 -7.13 61.88 -2.25
N GLY B 51 -6.90 60.81 -1.49
CA GLY B 51 -7.98 60.00 -0.97
C GLY B 51 -8.48 60.54 0.35
N ILE B 52 -9.78 60.83 0.40
CA ILE B 52 -10.42 61.43 1.57
C ILE B 52 -10.45 60.40 2.69
N PRO B 53 -10.59 60.84 3.95
CA PRO B 53 -10.49 59.89 5.07
C PRO B 53 -11.67 58.93 5.12
N TYR B 54 -11.36 57.67 5.41
CA TYR B 54 -12.38 56.63 5.45
C TYR B 54 -13.33 56.81 6.62
N LYS B 55 -12.92 57.53 7.66
CA LYS B 55 -13.86 57.87 8.73
C LYS B 55 -14.93 58.84 8.25
N GLN B 56 -14.62 59.65 7.24
CA GLN B 56 -15.65 60.43 6.56
C GLN B 56 -16.43 59.60 5.55
N LEU B 57 -15.95 58.41 5.20
CA LEU B 57 -16.65 57.54 4.28
C LEU B 57 -17.63 56.64 5.05
N THR B 58 -18.87 56.60 4.55
CA THR B 58 -19.95 55.91 5.25
C THR B 58 -20.58 54.92 4.29
N VAL B 59 -20.54 53.64 4.65
CA VAL B 59 -21.20 52.61 3.88
C VAL B 59 -22.64 52.48 4.36
N GLY B 60 -23.50 51.93 3.50
CA GLY B 60 -24.90 51.78 3.83
C GLY B 60 -25.49 50.47 3.41
N VAL B 61 -26.19 49.81 4.32
CA VAL B 61 -26.86 48.54 4.06
C VAL B 61 -28.37 48.77 4.13
N PRO B 62 -29.05 48.85 2.99
CA PRO B 62 -30.49 49.11 3.00
C PRO B 62 -31.33 47.85 3.00
N LYS B 63 -32.65 47.99 3.15
CA LYS B 63 -33.56 46.86 3.18
C LYS B 63 -33.79 46.32 1.76
N GLU B 64 -34.51 45.20 1.70
CA GLU B 64 -34.78 44.51 0.45
C GLU B 64 -36.14 44.95 -0.08
N ILE B 65 -36.17 45.42 -1.32
CA ILE B 65 -37.41 45.83 -1.97
C ILE B 65 -37.85 44.89 -3.08
N PHE B 66 -36.97 44.01 -3.55
CA PHE B 66 -37.33 43.05 -4.58
C PHE B 66 -38.10 41.89 -3.98
N GLN B 67 -38.97 41.30 -4.80
CA GLN B 67 -39.78 40.17 -4.34
C GLN B 67 -38.92 38.94 -4.16
N ASN B 68 -39.10 38.26 -3.02
CA ASN B 68 -38.36 37.05 -2.62
C ASN B 68 -36.86 37.29 -2.58
N GLU B 69 -36.46 38.48 -2.17
CA GLU B 69 -35.05 38.83 -2.01
C GLU B 69 -34.66 38.53 -0.58
N LYS B 70 -34.03 37.38 -0.37
CA LYS B 70 -33.74 36.90 0.98
C LYS B 70 -32.26 36.95 1.34
N ARG B 71 -31.35 36.92 0.38
CA ARG B 71 -29.93 37.01 0.68
C ARG B 71 -29.57 38.43 1.12
N VAL B 72 -28.46 38.52 1.83
CA VAL B 72 -27.96 39.81 2.31
C VAL B 72 -26.61 40.10 1.65
N ALA B 73 -26.24 41.37 1.66
CA ALA B 73 -24.97 41.79 1.07
C ALA B 73 -23.85 41.82 2.11
N LEU B 74 -24.17 42.18 3.35
CA LEU B 74 -23.17 42.31 4.40
C LEU B 74 -23.64 41.55 5.64
N SER B 75 -22.73 40.79 6.24
CA SER B 75 -23.00 40.06 7.47
C SER B 75 -22.53 40.86 8.66
N PRO B 76 -22.74 40.37 9.88
CA PRO B 76 -22.02 40.98 11.02
C PRO B 76 -20.53 40.72 10.94
N ALA B 77 -20.14 39.49 10.56
CA ALA B 77 -18.75 39.24 10.21
C ALA B 77 -18.35 40.03 8.97
N GLY B 78 -19.30 40.30 8.08
CA GLY B 78 -19.09 41.27 7.02
C GLY B 78 -19.13 42.71 7.48
N VAL B 79 -19.75 42.99 8.63
CA VAL B 79 -19.70 44.33 9.20
C VAL B 79 -18.41 44.56 9.99
N GLN B 80 -17.65 43.50 10.28
CA GLN B 80 -16.39 43.65 10.98
C GLN B 80 -15.35 44.35 10.09
N ALA B 81 -15.03 43.74 8.94
CA ALA B 81 -14.11 44.35 8.01
C ALA B 81 -14.78 45.54 7.32
N LEU B 82 -13.93 46.44 6.81
CA LEU B 82 -14.21 47.71 6.12
C LEU B 82 -14.72 48.78 7.07
N VAL B 83 -15.01 48.42 8.32
CA VAL B 83 -15.07 49.36 9.43
C VAL B 83 -13.79 49.13 10.19
N LYS B 84 -13.30 47.88 10.14
CA LYS B 84 -11.92 47.61 10.50
C LYS B 84 -10.95 48.26 9.53
N GLN B 85 -11.32 48.33 8.24
CA GLN B 85 -10.47 49.03 7.28
C GLN B 85 -10.75 50.53 7.27
N GLY B 86 -11.93 50.95 7.74
CA GLY B 86 -12.11 52.35 8.04
C GLY B 86 -13.42 53.03 7.74
N PHE B 87 -14.24 52.47 6.85
CA PHE B 87 -15.46 53.17 6.47
C PHE B 87 -16.52 53.06 7.56
N ASN B 88 -17.36 54.08 7.64
CA ASN B 88 -18.46 54.08 8.60
C ASN B 88 -19.58 53.19 8.07
N VAL B 89 -20.37 52.64 8.99
CA VAL B 89 -21.41 51.69 8.64
C VAL B 89 -22.71 52.11 9.31
N VAL B 90 -23.75 52.33 8.52
CA VAL B 90 -25.09 52.63 8.99
C VAL B 90 -26.04 51.61 8.38
N VAL B 91 -26.82 50.93 9.23
CA VAL B 91 -27.65 49.81 8.80
C VAL B 91 -29.12 50.16 9.01
N GLU B 92 -29.96 49.55 8.18
CA GLU B 92 -31.41 49.71 8.29
C GLU B 92 -31.97 48.74 9.34
N SER B 93 -33.30 48.77 9.49
CA SER B 93 -33.95 47.93 10.49
C SER B 93 -33.99 46.47 10.04
N GLY B 94 -34.67 46.19 8.93
CA GLY B 94 -34.82 44.84 8.45
C GLY B 94 -33.92 44.50 7.28
N ALA B 95 -32.84 43.77 7.54
CA ALA B 95 -31.92 43.37 6.48
C ALA B 95 -31.64 41.88 6.45
N GLY B 96 -31.57 41.23 7.61
CA GLY B 96 -31.21 39.82 7.66
C GLY B 96 -32.10 38.96 8.53
N GLU B 97 -33.35 39.38 8.72
CA GLU B 97 -34.28 38.59 9.52
C GLU B 97 -34.66 37.30 8.80
N ALA B 98 -34.82 37.37 7.47
CA ALA B 98 -35.03 36.15 6.71
C ALA B 98 -33.73 35.37 6.53
N SER B 99 -32.59 36.06 6.63
CA SER B 99 -31.28 35.44 6.44
C SER B 99 -30.67 34.95 7.74
N LYS B 100 -31.48 34.89 8.82
CA LYS B 100 -31.06 34.45 10.15
C LYS B 100 -29.90 35.28 10.68
N PHE B 101 -30.02 36.60 10.54
CA PHE B 101 -29.00 37.54 11.03
C PHE B 101 -29.72 38.66 11.76
N SER B 102 -29.63 38.65 13.09
CA SER B 102 -30.27 39.69 13.88
C SER B 102 -29.54 41.02 13.73
N ASP B 103 -30.30 42.11 13.86
CA ASP B 103 -29.73 43.44 13.74
C ASP B 103 -28.86 43.82 14.93
N ASP B 104 -29.06 43.16 16.08
CA ASP B 104 -28.19 43.40 17.23
C ASP B 104 -26.78 42.88 16.98
N HIS B 105 -26.65 41.81 16.19
CA HIS B 105 -25.32 41.29 15.86
C HIS B 105 -24.56 42.26 14.97
N TYR B 106 -25.24 42.89 14.02
CA TYR B 106 -24.58 43.92 13.21
C TYR B 106 -24.35 45.19 14.02
N ARG B 107 -25.20 45.48 15.01
CA ARG B 107 -25.01 46.64 15.85
C ARG B 107 -23.79 46.48 16.75
N ALA B 108 -23.57 45.27 17.27
CA ALA B 108 -22.39 44.99 18.08
C ALA B 108 -21.16 44.70 17.24
N ALA B 109 -21.34 44.39 15.95
CA ALA B 109 -20.21 44.14 15.06
C ALA B 109 -19.60 45.41 14.50
N GLY B 110 -20.23 46.56 14.72
CA GLY B 110 -19.71 47.83 14.23
C GLY B 110 -20.68 48.65 13.41
N ALA B 111 -21.75 48.06 12.87
CA ALA B 111 -22.70 48.84 12.11
C ALA B 111 -23.62 49.61 13.05
N GLN B 112 -24.25 50.65 12.52
CA GLN B 112 -25.06 51.55 13.33
C GLN B 112 -26.49 51.49 12.83
N ILE B 113 -27.44 51.57 13.77
CA ILE B 113 -28.85 51.58 13.42
C ILE B 113 -29.19 52.95 12.83
N GLN B 114 -29.65 52.96 11.59
CA GLN B 114 -30.07 54.19 10.93
C GLN B 114 -31.46 54.00 10.34
N GLY B 115 -31.92 54.97 9.57
CA GLY B 115 -33.21 54.86 8.89
C GLY B 115 -33.09 54.07 7.61
N ALA B 116 -33.94 54.40 6.65
CA ALA B 116 -33.88 53.80 5.33
C ALA B 116 -33.64 54.81 4.22
N LYS B 117 -34.22 56.01 4.32
CA LYS B 117 -33.92 57.06 3.36
C LYS B 117 -32.49 57.57 3.53
N GLU B 118 -32.03 57.68 4.78
CA GLU B 118 -30.68 58.12 5.08
C GLU B 118 -29.69 56.96 5.11
N VAL B 119 -30.13 55.74 4.82
CA VAL B 119 -29.20 54.61 4.73
C VAL B 119 -28.56 54.53 3.36
N LEU B 120 -29.38 54.56 2.31
CA LEU B 120 -28.84 54.55 0.95
C LEU B 120 -28.26 55.90 0.55
N ALA B 121 -28.66 56.97 1.22
CA ALA B 121 -28.10 58.31 0.95
C ALA B 121 -26.88 58.58 1.82
N SER B 122 -25.91 57.67 1.75
CA SER B 122 -24.64 57.79 2.46
C SER B 122 -23.53 57.96 1.44
N ASP B 123 -22.28 57.92 1.94
CA ASP B 123 -21.13 58.02 1.04
C ASP B 123 -20.96 56.74 0.23
N LEU B 124 -21.44 55.61 0.74
CA LEU B 124 -21.49 54.37 -0.01
C LEU B 124 -22.82 53.67 0.27
N VAL B 125 -23.48 53.21 -0.78
CA VAL B 125 -24.71 52.44 -0.67
C VAL B 125 -24.43 51.04 -1.20
N VAL B 126 -24.81 50.02 -0.42
CA VAL B 126 -24.50 48.64 -0.74
C VAL B 126 -25.80 47.86 -0.81
N LYS B 127 -26.08 47.30 -1.99
CA LYS B 127 -27.16 46.35 -2.19
C LYS B 127 -26.62 45.12 -2.92
N VAL B 128 -27.39 44.05 -2.90
CA VAL B 128 -27.02 42.86 -3.67
C VAL B 128 -27.55 42.90 -5.09
N ARG B 129 -28.44 43.85 -5.40
CA ARG B 129 -29.01 44.00 -6.73
C ARG B 129 -29.06 45.48 -7.08
N ALA B 130 -29.51 45.77 -8.29
CA ALA B 130 -29.58 47.13 -8.76
C ALA B 130 -30.75 47.86 -8.10
N PRO B 131 -30.72 49.19 -8.11
CA PRO B 131 -31.87 49.96 -7.60
C PRO B 131 -33.01 49.95 -8.61
N MET B 132 -34.22 49.78 -8.09
CA MET B 132 -35.42 49.73 -8.92
C MET B 132 -36.48 50.62 -8.28
N LEU B 133 -37.69 50.54 -8.81
CA LEU B 133 -38.80 51.32 -8.25
C LEU B 133 -39.21 50.73 -6.91
N ASN B 134 -38.84 51.40 -5.82
CA ASN B 134 -39.09 50.88 -4.49
C ASN B 134 -40.55 51.11 -4.13
N PRO B 135 -41.40 50.09 -4.15
CA PRO B 135 -42.80 50.27 -3.76
C PRO B 135 -43.01 50.43 -2.26
N THR B 136 -41.97 50.22 -1.45
CA THR B 136 -42.05 50.55 -0.03
C THR B 136 -42.10 52.05 0.18
N LEU B 137 -41.30 52.80 -0.58
CA LEU B 137 -41.32 54.25 -0.54
C LEU B 137 -42.18 54.87 -1.64
N GLY B 138 -42.44 54.12 -2.72
CA GLY B 138 -43.26 54.63 -3.80
C GLY B 138 -42.52 55.36 -4.89
N ILE B 139 -41.19 55.41 -4.84
CA ILE B 139 -40.38 56.04 -5.86
C ILE B 139 -39.24 55.10 -6.23
N HIS B 140 -38.46 55.51 -7.23
CA HIS B 140 -37.28 54.73 -7.61
C HIS B 140 -36.23 54.84 -6.52
N GLU B 141 -35.49 53.74 -6.33
CA GLU B 141 -34.46 53.71 -5.28
C GLU B 141 -33.27 54.59 -5.61
N ALA B 142 -33.06 54.92 -6.89
CA ALA B 142 -32.04 55.89 -7.25
C ALA B 142 -32.47 57.32 -6.95
N ASP B 143 -33.76 57.56 -6.69
CA ASP B 143 -34.24 58.89 -6.34
C ASP B 143 -34.16 59.18 -4.86
N LEU B 144 -33.68 58.25 -4.04
CA LEU B 144 -33.60 58.43 -2.60
C LEU B 144 -32.18 58.51 -2.06
N LEU B 145 -31.17 58.23 -2.87
CA LEU B 145 -29.80 58.26 -2.43
C LEU B 145 -29.20 59.65 -2.62
N LYS B 146 -27.93 59.80 -2.28
CA LYS B 146 -27.22 61.06 -2.43
C LYS B 146 -26.79 61.25 -3.89
N THR B 147 -26.11 62.35 -4.15
CA THR B 147 -25.67 62.65 -5.52
C THR B 147 -24.44 61.83 -5.89
N SER B 148 -23.34 62.04 -5.18
CA SER B 148 -22.09 61.33 -5.46
C SER B 148 -21.98 60.11 -4.55
N GLY B 149 -22.79 59.11 -4.87
CA GLY B 149 -22.77 57.86 -4.13
C GLY B 149 -21.67 56.92 -4.59
N THR B 150 -21.67 55.73 -4.00
CA THR B 150 -20.73 54.68 -4.35
C THR B 150 -21.50 53.37 -4.48
N LEU B 151 -21.51 52.80 -5.68
CA LEU B 151 -22.37 51.68 -6.01
C LEU B 151 -21.53 50.46 -6.36
N ILE B 152 -21.78 49.36 -5.64
CA ILE B 152 -21.22 48.06 -5.99
C ILE B 152 -22.30 47.01 -5.77
N SER B 153 -22.94 46.58 -6.86
CA SER B 153 -24.08 45.66 -6.77
C SER B 153 -24.18 44.89 -8.07
N PHE B 154 -25.18 44.02 -8.13
CA PHE B 154 -25.53 43.36 -9.38
C PHE B 154 -26.21 44.37 -10.30
N ILE B 155 -25.57 44.69 -11.43
CA ILE B 155 -26.09 45.72 -12.32
C ILE B 155 -26.58 45.09 -13.62
N TYR B 156 -25.66 44.42 -14.34
CA TYR B 156 -25.82 43.92 -15.70
C TYR B 156 -26.31 45.06 -16.60
N PRO B 157 -25.48 46.07 -16.84
CA PRO B 157 -25.98 47.29 -17.48
C PRO B 157 -26.30 47.12 -18.95
N ALA B 158 -25.80 46.07 -19.60
CA ALA B 158 -26.29 45.72 -20.93
C ALA B 158 -27.75 45.31 -20.90
N GLN B 159 -28.20 44.72 -19.80
CA GLN B 159 -29.62 44.49 -19.55
C GLN B 159 -30.23 45.56 -18.66
N ASN B 160 -29.43 46.49 -18.14
CA ASN B 160 -29.91 47.57 -17.29
C ASN B 160 -29.54 48.90 -17.94
N PRO B 161 -30.06 49.17 -19.14
CA PRO B 161 -29.76 50.45 -19.79
C PRO B 161 -30.56 51.60 -19.20
N ASP B 162 -31.81 51.33 -18.86
CA ASP B 162 -32.64 52.35 -18.23
C ASP B 162 -32.21 52.59 -16.78
N LEU B 163 -31.73 51.55 -16.11
CA LEU B 163 -31.12 51.73 -14.80
C LEU B 163 -29.81 52.52 -14.92
N LEU B 164 -29.09 52.33 -16.03
CA LEU B 164 -27.91 53.15 -16.27
C LEU B 164 -28.29 54.61 -16.51
N ASN B 165 -29.42 54.85 -17.18
CA ASN B 165 -29.87 56.22 -17.40
C ASN B 165 -30.33 56.86 -16.09
N LYS B 166 -31.02 56.10 -15.24
CA LYS B 166 -31.43 56.60 -13.94
C LYS B 166 -30.25 56.81 -13.01
N LEU B 167 -29.17 56.04 -13.20
CA LEU B 167 -27.96 56.26 -12.41
C LEU B 167 -27.17 57.46 -12.91
N SER B 168 -27.14 57.69 -14.22
CA SER B 168 -26.48 58.86 -14.77
C SER B 168 -27.24 60.13 -14.42
N LYS B 169 -28.56 60.05 -14.25
CA LYS B 169 -29.33 61.19 -13.78
C LYS B 169 -29.05 61.51 -12.32
N ARG B 170 -28.60 60.53 -11.54
CA ARG B 170 -28.22 60.78 -10.15
C ARG B 170 -26.77 61.19 -9.98
N ASN B 171 -25.96 61.02 -11.03
CA ASN B 171 -24.54 61.39 -11.08
C ASN B 171 -23.73 60.69 -9.98
N THR B 172 -23.87 59.38 -9.93
CA THR B 172 -23.17 58.54 -8.97
C THR B 172 -22.15 57.65 -9.69
N THR B 173 -21.17 57.18 -8.92
CA THR B 173 -20.09 56.33 -9.43
C THR B 173 -20.41 54.89 -9.09
N VAL B 174 -20.42 54.03 -10.11
CA VAL B 174 -20.89 52.66 -9.96
C VAL B 174 -19.80 51.70 -10.39
N LEU B 175 -19.40 50.83 -9.48
CA LEU B 175 -18.57 49.67 -9.79
C LEU B 175 -19.47 48.45 -9.94
N ALA B 176 -19.13 47.59 -10.89
CA ALA B 176 -19.99 46.45 -11.24
C ALA B 176 -19.43 45.17 -10.66
N MET B 177 -20.21 44.51 -9.80
CA MET B 177 -19.83 43.22 -9.27
C MET B 177 -20.02 42.10 -10.29
N ASP B 178 -20.96 42.25 -11.22
CA ASP B 178 -21.19 41.21 -12.22
C ASP B 178 -20.13 41.24 -13.32
N GLN B 179 -19.56 42.42 -13.59
CA GLN B 179 -18.61 42.57 -14.68
C GLN B 179 -17.17 42.31 -14.27
N VAL B 180 -16.94 41.65 -13.15
CA VAL B 180 -15.59 41.27 -12.75
C VAL B 180 -15.14 40.13 -13.66
N PRO B 181 -14.10 40.31 -14.46
CA PRO B 181 -13.67 39.26 -15.38
C PRO B 181 -12.95 38.14 -14.65
N ARG B 182 -12.85 37.00 -15.35
CA ARG B 182 -12.27 35.79 -14.78
C ARG B 182 -10.76 35.94 -14.74
N VAL B 183 -10.27 36.50 -13.64
CA VAL B 183 -8.84 36.74 -13.47
C VAL B 183 -8.34 35.96 -12.26
N THR B 184 -7.02 35.73 -12.23
CA THR B 184 -6.41 35.01 -11.13
C THR B 184 -6.26 35.89 -9.90
N ILE B 185 -5.98 37.18 -10.10
CA ILE B 185 -5.95 38.12 -8.98
C ILE B 185 -7.35 38.52 -8.54
N ALA B 186 -8.35 38.35 -9.39
CA ALA B 186 -9.74 38.57 -9.04
C ALA B 186 -10.42 37.31 -8.52
N GLN B 187 -9.64 36.27 -8.22
CA GLN B 187 -10.19 35.02 -7.69
C GLN B 187 -10.67 35.17 -6.26
N GLY B 188 -10.26 36.21 -5.55
CA GLY B 188 -10.83 36.48 -4.24
C GLY B 188 -12.27 36.95 -4.33
N TYR B 189 -12.64 37.59 -5.43
CA TYR B 189 -14.00 38.11 -5.62
C TYR B 189 -14.54 37.60 -6.95
N ASP B 190 -15.21 36.44 -6.90
CA ASP B 190 -15.88 35.86 -8.06
C ASP B 190 -17.31 35.54 -7.63
N ALA B 191 -18.19 36.54 -7.75
CA ALA B 191 -19.54 36.43 -7.20
C ALA B 191 -20.39 35.44 -7.98
N LEU B 192 -20.21 35.38 -9.29
CA LEU B 192 -20.96 34.41 -10.10
C LEU B 192 -20.55 32.99 -9.76
N SER B 193 -19.26 32.78 -9.47
CA SER B 193 -18.79 31.44 -9.15
C SER B 193 -19.30 30.97 -7.79
N SER B 194 -19.30 31.85 -6.80
CA SER B 194 -19.80 31.48 -5.48
C SER B 194 -21.31 31.32 -5.51
N MET B 195 -22.01 32.16 -6.28
CA MET B 195 -23.45 32.00 -6.45
C MET B 195 -23.77 30.69 -7.16
N ALA B 196 -22.94 30.30 -8.13
CA ALA B 196 -23.13 29.04 -8.82
C ALA B 196 -22.87 27.85 -7.90
N ASN B 197 -21.86 27.95 -7.04
CA ASN B 197 -21.58 26.88 -6.10
C ASN B 197 -22.69 26.71 -5.09
N ILE B 198 -23.22 27.83 -4.58
CA ILE B 198 -24.30 27.78 -3.60
C ILE B 198 -25.58 27.28 -4.26
N ALA B 199 -25.84 27.68 -5.50
CA ALA B 199 -27.01 27.20 -6.21
C ALA B 199 -26.88 25.72 -6.56
N GLY B 200 -25.67 25.24 -6.83
CA GLY B 200 -25.49 23.82 -7.10
C GLY B 200 -25.70 22.97 -5.85
N TYR B 201 -25.20 23.44 -4.70
CA TYR B 201 -25.44 22.73 -3.45
C TYR B 201 -26.92 22.73 -3.10
N LYS B 202 -27.60 23.87 -3.28
CA LYS B 202 -29.03 23.92 -3.02
C LYS B 202 -29.83 23.08 -4.01
N ALA B 203 -29.33 22.93 -5.24
CA ALA B 203 -30.03 22.12 -6.23
C ALA B 203 -29.88 20.64 -5.92
N VAL B 204 -28.69 20.22 -5.53
CA VAL B 204 -28.50 18.83 -5.12
C VAL B 204 -29.25 18.55 -3.83
N VAL B 205 -29.45 19.58 -3.01
CA VAL B 205 -30.29 19.42 -1.82
C VAL B 205 -31.76 19.26 -2.21
N LEU B 206 -32.24 20.11 -3.13
CA LEU B 206 -33.62 20.06 -3.58
C LEU B 206 -33.91 18.85 -4.47
N ALA B 207 -32.87 18.12 -4.89
CA ALA B 207 -33.07 16.80 -5.46
C ALA B 207 -33.79 15.89 -4.48
N ALA B 208 -33.37 15.92 -3.22
CA ALA B 208 -34.13 15.27 -2.17
C ALA B 208 -35.44 16.01 -1.95
N ASN B 209 -36.39 15.31 -1.33
CA ASN B 209 -37.81 15.63 -1.25
C ASN B 209 -38.48 15.77 -2.62
N HIS B 210 -37.86 15.22 -3.65
CA HIS B 210 -38.50 15.11 -4.97
C HIS B 210 -38.31 13.70 -5.51
N PHE B 211 -37.25 13.03 -5.09
CA PHE B 211 -36.97 11.67 -5.53
C PHE B 211 -37.36 10.69 -4.43
N GLY B 212 -38.14 9.68 -4.79
CA GLY B 212 -38.71 8.79 -3.80
C GLY B 212 -37.83 7.61 -3.41
N ARG B 213 -36.59 7.61 -3.89
CA ARG B 213 -35.65 6.56 -3.58
C ARG B 213 -34.47 7.15 -2.82
N PHE B 214 -33.80 6.29 -2.07
CA PHE B 214 -32.60 6.71 -1.35
C PHE B 214 -31.49 7.04 -2.33
N PHE B 215 -30.68 8.03 -1.97
CA PHE B 215 -29.66 8.52 -2.90
C PHE B 215 -28.45 7.59 -2.97
N THR B 216 -27.93 7.17 -1.83
CA THR B 216 -26.72 6.34 -1.84
C THR B 216 -27.04 4.88 -2.13
N GLY B 217 -27.80 4.25 -1.26
CA GLY B 217 -28.13 2.84 -1.44
C GLY B 217 -27.09 1.89 -0.90
N GLN B 218 -27.52 0.89 -0.14
CA GLN B 218 -26.61 -0.09 0.44
C GLN B 218 -27.12 -1.49 0.13
N ILE B 219 -26.20 -2.47 0.22
CA ILE B 219 -26.59 -3.87 0.12
C ILE B 219 -26.53 -4.48 1.51
N THR B 220 -27.63 -4.40 2.24
CA THR B 220 -27.73 -5.00 3.56
C THR B 220 -28.41 -6.36 3.41
N ALA B 221 -28.72 -7.00 4.53
CA ALA B 221 -29.39 -8.30 4.49
C ALA B 221 -30.92 -8.15 4.53
N ALA B 222 -31.44 -7.29 3.66
CA ALA B 222 -32.87 -7.20 3.42
C ALA B 222 -33.21 -6.90 1.98
N GLY B 223 -32.21 -6.77 1.10
CA GLY B 223 -32.43 -6.38 -0.27
C GLY B 223 -31.41 -5.36 -0.73
N LYS B 224 -30.89 -5.53 -1.94
CA LYS B 224 -29.89 -4.61 -2.45
C LYS B 224 -30.54 -3.35 -2.96
N VAL B 225 -30.11 -2.21 -2.44
CA VAL B 225 -30.63 -0.90 -2.84
C VAL B 225 -29.74 -0.38 -3.96
N PRO B 226 -30.24 -0.26 -5.18
CA PRO B 226 -29.41 0.20 -6.29
C PRO B 226 -29.17 1.70 -6.18
N PRO B 227 -27.94 2.14 -6.44
CA PRO B 227 -27.67 3.59 -6.42
C PRO B 227 -28.28 4.28 -7.62
N ALA B 228 -28.47 5.59 -7.49
CA ALA B 228 -29.10 6.38 -8.53
C ALA B 228 -28.09 6.82 -9.57
N LYS B 229 -28.61 7.24 -10.72
CA LYS B 229 -27.81 7.78 -11.82
C LYS B 229 -28.22 9.22 -12.05
N ILE B 230 -27.29 10.14 -11.81
CA ILE B 230 -27.57 11.56 -11.94
C ILE B 230 -26.86 12.09 -13.18
N LEU B 231 -27.59 12.88 -13.96
CA LEU B 231 -27.06 13.48 -15.18
C LEU B 231 -26.83 14.96 -14.93
N ILE B 232 -25.57 15.37 -14.99
CA ILE B 232 -25.19 16.77 -14.83
C ILE B 232 -25.05 17.33 -16.24
N VAL B 233 -26.15 17.88 -16.77
CA VAL B 233 -26.17 18.40 -18.13
C VAL B 233 -25.62 19.81 -18.09
N GLY B 234 -24.39 19.98 -18.56
CA GLY B 234 -23.78 21.29 -18.60
C GLY B 234 -22.90 21.56 -17.40
N GLY B 235 -21.58 21.50 -17.60
CA GLY B 235 -20.65 21.71 -16.51
C GLY B 235 -19.87 23.01 -16.61
N GLY B 236 -20.25 23.99 -15.78
CA GLY B 236 -19.43 25.17 -15.63
C GLY B 236 -18.69 25.11 -14.31
N VAL B 237 -19.11 25.95 -13.36
CA VAL B 237 -18.69 25.81 -11.97
C VAL B 237 -19.76 25.10 -11.15
N ALA B 238 -21.02 25.41 -11.42
CA ALA B 238 -22.13 24.79 -10.71
C ALA B 238 -22.25 23.31 -11.05
N GLY B 239 -21.83 22.92 -12.26
CA GLY B 239 -21.77 21.51 -12.58
C GLY B 239 -20.80 20.76 -11.69
N LEU B 240 -19.60 21.31 -11.51
CA LEU B 240 -18.61 20.68 -10.64
C LEU B 240 -19.05 20.71 -9.18
N ALA B 241 -19.72 21.78 -8.77
CA ALA B 241 -20.19 21.90 -7.39
C ALA B 241 -21.28 20.87 -7.08
N SER B 242 -22.29 20.78 -7.96
CA SER B 242 -23.34 19.79 -7.76
C SER B 242 -22.83 18.38 -7.94
N ALA B 243 -21.81 18.18 -8.77
CA ALA B 243 -21.22 16.86 -8.92
C ALA B 243 -20.47 16.45 -7.66
N GLY B 244 -19.80 17.40 -7.02
CA GLY B 244 -19.16 17.11 -5.75
C GLY B 244 -20.18 16.82 -4.66
N ALA B 245 -21.30 17.55 -4.67
CA ALA B 245 -22.37 17.29 -3.70
C ALA B 245 -23.01 15.93 -3.92
N ALA B 246 -23.14 15.50 -5.17
CA ALA B 246 -23.75 14.20 -5.44
C ALA B 246 -22.78 13.06 -5.15
N LYS B 247 -21.50 13.23 -5.50
CA LYS B 247 -20.52 12.20 -5.20
C LYS B 247 -20.27 12.08 -3.71
N SER B 248 -20.44 13.18 -2.96
CA SER B 248 -20.47 13.05 -1.51
C SER B 248 -21.74 12.36 -1.04
N MET B 249 -22.86 12.56 -1.74
CA MET B 249 -24.10 11.93 -1.33
C MET B 249 -24.08 10.43 -1.63
N GLY B 250 -23.37 10.02 -2.67
CA GLY B 250 -23.24 8.60 -2.95
C GLY B 250 -23.82 8.19 -4.28
N ALA B 251 -24.27 9.16 -5.06
CA ALA B 251 -24.87 8.85 -6.35
C ALA B 251 -23.80 8.56 -7.40
N ILE B 252 -24.23 7.97 -8.51
CA ILE B 252 -23.38 7.74 -9.67
C ILE B 252 -23.65 8.86 -10.66
N VAL B 253 -22.68 9.75 -10.83
CA VAL B 253 -22.83 10.93 -11.68
C VAL B 253 -22.16 10.66 -13.01
N ARG B 254 -22.82 11.06 -14.08
CA ARG B 254 -22.32 10.86 -15.44
C ARG B 254 -22.44 12.15 -16.24
N GLY B 255 -21.98 13.25 -15.64
CA GLY B 255 -22.12 14.54 -16.28
C GLY B 255 -21.17 14.72 -17.45
N PHE B 256 -21.59 15.54 -18.41
CA PHE B 256 -20.82 15.80 -19.60
C PHE B 256 -21.12 17.22 -20.08
N ASP B 257 -20.16 17.80 -20.80
CA ASP B 257 -20.31 19.15 -21.30
C ASP B 257 -19.53 19.28 -22.61
N THR B 258 -19.80 20.38 -23.32
CA THR B 258 -19.15 20.60 -24.61
C THR B 258 -17.72 21.07 -24.45
N ARG B 259 -17.40 21.75 -23.35
CA ARG B 259 -16.04 22.23 -23.13
C ARG B 259 -15.12 21.08 -22.77
N ALA B 260 -13.92 21.09 -23.36
CA ALA B 260 -12.97 20.01 -23.14
C ALA B 260 -12.39 20.05 -21.72
N ALA B 261 -12.18 21.24 -21.17
CA ALA B 261 -11.71 21.33 -19.79
C ALA B 261 -12.80 20.92 -18.82
N ALA B 262 -14.07 21.08 -19.21
CA ALA B 262 -15.17 20.63 -18.37
C ALA B 262 -15.21 19.11 -18.27
N LEU B 263 -14.84 18.41 -19.34
CA LEU B 263 -14.77 16.96 -19.30
C LEU B 263 -13.63 16.50 -18.41
N GLU B 264 -12.50 17.21 -18.45
CA GLU B 264 -11.37 16.89 -17.58
C GLU B 264 -11.73 17.12 -16.12
N GLN B 265 -12.44 18.22 -15.83
CA GLN B 265 -12.84 18.48 -14.45
C GLN B 265 -13.91 17.50 -13.98
N PHE B 266 -14.77 17.03 -14.90
CA PHE B 266 -15.80 16.07 -14.53
C PHE B 266 -15.20 14.71 -14.24
N LYS B 267 -14.19 14.30 -15.00
CA LYS B 267 -13.49 13.07 -14.68
C LYS B 267 -12.63 13.22 -13.42
N SER B 268 -12.11 14.43 -13.18
CA SER B 268 -11.31 14.67 -11.98
C SER B 268 -12.17 14.66 -10.73
N LEU B 269 -13.42 15.11 -10.83
CA LEU B 269 -14.35 14.96 -9.72
C LEU B 269 -14.84 13.52 -9.59
N GLY B 270 -14.74 12.75 -10.66
CA GLY B 270 -15.09 11.34 -10.64
C GLY B 270 -16.32 10.94 -11.42
N ALA B 271 -16.83 11.80 -12.30
CA ALA B 271 -18.00 11.44 -13.08
C ALA B 271 -17.58 10.57 -14.26
N GLU B 272 -18.58 10.01 -14.95
CA GLU B 272 -18.32 9.25 -16.17
C GLU B 272 -18.49 10.20 -17.34
N PRO B 273 -17.40 10.64 -17.99
CA PRO B 273 -17.53 11.66 -19.03
C PRO B 273 -18.12 11.07 -20.30
N LEU B 274 -19.36 11.43 -20.59
CA LEU B 274 -20.03 10.96 -21.79
C LEU B 274 -19.49 11.70 -23.00
N GLU B 275 -19.47 11.01 -24.13
CA GLU B 275 -18.91 11.53 -25.37
C GLU B 275 -19.93 11.44 -26.50
N VAL B 276 -19.78 12.34 -27.48
CA VAL B 276 -20.60 12.35 -28.68
C VAL B 276 -19.73 11.92 -29.84
N ASP B 277 -20.37 11.51 -30.93
CA ASP B 277 -19.64 10.99 -32.08
C ASP B 277 -19.07 12.11 -32.94
N LEU B 278 -19.83 13.17 -33.17
CA LEU B 278 -19.34 14.27 -34.00
C LEU B 278 -18.36 15.12 -33.21
N LYS B 279 -17.08 14.76 -33.26
CA LYS B 279 -16.04 15.43 -32.48
C LYS B 279 -15.56 16.66 -33.25
N GLU B 280 -16.36 17.71 -33.14
CA GLU B 280 -16.01 19.00 -33.73
C GLU B 280 -15.00 19.72 -32.84
N SER B 281 -14.63 20.93 -33.25
CA SER B 281 -13.76 21.76 -32.43
C SER B 281 -14.51 22.25 -31.21
N GLY B 282 -13.83 22.26 -30.06
CA GLY B 282 -14.45 22.71 -28.84
C GLY B 282 -14.53 24.23 -28.80
N GLU B 283 -15.72 24.76 -29.03
CA GLU B 283 -15.90 26.20 -29.13
C GLU B 283 -15.91 26.82 -27.73
N GLY B 284 -15.89 28.16 -27.70
CA GLY B 284 -15.93 28.86 -26.43
C GLY B 284 -14.57 29.18 -25.86
N GLN B 285 -13.72 29.82 -26.66
CA GLN B 285 -12.45 30.33 -26.15
C GLN B 285 -12.65 31.68 -25.47
N GLY B 286 -11.92 31.90 -24.38
CA GLY B 286 -12.03 33.14 -23.64
C GLY B 286 -12.87 33.07 -22.37
N GLY B 287 -13.22 31.87 -21.91
CA GLY B 287 -13.98 31.72 -20.68
C GLY B 287 -15.48 31.79 -20.90
N TYR B 288 -15.95 31.17 -21.97
CA TYR B 288 -17.37 31.14 -22.29
C TYR B 288 -17.64 29.88 -23.12
N ALA B 289 -18.82 29.83 -23.74
CA ALA B 289 -19.21 28.70 -24.57
C ALA B 289 -19.86 29.21 -25.85
N LYS B 290 -19.39 28.71 -26.99
CA LYS B 290 -19.91 29.12 -28.28
C LYS B 290 -20.56 27.92 -28.98
N GLU B 291 -21.10 28.16 -30.18
CA GLU B 291 -21.87 27.16 -30.89
C GLU B 291 -21.01 26.50 -31.96
N MET B 292 -20.91 25.17 -31.89
CA MET B 292 -20.26 24.38 -32.94
C MET B 292 -21.29 24.07 -34.03
N SER B 293 -20.95 23.14 -34.92
CA SER B 293 -21.84 22.76 -36.00
C SER B 293 -23.06 22.01 -35.48
N LYS B 294 -24.06 21.87 -36.34
CA LYS B 294 -25.28 21.16 -35.97
C LYS B 294 -25.08 19.66 -35.89
N GLU B 295 -23.98 19.13 -36.45
CA GLU B 295 -23.67 17.72 -36.34
C GLU B 295 -23.33 17.36 -34.89
N PHE B 296 -22.51 18.17 -34.23
CA PHE B 296 -22.21 17.95 -32.82
C PHE B 296 -23.45 18.13 -31.95
N ILE B 297 -24.33 19.05 -32.33
CA ILE B 297 -25.58 19.26 -31.58
C ILE B 297 -26.49 18.05 -31.71
N GLU B 298 -26.61 17.50 -32.91
CA GLU B 298 -27.46 16.32 -33.11
C GLU B 298 -26.86 15.08 -32.46
N ALA B 299 -25.53 14.95 -32.48
CA ALA B 299 -24.88 13.81 -31.83
C ALA B 299 -25.02 13.88 -30.32
N GLU B 300 -24.84 15.07 -29.74
CA GLU B 300 -25.05 15.23 -28.31
C GLU B 300 -26.52 15.06 -27.93
N MET B 301 -27.44 15.45 -28.81
CA MET B 301 -28.86 15.26 -28.55
C MET B 301 -29.23 13.77 -28.56
N LYS B 302 -28.66 13.02 -29.50
CA LYS B 302 -28.89 11.58 -29.54
C LYS B 302 -28.26 10.89 -28.34
N LEU B 303 -27.06 11.32 -27.93
CA LEU B 303 -26.39 10.72 -26.79
C LEU B 303 -27.12 11.02 -25.49
N PHE B 304 -27.65 12.26 -25.36
CA PHE B 304 -28.40 12.62 -24.17
C PHE B 304 -29.76 11.95 -24.14
N ALA B 305 -30.36 11.71 -25.30
CA ALA B 305 -31.62 10.97 -25.31
C ALA B 305 -31.39 9.49 -25.02
N GLN B 306 -30.23 8.96 -25.42
CA GLN B 306 -29.91 7.57 -25.13
C GLN B 306 -29.64 7.37 -23.65
N GLN B 307 -28.84 8.24 -23.05
CA GLN B 307 -28.60 8.18 -21.61
C GLN B 307 -29.80 8.67 -20.80
N CYS B 308 -30.77 9.33 -21.44
CA CYS B 308 -31.98 9.76 -20.76
C CYS B 308 -32.86 8.60 -20.35
N LYS B 309 -32.78 7.48 -21.07
CA LYS B 309 -33.40 6.25 -20.61
C LYS B 309 -32.57 5.54 -19.55
N GLU B 310 -31.36 6.01 -19.27
CA GLU B 310 -30.46 5.37 -18.33
C GLU B 310 -30.38 6.05 -16.97
N VAL B 311 -30.57 7.36 -16.90
CA VAL B 311 -30.46 8.07 -15.64
C VAL B 311 -31.85 8.46 -15.15
N ASP B 312 -31.91 8.94 -13.91
CA ASP B 312 -33.16 9.39 -13.30
C ASP B 312 -33.12 10.81 -12.78
N ILE B 313 -31.94 11.42 -12.63
CA ILE B 313 -31.81 12.79 -12.13
C ILE B 313 -31.22 13.64 -13.25
N LEU B 314 -31.90 14.74 -13.56
CA LEU B 314 -31.49 15.63 -14.65
C LEU B 314 -31.23 17.01 -14.08
N ILE B 315 -29.96 17.42 -14.10
CA ILE B 315 -29.54 18.74 -13.64
C ILE B 315 -29.01 19.51 -14.83
N SER B 316 -29.68 20.61 -15.18
CA SER B 316 -29.32 21.42 -16.34
C SER B 316 -28.65 22.70 -15.85
N THR B 317 -27.38 22.89 -16.24
CA THR B 317 -26.64 24.06 -15.79
C THR B 317 -25.86 24.73 -16.93
N ALA B 318 -26.27 24.52 -18.18
CA ALA B 318 -25.61 25.17 -19.30
C ALA B 318 -26.29 26.50 -19.62
N LEU B 319 -25.48 27.48 -20.03
CA LEU B 319 -26.00 28.80 -20.37
C LEU B 319 -25.08 29.45 -21.39
N ILE B 320 -25.66 29.94 -22.48
CA ILE B 320 -24.91 30.69 -23.48
C ILE B 320 -24.67 32.08 -22.92
N PRO B 321 -23.46 32.62 -23.01
CA PRO B 321 -23.16 33.92 -22.42
C PRO B 321 -23.81 35.05 -23.20
N GLY B 322 -24.74 35.76 -22.56
CA GLY B 322 -25.46 36.83 -23.19
C GLY B 322 -26.56 36.40 -24.12
N LYS B 323 -26.84 35.11 -24.22
CA LYS B 323 -27.88 34.59 -25.09
C LYS B 323 -28.76 33.64 -24.28
N LYS B 324 -29.81 33.14 -24.91
CA LYS B 324 -30.74 32.23 -24.25
C LYS B 324 -30.09 30.87 -24.06
N ALA B 325 -30.75 30.04 -23.26
CA ALA B 325 -30.20 28.72 -22.98
C ALA B 325 -30.38 27.80 -24.18
N PRO B 326 -29.35 27.03 -24.54
CA PRO B 326 -29.48 26.10 -25.66
C PRO B 326 -30.37 24.93 -25.30
N ILE B 327 -31.35 24.65 -26.16
CA ILE B 327 -32.34 23.61 -25.92
C ILE B 327 -31.67 22.25 -26.04
N LEU B 328 -31.42 21.61 -24.89
CA LEU B 328 -30.80 20.30 -24.84
C LEU B 328 -31.77 19.22 -24.39
N PHE B 329 -33.04 19.56 -24.20
CA PHE B 329 -34.06 18.57 -23.85
C PHE B 329 -35.37 18.99 -24.53
N ASN B 330 -35.80 18.19 -25.51
CA ASN B 330 -37.04 18.43 -26.23
C ASN B 330 -38.20 17.83 -25.46
N LYS B 331 -39.36 17.75 -26.13
CA LYS B 331 -40.53 17.15 -25.50
C LYS B 331 -40.36 15.66 -25.32
N GLU B 332 -40.12 14.94 -26.41
CA GLU B 332 -39.88 13.50 -26.32
C GLU B 332 -38.50 13.21 -25.73
N MET B 333 -37.54 14.11 -25.90
CA MET B 333 -36.22 13.91 -25.33
C MET B 333 -36.25 14.02 -23.82
N ILE B 334 -37.19 14.79 -23.27
CA ILE B 334 -37.44 14.75 -21.83
C ILE B 334 -38.37 13.62 -21.43
N GLU B 335 -39.30 13.24 -22.30
CA GLU B 335 -40.23 12.14 -22.02
C GLU B 335 -39.57 10.77 -22.11
N SER B 336 -38.32 10.69 -22.59
CA SER B 336 -37.59 9.43 -22.70
C SER B 336 -37.04 8.96 -21.36
N MET B 337 -37.27 9.70 -20.28
CA MET B 337 -36.84 9.26 -18.96
C MET B 337 -37.92 8.39 -18.32
N LYS B 338 -37.51 7.68 -17.27
CA LYS B 338 -38.46 6.83 -16.55
C LYS B 338 -39.37 7.68 -15.68
N GLU B 339 -40.41 7.03 -15.16
CA GLU B 339 -41.32 7.70 -14.24
C GLU B 339 -40.65 7.90 -12.89
N GLY B 340 -41.07 8.94 -12.18
CA GLY B 340 -40.44 9.31 -10.92
C GLY B 340 -39.17 10.10 -11.08
N SER B 341 -38.79 10.46 -12.29
CA SER B 341 -37.59 11.24 -12.53
C SER B 341 -37.83 12.70 -12.16
N VAL B 342 -36.73 13.46 -12.09
CA VAL B 342 -36.77 14.87 -11.77
C VAL B 342 -35.82 15.60 -12.70
N VAL B 343 -36.29 16.69 -13.29
CA VAL B 343 -35.49 17.52 -14.18
C VAL B 343 -35.51 18.93 -13.62
N VAL B 344 -34.39 19.34 -13.04
CA VAL B 344 -34.22 20.70 -12.52
C VAL B 344 -33.19 21.40 -13.37
N ASP B 345 -33.44 22.67 -13.69
CA ASP B 345 -32.56 23.46 -14.54
C ASP B 345 -32.05 24.65 -13.75
N LEU B 346 -30.73 24.79 -13.67
CA LEU B 346 -30.12 25.92 -13.00
C LEU B 346 -30.14 27.19 -13.82
N ALA B 347 -30.58 27.13 -15.07
CA ALA B 347 -30.67 28.30 -15.95
C ALA B 347 -32.11 28.81 -16.03
N ALA B 348 -32.82 28.78 -14.90
CA ALA B 348 -34.24 29.10 -14.86
C ALA B 348 -34.53 30.55 -15.19
N GLU B 349 -33.56 31.46 -15.03
CA GLU B 349 -33.79 32.84 -15.40
C GLU B 349 -33.82 33.01 -16.91
N ALA B 350 -32.78 32.56 -17.60
CA ALA B 350 -32.70 32.72 -19.05
C ALA B 350 -33.23 31.47 -19.76
N GLY B 351 -34.43 31.08 -19.38
CA GLY B 351 -35.11 29.95 -20.02
C GLY B 351 -34.73 28.61 -19.39
N GLY B 352 -33.99 27.81 -20.14
CA GLY B 352 -33.56 26.50 -19.71
C GLY B 352 -33.28 25.60 -20.89
N ASN B 353 -32.56 24.51 -20.62
CA ASN B 353 -32.23 23.53 -21.64
C ASN B 353 -33.34 22.51 -21.86
N PHE B 354 -34.45 22.63 -21.13
CA PHE B 354 -35.62 21.79 -21.33
C PHE B 354 -36.65 22.56 -22.13
N GLU B 355 -37.30 21.87 -23.07
CA GLU B 355 -38.33 22.52 -23.88
C GLU B 355 -39.60 22.81 -23.09
N THR B 356 -39.79 22.13 -21.95
CA THR B 356 -40.94 22.37 -21.08
C THR B 356 -40.39 22.72 -19.71
N THR B 357 -40.52 24.00 -19.33
CA THR B 357 -39.99 24.47 -18.07
C THR B 357 -40.86 25.62 -17.56
N LYS B 358 -41.44 25.44 -16.37
CA LYS B 358 -42.22 26.49 -15.74
C LYS B 358 -41.33 27.30 -14.82
N PRO B 359 -41.14 28.59 -15.06
CA PRO B 359 -40.16 29.37 -14.29
C PRO B 359 -40.68 29.83 -12.93
N GLY B 360 -40.59 28.98 -11.92
CA GLY B 360 -40.96 29.39 -10.58
C GLY B 360 -41.87 28.40 -9.88
N GLU B 361 -42.12 27.26 -10.52
CA GLU B 361 -43.09 26.29 -10.03
C GLU B 361 -42.40 24.96 -9.75
N LEU B 362 -43.22 23.99 -9.34
CA LEU B 362 -42.82 22.62 -9.08
C LEU B 362 -43.77 21.66 -9.80
N TYR B 363 -43.97 21.92 -11.10
CA TYR B 363 -45.00 21.24 -11.88
C TYR B 363 -44.67 19.77 -12.07
N VAL B 364 -45.71 18.94 -11.99
CA VAL B 364 -45.55 17.51 -12.17
C VAL B 364 -45.37 17.15 -13.63
N HIS B 365 -46.33 17.56 -14.48
CA HIS B 365 -46.30 17.44 -15.94
C HIS B 365 -46.14 15.98 -16.37
N LYS B 366 -47.15 15.17 -16.03
CA LYS B 366 -47.26 13.75 -16.36
C LYS B 366 -46.08 12.95 -15.79
N GLY B 367 -45.94 13.02 -14.48
CA GLY B 367 -44.99 12.18 -13.76
C GLY B 367 -43.60 12.73 -13.51
N ILE B 368 -42.89 13.11 -14.56
CA ILE B 368 -41.52 13.60 -14.41
C ILE B 368 -41.59 15.04 -13.92
N THR B 369 -41.50 15.22 -12.61
CA THR B 369 -41.72 16.51 -11.98
C THR B 369 -40.59 17.47 -12.31
N HIS B 370 -40.86 18.40 -13.21
CA HIS B 370 -39.87 19.40 -13.61
C HIS B 370 -39.75 20.42 -12.50
N ILE B 371 -38.69 20.33 -11.72
CA ILE B 371 -38.44 21.26 -10.62
C ILE B 371 -37.94 22.56 -11.22
N GLY B 372 -38.78 23.58 -11.22
CA GLY B 372 -38.45 24.80 -11.93
C GLY B 372 -38.56 26.06 -11.10
N TYR B 373 -38.28 25.98 -9.81
CA TYR B 373 -38.24 27.17 -8.98
C TYR B 373 -37.05 28.05 -9.38
N THR B 374 -37.26 29.36 -9.41
CA THR B 374 -36.29 30.27 -10.02
C THR B 374 -35.27 30.82 -9.04
N ASP B 375 -35.58 30.90 -7.75
CA ASP B 375 -34.63 31.40 -6.75
C ASP B 375 -34.25 30.24 -5.85
N LEU B 376 -33.30 29.44 -6.32
CA LEU B 376 -32.76 28.33 -5.54
C LEU B 376 -31.71 28.83 -4.56
N PRO B 377 -30.75 29.63 -5.02
CA PRO B 377 -29.71 30.13 -4.11
C PRO B 377 -30.21 31.20 -3.17
N SER B 378 -31.33 31.86 -3.47
CA SER B 378 -31.88 32.85 -2.56
C SER B 378 -32.45 32.21 -1.29
N ARG B 379 -32.77 30.91 -1.33
CA ARG B 379 -33.29 30.20 -0.18
C ARG B 379 -32.20 29.72 0.77
N MET B 380 -30.93 30.04 0.50
CA MET B 380 -29.82 29.61 1.36
C MET B 380 -29.06 30.84 1.83
N ALA B 381 -29.80 31.82 2.35
CA ALA B 381 -29.32 33.19 2.50
C ALA B 381 -28.16 33.34 3.50
N THR B 382 -27.96 32.36 4.38
CA THR B 382 -26.89 32.47 5.37
C THR B 382 -25.52 32.37 4.70
N GLN B 383 -25.24 31.22 4.07
CA GLN B 383 -23.97 31.04 3.38
C GLN B 383 -23.86 31.94 2.15
N ALA B 384 -25.01 32.28 1.55
CA ALA B 384 -25.02 33.21 0.42
C ALA B 384 -24.56 34.60 0.85
N SER B 385 -25.11 35.11 1.95
CA SER B 385 -24.68 36.41 2.46
C SER B 385 -23.24 36.36 2.95
N THR B 386 -22.81 35.22 3.50
CA THR B 386 -21.43 35.07 3.93
C THR B 386 -20.46 35.15 2.75
N LEU B 387 -20.76 34.44 1.67
CA LEU B 387 -19.91 34.50 0.48
C LEU B 387 -19.98 35.85 -0.20
N TYR B 388 -21.15 36.53 -0.12
CA TYR B 388 -21.27 37.86 -0.69
C TYR B 388 -20.42 38.87 0.08
N SER B 389 -20.43 38.77 1.42
CA SER B 389 -19.58 39.64 2.22
C SER B 389 -18.10 39.33 2.01
N ASN B 390 -17.75 38.05 1.84
CA ASN B 390 -16.37 37.68 1.59
C ASN B 390 -15.88 38.20 0.24
N ASN B 391 -16.74 38.11 -0.78
CA ASN B 391 -16.37 38.62 -2.10
C ASN B 391 -16.27 40.14 -2.10
N ILE B 392 -17.17 40.82 -1.37
CA ILE B 392 -17.12 42.27 -1.28
C ILE B 392 -15.87 42.72 -0.54
N THR B 393 -15.46 41.95 0.49
CA THR B 393 -14.24 42.28 1.22
C THR B 393 -13.01 42.07 0.36
N LYS B 394 -12.95 40.97 -0.40
CA LYS B 394 -11.81 40.74 -1.26
C LYS B 394 -11.76 41.70 -2.44
N LEU B 395 -12.90 42.25 -2.85
CA LEU B 395 -12.90 43.31 -3.84
C LEU B 395 -12.39 44.61 -3.26
N LEU B 396 -12.94 45.03 -2.11
CA LEU B 396 -12.59 46.31 -1.51
C LEU B 396 -11.18 46.31 -0.93
N LYS B 397 -10.58 45.14 -0.69
CA LYS B 397 -9.20 45.08 -0.22
C LYS B 397 -8.22 45.54 -1.29
N ALA B 398 -8.57 45.41 -2.56
CA ALA B 398 -7.73 45.90 -3.64
C ALA B 398 -8.32 47.11 -4.34
N ILE B 399 -9.57 47.47 -4.03
CA ILE B 399 -10.22 48.57 -4.72
C ILE B 399 -9.57 49.91 -4.36
N SER B 400 -9.18 50.09 -3.11
CA SER B 400 -8.51 51.30 -2.68
C SER B 400 -7.66 50.99 -1.46
N PRO B 401 -6.45 50.48 -1.64
CA PRO B 401 -5.64 49.99 -0.50
C PRO B 401 -4.92 51.11 0.24
N ASP B 402 -5.66 51.88 1.02
CA ASP B 402 -5.08 52.94 1.84
C ASP B 402 -5.91 53.11 3.10
N LYS B 403 -5.22 53.19 4.24
CA LYS B 403 -5.88 53.37 5.52
C LYS B 403 -6.30 54.83 5.68
N ASP B 404 -7.60 55.06 5.85
CA ASP B 404 -8.22 56.40 5.93
C ASP B 404 -7.87 57.26 4.72
N ASN B 405 -7.91 56.62 3.55
CA ASN B 405 -7.72 57.30 2.27
C ASN B 405 -8.32 56.41 1.19
N PHE B 406 -9.04 57.02 0.26
CA PHE B 406 -9.73 56.24 -0.77
C PHE B 406 -9.93 57.12 -2.01
N TYR B 407 -9.30 56.73 -3.11
CA TYR B 407 -9.50 57.36 -4.40
C TYR B 407 -10.04 56.40 -5.45
N PHE B 408 -9.42 55.22 -5.54
CA PHE B 408 -9.76 54.16 -6.49
C PHE B 408 -9.74 54.66 -7.94
N GLU B 409 -8.61 55.27 -8.30
CA GLU B 409 -8.44 55.78 -9.65
C GLU B 409 -8.16 54.64 -10.62
N VAL B 410 -9.00 54.49 -11.62
CA VAL B 410 -8.95 53.37 -12.56
C VAL B 410 -8.06 53.76 -13.73
N LYS B 411 -7.31 52.79 -14.24
CA LYS B 411 -6.49 52.97 -15.42
C LYS B 411 -7.21 52.43 -16.65
N ASP B 412 -7.26 53.24 -17.69
CA ASP B 412 -7.90 52.88 -18.95
C ASP B 412 -6.89 52.48 -20.01
N ASP B 413 -5.69 52.09 -19.59
CA ASP B 413 -4.66 51.67 -20.53
C ASP B 413 -4.88 50.25 -21.05
N PHE B 414 -5.73 49.48 -20.38
CA PHE B 414 -6.14 48.12 -20.76
C PHE B 414 -4.93 47.18 -20.86
N ASP B 415 -4.33 46.94 -19.71
CA ASP B 415 -3.26 45.96 -19.59
C ASP B 415 -3.84 44.64 -19.11
N PHE B 416 -3.56 43.56 -19.83
CA PHE B 416 -4.08 42.25 -19.44
C PHE B 416 -3.38 41.75 -18.19
N GLY B 417 -4.15 41.13 -17.30
CA GLY B 417 -3.66 40.69 -16.03
C GLY B 417 -3.60 41.76 -14.96
N THR B 418 -3.67 43.03 -15.35
CA THR B 418 -3.57 44.12 -14.42
C THR B 418 -4.88 44.29 -13.66
N MET B 419 -4.75 44.72 -12.41
CA MET B 419 -5.92 45.11 -11.64
C MET B 419 -6.45 46.48 -12.03
N GLY B 420 -5.67 47.26 -12.79
CA GLY B 420 -6.18 48.52 -13.29
C GLY B 420 -7.22 48.32 -14.38
N HIS B 421 -6.95 47.41 -15.31
CA HIS B 421 -7.94 47.10 -16.34
C HIS B 421 -9.14 46.37 -15.74
N VAL B 422 -8.90 45.53 -14.73
CA VAL B 422 -10.00 44.87 -14.04
C VAL B 422 -10.83 45.87 -13.27
N ILE B 423 -10.20 46.94 -12.78
CA ILE B 423 -10.93 47.98 -12.05
C ILE B 423 -11.72 48.84 -13.02
N ARG B 424 -11.15 49.12 -14.21
CA ARG B 424 -11.86 49.88 -15.22
C ARG B 424 -13.05 49.08 -15.76
N GLY B 425 -12.90 47.76 -15.88
CA GLY B 425 -14.04 46.93 -16.21
C GLY B 425 -15.05 46.83 -15.09
N THR B 426 -14.58 46.93 -13.84
CA THR B 426 -15.49 46.93 -12.72
C THR B 426 -16.23 48.27 -12.63
N VAL B 427 -15.49 49.37 -12.64
CA VAL B 427 -16.09 50.70 -12.55
C VAL B 427 -16.76 51.01 -13.87
N VAL B 428 -18.08 50.84 -13.93
CA VAL B 428 -18.82 51.02 -15.17
C VAL B 428 -19.46 52.39 -15.28
N MET B 429 -19.61 53.10 -14.18
CA MET B 429 -20.15 54.45 -14.23
C MET B 429 -19.35 55.32 -13.27
N LYS B 430 -19.11 56.56 -13.68
CA LYS B 430 -18.36 57.52 -12.86
C LYS B 430 -19.09 58.85 -12.95
N ASP B 431 -20.02 59.07 -11.99
CA ASP B 431 -20.82 60.30 -11.88
C ASP B 431 -21.62 60.58 -13.15
N GLY B 432 -22.08 59.52 -13.81
CA GLY B 432 -22.78 59.62 -15.06
C GLY B 432 -21.95 59.22 -16.26
N GLN B 433 -20.63 59.26 -16.15
CA GLN B 433 -19.77 58.84 -17.25
C GLN B 433 -19.74 57.32 -17.32
N VAL B 434 -20.39 56.77 -18.33
CA VAL B 434 -20.52 55.32 -18.46
C VAL B 434 -19.22 54.76 -19.00
N ILE B 435 -18.69 53.73 -18.33
CA ILE B 435 -17.52 53.00 -18.79
C ILE B 435 -17.96 51.58 -19.10
N PHE B 436 -19.21 51.42 -19.55
CA PHE B 436 -19.76 50.10 -19.78
C PHE B 436 -19.18 49.45 -21.04
N PRO B 437 -19.20 50.09 -22.20
CA PRO B 437 -18.53 49.51 -23.36
C PRO B 437 -17.02 49.58 -23.21
N ALA B 438 -16.39 48.44 -22.94
CA ALA B 438 -14.99 48.53 -22.54
C ALA B 438 -14.07 48.00 -23.63
N PRO B 439 -12.87 48.56 -23.73
CA PRO B 439 -11.90 48.09 -24.73
C PRO B 439 -11.12 46.88 -24.25
N THR B 440 -10.65 46.11 -25.21
CA THR B 440 -9.92 44.88 -24.92
C THR B 440 -8.53 45.18 -24.37
N PRO B 441 -7.90 44.21 -23.74
CA PRO B 441 -6.60 44.46 -23.11
C PRO B 441 -5.46 44.44 -24.12
N LYS B 442 -4.48 45.33 -23.92
CA LYS B 442 -3.36 45.44 -24.84
C LYS B 442 -2.36 44.30 -24.65
N ASN B 443 -2.10 43.93 -23.39
CA ASN B 443 -1.21 42.82 -23.12
C ASN B 443 -1.93 41.49 -23.41
N ILE B 444 -1.18 40.40 -23.28
CA ILE B 444 -1.76 39.07 -23.48
C ILE B 444 -1.42 38.21 -22.26
N PRO B 445 -1.84 38.60 -21.06
CA PRO B 445 -1.57 37.78 -19.89
C PRO B 445 -2.59 36.66 -19.76
N GLN B 446 -2.09 35.48 -19.37
CA GLN B 446 -2.84 34.23 -19.24
C GLN B 446 -3.54 33.84 -20.53
N GLY B 447 -2.81 33.86 -21.65
CA GLY B 447 -3.41 33.56 -22.94
C GLY B 447 -2.67 32.56 -23.82
N ALA B 448 -1.47 32.13 -23.43
CA ALA B 448 -0.68 31.23 -24.24
C ALA B 448 -0.17 30.05 -23.43
N PRO B 449 -0.26 28.82 -23.93
CA PRO B 449 0.20 27.58 -23.26
C PRO B 449 1.69 27.29 -23.39
N VAL B 450 2.49 27.88 -22.52
CA VAL B 450 3.95 27.71 -22.58
C VAL B 450 4.46 27.01 -21.33
N LYS B 451 3.67 26.08 -20.79
CA LYS B 451 3.99 25.43 -19.53
C LYS B 451 5.24 24.55 -19.64
N GLN B 452 5.95 24.42 -18.53
CA GLN B 452 7.23 23.72 -18.51
C GLN B 452 7.05 22.21 -18.68
N LYS B 453 8.18 21.55 -18.91
CA LYS B 453 8.24 20.10 -19.09
C LYS B 453 9.29 19.57 -18.12
N THR B 454 8.87 18.64 -17.26
CA THR B 454 9.66 18.27 -16.09
C THR B 454 10.89 17.45 -16.46
N VAL B 455 11.80 17.34 -15.48
CA VAL B 455 13.07 16.65 -15.69
C VAL B 455 12.85 15.13 -15.69
N ALA B 456 11.72 14.67 -15.17
CA ALA B 456 11.31 13.29 -15.38
C ALA B 456 11.08 13.01 -16.85
N GLU B 457 10.55 13.99 -17.59
CA GLU B 457 10.38 13.80 -19.03
C GLU B 457 11.72 13.80 -19.76
N LEU B 458 12.68 14.60 -19.29
CA LEU B 458 13.98 14.61 -19.95
C LEU B 458 14.77 13.33 -19.66
N GLU B 459 14.64 12.76 -18.47
CA GLU B 459 15.28 11.47 -18.25
C GLU B 459 14.54 10.34 -18.96
N ALA B 460 13.23 10.48 -19.16
CA ALA B 460 12.52 9.53 -20.02
C ALA B 460 13.00 9.64 -21.47
N GLU B 461 13.33 10.85 -21.91
CA GLU B 461 13.88 11.02 -23.26
C GLU B 461 15.28 10.44 -23.38
N LYS B 462 16.11 10.61 -22.35
CA LYS B 462 17.45 10.05 -22.43
C LYS B 462 17.44 8.54 -22.20
N ALA B 463 16.34 7.99 -21.67
CA ALA B 463 16.16 6.53 -21.71
C ALA B 463 15.55 6.07 -23.04
N ALA B 464 14.81 6.94 -23.71
CA ALA B 464 14.18 6.60 -24.99
C ALA B 464 15.08 6.84 -26.18
N THR B 465 16.24 7.49 -26.00
CA THR B 465 17.19 7.67 -27.09
C THR B 465 18.08 6.45 -27.28
N ILE B 466 17.84 5.38 -26.52
CA ILE B 466 18.60 4.15 -26.63
C ILE B 466 17.73 3.12 -27.35
N THR B 467 18.18 2.68 -28.52
CA THR B 467 17.49 1.62 -29.24
C THR B 467 17.62 0.32 -28.47
N PRO B 468 16.69 -0.62 -28.64
CA PRO B 468 16.79 -1.90 -27.90
C PRO B 468 17.96 -2.79 -28.31
N PHE B 469 18.72 -2.43 -29.34
CA PHE B 469 19.93 -3.18 -29.66
C PHE B 469 21.04 -2.86 -28.68
N ARG B 470 21.21 -1.59 -28.33
CA ARG B 470 22.37 -1.20 -27.56
C ARG B 470 22.29 -1.61 -26.10
N LYS B 471 21.08 -1.80 -25.57
CA LYS B 471 20.96 -2.29 -24.20
C LYS B 471 21.55 -3.68 -24.05
N THR B 472 21.14 -4.61 -24.92
CA THR B 472 21.65 -5.95 -24.89
C THR B 472 23.12 -6.01 -25.32
N MET B 473 23.52 -5.11 -26.22
CA MET B 473 24.92 -5.07 -26.64
C MET B 473 25.84 -4.64 -25.51
N THR B 474 25.47 -3.61 -24.76
CA THR B 474 26.24 -3.19 -23.60
C THR B 474 26.27 -4.26 -22.52
N SER B 475 25.13 -4.90 -22.27
CA SER B 475 25.10 -5.97 -21.26
C SER B 475 25.99 -7.14 -21.66
N ALA B 476 25.94 -7.56 -22.93
CA ALA B 476 26.79 -8.64 -23.38
C ALA B 476 28.26 -8.27 -23.39
N SER B 477 28.57 -6.99 -23.62
CA SER B 477 29.96 -6.55 -23.56
C SER B 477 30.49 -6.59 -22.13
N VAL B 478 29.66 -6.20 -21.15
CA VAL B 478 30.06 -6.28 -19.75
C VAL B 478 30.30 -7.73 -19.34
N TYR B 479 29.43 -8.65 -19.78
CA TYR B 479 29.62 -10.04 -19.41
C TYR B 479 30.83 -10.67 -20.10
N THR B 480 31.13 -10.30 -21.35
CA THR B 480 32.33 -10.90 -21.95
C THR B 480 33.60 -10.30 -21.37
N ALA B 481 33.57 -9.04 -20.93
CA ALA B 481 34.72 -8.49 -20.23
C ALA B 481 34.93 -9.18 -18.88
N GLY B 482 33.85 -9.49 -18.18
CA GLY B 482 33.98 -10.18 -16.90
C GLY B 482 34.48 -11.59 -17.05
N LEU B 483 34.02 -12.29 -18.09
CA LEU B 483 34.45 -13.68 -18.26
C LEU B 483 35.89 -13.76 -18.75
N THR B 484 36.32 -12.82 -19.60
CA THR B 484 37.74 -12.84 -19.95
C THR B 484 38.61 -12.33 -18.81
N GLY B 485 38.06 -11.55 -17.87
CA GLY B 485 38.81 -11.22 -16.67
C GLY B 485 38.96 -12.40 -15.73
N ILE B 486 37.95 -13.26 -15.69
CA ILE B 486 38.06 -14.50 -14.91
C ILE B 486 39.12 -15.43 -15.52
N LEU B 487 39.12 -15.56 -16.85
CA LEU B 487 40.20 -16.33 -17.49
C LEU B 487 41.56 -15.68 -17.32
N GLY B 488 41.64 -14.36 -17.31
CA GLY B 488 42.90 -13.68 -17.07
C GLY B 488 43.43 -13.88 -15.67
N LEU B 489 42.53 -13.96 -14.68
CA LEU B 489 42.97 -14.38 -13.36
C LEU B 489 43.35 -15.85 -13.34
N GLY B 490 42.77 -16.64 -14.24
CA GLY B 490 43.13 -18.04 -14.31
C GLY B 490 44.51 -18.30 -14.89
N ILE B 491 44.95 -17.45 -15.82
CA ILE B 491 46.20 -17.70 -16.52
C ILE B 491 47.39 -17.44 -15.61
N ALA B 492 47.34 -16.38 -14.82
CA ALA B 492 48.46 -16.03 -13.96
C ALA B 492 48.46 -16.77 -12.62
N ALA B 493 47.68 -17.82 -12.47
CA ALA B 493 47.60 -18.54 -11.20
C ALA B 493 48.83 -19.42 -11.01
N PRO B 494 49.57 -19.26 -9.93
CA PRO B 494 50.75 -20.10 -9.72
C PRO B 494 50.44 -21.46 -9.11
N ASN B 495 49.38 -21.57 -8.31
CA ASN B 495 49.12 -22.80 -7.59
C ASN B 495 47.63 -22.88 -7.29
N LEU B 496 47.23 -23.95 -6.59
CA LEU B 496 45.82 -24.13 -6.28
C LEU B 496 45.38 -23.30 -5.09
N ALA B 497 46.33 -22.83 -4.27
CA ALA B 497 45.97 -22.00 -3.12
C ALA B 497 45.37 -20.67 -3.55
N PHE B 498 45.91 -20.11 -4.62
CA PHE B 498 45.38 -18.85 -5.14
C PHE B 498 44.01 -19.04 -5.78
N SER B 499 43.78 -20.20 -6.41
CA SER B 499 42.45 -20.47 -6.96
C SER B 499 41.43 -20.64 -5.85
N GLN B 500 41.81 -21.30 -4.75
CA GLN B 500 40.93 -21.43 -3.60
C GLN B 500 40.60 -20.07 -3.00
N MET B 501 41.61 -19.20 -2.88
CA MET B 501 41.34 -17.90 -2.30
C MET B 501 40.52 -17.03 -3.23
N VAL B 502 40.67 -17.17 -4.54
CA VAL B 502 39.81 -16.41 -5.46
C VAL B 502 38.36 -16.89 -5.36
N THR B 503 38.15 -18.19 -5.19
CA THR B 503 36.79 -18.70 -5.10
C THR B 503 36.11 -18.24 -3.81
N THR B 504 36.80 -18.35 -2.68
CA THR B 504 36.17 -17.90 -1.43
C THR B 504 36.06 -16.37 -1.38
N PHE B 505 36.93 -15.66 -2.08
CA PHE B 505 36.83 -14.22 -2.16
C PHE B 505 35.61 -13.78 -2.95
N GLY B 506 35.36 -14.42 -4.09
CA GLY B 506 34.20 -14.05 -4.89
C GLY B 506 32.89 -14.38 -4.21
N LEU B 507 32.82 -15.56 -3.57
CA LEU B 507 31.56 -15.92 -2.90
C LEU B 507 31.30 -15.07 -1.68
N ALA B 508 32.36 -14.73 -0.92
CA ALA B 508 32.16 -13.81 0.20
C ALA B 508 31.81 -12.41 -0.29
N GLY B 509 32.28 -12.02 -1.48
CA GLY B 509 31.88 -10.75 -2.05
C GLY B 509 30.41 -10.70 -2.40
N ILE B 510 29.86 -11.81 -2.90
CA ILE B 510 28.44 -11.78 -3.23
C ILE B 510 27.59 -11.82 -1.95
N VAL B 511 28.06 -12.51 -0.90
CA VAL B 511 27.36 -12.45 0.39
C VAL B 511 27.38 -11.03 0.93
N GLY B 512 28.52 -10.35 0.80
CA GLY B 512 28.61 -8.97 1.26
C GLY B 512 27.77 -8.01 0.45
N TYR B 513 27.67 -8.23 -0.85
CA TYR B 513 26.78 -7.41 -1.67
C TYR B 513 25.34 -7.63 -1.27
N HIS B 514 24.98 -8.86 -0.96
CA HIS B 514 23.58 -9.17 -0.76
C HIS B 514 23.10 -8.89 0.65
N THR B 515 24.00 -8.79 1.62
CA THR B 515 23.54 -8.66 2.99
C THR B 515 23.51 -7.24 3.51
N VAL B 516 24.13 -6.28 2.84
CA VAL B 516 24.11 -4.90 3.32
C VAL B 516 23.19 -4.02 2.50
N TRP B 517 22.48 -4.57 1.52
CA TRP B 517 21.24 -3.93 1.13
C TRP B 517 20.13 -4.23 2.11
N GLY B 518 20.31 -5.24 2.96
CA GLY B 518 19.24 -5.66 3.83
C GLY B 518 18.99 -4.76 5.01
N VAL B 519 19.97 -3.92 5.37
CA VAL B 519 19.87 -3.20 6.63
C VAL B 519 18.81 -2.11 6.52
N THR B 520 18.09 -1.92 7.60
CA THR B 520 17.13 -0.84 7.68
C THR B 520 17.87 0.48 7.63
N PRO B 521 17.47 1.43 6.78
CA PRO B 521 18.26 2.66 6.62
C PRO B 521 18.33 3.56 7.85
N ALA B 522 17.58 3.26 8.91
CA ALA B 522 17.79 3.96 10.17
C ALA B 522 19.08 3.53 10.86
N LEU B 523 19.62 2.37 10.53
CA LEU B 523 20.80 1.83 11.19
C LEU B 523 22.04 1.86 10.30
N HIS B 524 22.19 2.86 9.46
CA HIS B 524 23.47 2.94 8.75
C HIS B 524 24.58 3.49 9.63
N SER B 525 24.27 4.36 10.56
CA SER B 525 25.32 4.94 11.38
C SER B 525 25.99 3.98 12.36
N PRO B 526 25.34 2.93 12.88
CA PRO B 526 26.13 1.86 13.49
C PRO B 526 26.87 0.99 12.50
N LEU B 527 26.47 0.96 11.22
CA LEU B 527 27.07 0.02 10.28
C LEU B 527 28.51 0.41 9.96
N MET B 528 28.77 1.71 9.87
CA MET B 528 30.13 2.18 9.62
C MET B 528 31.05 1.86 10.78
N SER B 529 30.54 1.96 12.00
CA SER B 529 31.34 1.63 13.18
C SER B 529 31.56 0.13 13.32
N VAL B 530 30.56 -0.68 12.95
CA VAL B 530 30.76 -2.13 12.96
C VAL B 530 31.82 -2.54 11.96
N THR B 531 31.79 -1.97 10.75
CA THR B 531 32.81 -2.31 9.77
C THR B 531 34.18 -1.81 10.17
N ASN B 532 34.27 -0.68 10.87
CA ASN B 532 35.58 -0.30 11.40
C ASN B 532 36.02 -1.20 12.53
N ALA B 533 35.10 -1.75 13.31
CA ALA B 533 35.51 -2.66 14.38
C ALA B 533 36.00 -3.98 13.81
N ILE B 534 35.38 -4.44 12.73
CA ILE B 534 35.85 -5.67 12.10
C ILE B 534 37.15 -5.41 11.36
N SER B 535 37.36 -4.18 10.88
CA SER B 535 38.56 -3.83 10.11
C SER B 535 39.84 -3.92 10.93
N GLY B 536 39.76 -3.99 12.24
CA GLY B 536 40.94 -4.22 13.03
C GLY B 536 41.43 -5.64 13.05
N LEU B 537 40.87 -6.53 12.23
CA LEU B 537 41.42 -7.87 12.07
C LEU B 537 42.66 -7.89 11.31
N THR B 538 43.30 -6.80 10.91
CA THR B 538 44.63 -6.84 10.37
C THR B 538 45.69 -7.09 11.44
N ALA B 539 45.29 -7.14 12.71
CA ALA B 539 46.17 -7.65 13.75
C ALA B 539 46.51 -9.11 13.53
N VAL B 540 45.61 -9.86 12.89
CA VAL B 540 45.93 -11.20 12.40
C VAL B 540 47.10 -11.15 11.43
N GLY B 541 47.16 -10.10 10.62
CA GLY B 541 48.32 -9.87 9.79
C GLY B 541 49.59 -9.53 10.56
N GLY B 542 49.45 -9.05 11.78
CA GLY B 542 50.62 -8.79 12.59
C GLY B 542 51.10 -10.02 13.35
N LEU B 543 50.18 -10.80 13.90
CA LEU B 543 50.54 -11.80 14.89
C LEU B 543 51.30 -12.98 14.29
N VAL B 544 50.99 -13.38 13.06
CA VAL B 544 51.77 -14.44 12.43
C VAL B 544 53.12 -13.94 11.94
N LEU B 545 53.31 -12.62 11.89
CA LEU B 545 54.59 -12.01 11.59
C LEU B 545 55.39 -11.67 12.83
N MET B 546 54.72 -11.37 13.93
CA MET B 546 55.36 -10.93 15.15
C MET B 546 56.08 -12.11 15.78
N GLY B 547 57.37 -11.97 16.01
CA GLY B 547 58.14 -13.09 16.51
C GLY B 547 59.34 -12.72 17.36
N GLY B 548 60.22 -13.69 17.61
CA GLY B 548 61.44 -13.44 18.34
C GLY B 548 61.36 -13.74 19.82
N HIS B 549 61.20 -12.69 20.61
CA HIS B 549 61.11 -12.78 22.06
C HIS B 549 60.15 -11.71 22.53
N LEU B 550 60.21 -11.39 23.83
CA LEU B 550 59.37 -10.33 24.37
C LEU B 550 59.83 -8.95 23.93
N TYR B 551 61.02 -8.82 23.38
CA TYR B 551 61.44 -7.64 22.64
C TYR B 551 61.91 -8.06 21.25
N PRO B 552 61.55 -7.30 20.21
CA PRO B 552 61.76 -7.77 18.84
C PRO B 552 63.23 -7.84 18.44
N SER B 553 63.59 -8.93 17.78
CA SER B 553 64.97 -9.13 17.33
C SER B 553 65.24 -8.38 16.03
N THR B 554 64.48 -8.69 14.99
CA THR B 554 64.66 -8.06 13.69
C THR B 554 63.74 -6.87 13.53
N THR B 555 63.96 -6.12 12.46
CA THR B 555 63.15 -4.93 12.25
C THR B 555 61.74 -5.26 11.78
N SER B 556 61.56 -6.38 11.09
CA SER B 556 60.24 -6.76 10.62
C SER B 556 59.33 -7.13 11.77
N GLN B 557 59.91 -7.73 12.80
CA GLN B 557 59.15 -8.02 14.01
C GLN B 557 58.73 -6.73 14.71
N GLY B 558 59.57 -5.70 14.63
CA GLY B 558 59.18 -4.41 15.17
C GLY B 558 58.05 -3.76 14.39
N LEU B 559 58.09 -3.86 13.05
CA LEU B 559 57.02 -3.28 12.25
C LEU B 559 55.70 -4.01 12.46
N ALA B 560 55.75 -5.34 12.60
CA ALA B 560 54.54 -6.09 12.89
C ALA B 560 54.02 -5.79 14.29
N ALA B 561 54.91 -5.51 15.23
CA ALA B 561 54.46 -5.10 16.56
C ALA B 561 53.75 -3.75 16.51
N LEU B 562 54.29 -2.81 15.71
CA LEU B 562 53.63 -1.53 15.51
C LEU B 562 52.26 -1.70 14.87
N ALA B 563 52.16 -2.62 13.91
CA ALA B 563 50.90 -2.86 13.21
C ALA B 563 49.83 -3.42 14.15
N THR B 564 50.18 -4.43 14.95
CA THR B 564 49.17 -4.97 15.86
C THR B 564 48.83 -3.99 16.98
N PHE B 565 49.78 -3.14 17.38
CA PHE B 565 49.48 -2.15 18.40
C PHE B 565 48.50 -1.11 17.89
N ILE B 566 48.67 -0.63 16.66
CA ILE B 566 47.76 0.41 16.21
C ILE B 566 46.56 -0.22 15.53
N SER B 567 46.47 -1.55 15.53
CA SER B 567 45.24 -2.17 15.06
C SER B 567 44.34 -2.69 16.16
N SER B 568 44.81 -2.85 17.40
CA SER B 568 43.88 -3.21 18.46
C SER B 568 42.95 -2.04 18.83
N VAL B 569 43.40 -0.81 18.56
CA VAL B 569 42.63 0.40 18.80
C VAL B 569 41.31 0.36 18.06
N ASN B 570 41.35 -0.08 16.80
CA ASN B 570 40.16 -0.18 15.97
C ASN B 570 39.13 -1.12 16.57
N ILE B 571 39.57 -2.26 17.09
CA ILE B 571 38.64 -3.26 17.59
C ILE B 571 37.95 -2.74 18.85
N ALA B 572 38.73 -2.27 19.81
CA ALA B 572 38.13 -1.85 21.08
C ALA B 572 37.26 -0.62 20.90
N GLY B 573 37.75 0.38 20.17
CA GLY B 573 36.97 1.60 19.97
C GLY B 573 35.74 1.39 19.12
N GLY B 574 35.82 0.52 18.13
CA GLY B 574 34.68 0.28 17.26
C GLY B 574 33.56 -0.43 17.96
N PHE B 575 33.89 -1.44 18.78
CA PHE B 575 32.79 -2.12 19.45
C PHE B 575 32.22 -1.28 20.60
N LEU B 576 33.03 -0.40 21.22
CA LEU B 576 32.43 0.53 22.18
C LEU B 576 31.45 1.49 21.52
N VAL B 577 31.84 2.13 20.41
CA VAL B 577 30.92 3.11 19.82
C VAL B 577 29.70 2.42 19.24
N THR B 578 29.85 1.16 18.81
CA THR B 578 28.69 0.40 18.36
C THR B 578 27.70 0.17 19.48
N GLN B 579 28.16 -0.33 20.63
CA GLN B 579 27.16 -0.62 21.65
C GLN B 579 26.69 0.62 22.40
N ARG B 580 27.49 1.69 22.44
CA ARG B 580 26.96 2.94 22.95
C ARG B 580 25.93 3.52 22.01
N MET B 581 26.02 3.19 20.72
CA MET B 581 25.09 3.75 19.77
C MET B 581 23.79 2.95 19.70
N LEU B 582 23.87 1.62 19.79
CA LEU B 582 22.66 0.81 19.73
C LEU B 582 21.84 0.93 20.99
N ASP B 583 22.42 1.36 22.10
CA ASP B 583 21.67 1.55 23.34
C ASP B 583 21.03 2.91 23.42
N MET B 584 20.90 3.61 22.30
CA MET B 584 20.18 4.87 22.24
C MET B 584 18.95 4.79 21.36
N PHE B 585 18.80 3.73 20.56
CA PHE B 585 17.57 3.44 19.87
C PHE B 585 16.58 2.66 20.71
N LYS B 586 16.89 2.41 21.97
CA LYS B 586 16.03 1.58 22.81
C LYS B 586 14.88 2.42 23.34
N ARG B 587 13.66 2.03 23.02
CA ARG B 587 12.50 2.65 23.64
C ARG B 587 12.43 2.26 25.11
N PRO B 588 11.89 3.12 25.97
CA PRO B 588 11.74 2.73 27.37
C PRO B 588 10.69 1.66 27.60
N THR B 589 9.61 1.67 26.80
CA THR B 589 8.53 0.70 26.97
C THR B 589 8.72 -0.54 26.11
N ASP B 590 9.91 -1.09 26.16
CA ASP B 590 10.23 -2.37 25.58
C ASP B 590 10.50 -3.36 26.70
N PRO B 591 10.38 -4.67 26.42
CA PRO B 591 10.72 -5.65 27.45
C PRO B 591 12.22 -5.65 27.70
N PRO B 592 12.65 -6.07 28.90
CA PRO B 592 14.08 -6.05 29.22
C PRO B 592 14.88 -7.07 28.44
N GLU B 593 15.69 -6.61 27.50
CA GLU B 593 16.57 -7.51 26.77
C GLU B 593 17.77 -7.86 27.63
N TYR B 594 17.87 -9.13 28.01
CA TYR B 594 19.06 -9.65 28.67
C TYR B 594 20.05 -10.02 27.58
N ASN B 595 21.25 -9.48 27.65
CA ASN B 595 22.29 -9.80 26.68
C ASN B 595 23.46 -10.52 27.28
N TYR B 596 23.46 -10.76 28.59
CA TYR B 596 24.60 -11.39 29.20
C TYR B 596 24.67 -12.88 28.91
N LEU B 597 23.61 -13.46 28.36
CA LEU B 597 23.59 -14.89 28.08
C LEU B 597 24.15 -15.22 26.70
N TYR B 598 24.78 -14.26 26.02
CA TYR B 598 25.56 -14.57 24.84
C TYR B 598 26.97 -15.01 25.18
N LEU B 599 27.33 -15.08 26.45
CA LEU B 599 28.58 -15.70 26.80
C LEU B 599 28.49 -17.22 26.77
N LEU B 600 27.31 -17.79 26.59
CA LEU B 600 27.22 -19.23 26.37
C LEU B 600 27.78 -19.65 25.01
N PRO B 601 27.38 -19.06 23.85
CA PRO B 601 28.00 -19.51 22.60
C PRO B 601 29.45 -19.11 22.47
N ALA B 602 29.80 -17.90 22.89
CA ALA B 602 31.20 -17.47 22.87
C ALA B 602 32.05 -18.30 23.81
N GLY B 603 31.51 -18.57 25.00
CA GLY B 603 32.22 -19.38 25.97
C GLY B 603 32.48 -20.79 25.49
N THR B 604 31.46 -21.47 24.97
CA THR B 604 31.71 -22.80 24.46
C THR B 604 32.48 -22.79 23.15
N PHE B 605 32.48 -21.68 22.41
CA PHE B 605 33.21 -21.61 21.15
C PHE B 605 34.70 -21.55 21.42
N VAL B 606 35.15 -20.57 22.20
CA VAL B 606 36.58 -20.52 22.51
C VAL B 606 36.97 -21.61 23.50
N GLY B 607 36.03 -22.14 24.29
CA GLY B 607 36.38 -23.22 25.19
C GLY B 607 36.59 -24.54 24.46
N GLY B 608 35.72 -24.84 23.50
CA GLY B 608 35.95 -25.98 22.65
C GLY B 608 37.17 -25.82 21.76
N TYR B 609 37.48 -24.59 21.36
CA TYR B 609 38.72 -24.38 20.62
C TYR B 609 39.94 -24.65 21.49
N LEU B 610 39.94 -24.18 22.74
CA LEU B 610 41.10 -24.43 23.60
C LEU B 610 41.18 -25.88 24.05
N ALA B 611 40.04 -26.55 24.21
CA ALA B 611 40.06 -27.97 24.52
C ALA B 611 40.58 -28.79 23.35
N SER B 612 40.19 -28.41 22.12
CA SER B 612 40.75 -29.04 20.94
C SER B 612 42.20 -28.66 20.72
N LEU B 613 42.65 -27.56 21.31
CA LEU B 613 44.07 -27.26 21.31
C LEU B 613 44.83 -28.14 22.29
N TYR B 614 44.29 -28.31 23.49
CA TYR B 614 44.79 -29.34 24.40
C TYR B 614 43.97 -30.62 24.24
N SER B 615 43.90 -31.09 23.00
CA SER B 615 43.60 -32.49 22.74
C SER B 615 44.39 -33.00 21.55
N GLY B 616 45.30 -32.21 21.00
CA GLY B 616 46.05 -32.62 19.84
C GLY B 616 45.32 -32.50 18.52
N TYR B 617 44.42 -31.53 18.40
CA TYR B 617 43.66 -31.32 17.17
C TYR B 617 44.03 -29.98 16.55
N ASN B 618 43.40 -29.69 15.41
CA ASN B 618 43.65 -28.48 14.64
C ASN B 618 42.34 -28.08 13.98
N ILE B 619 41.77 -26.96 14.42
CA ILE B 619 40.46 -26.51 13.98
C ILE B 619 40.53 -25.18 13.23
N GLU B 620 41.73 -24.63 13.03
CA GLU B 620 41.89 -23.23 12.65
C GLU B 620 41.34 -22.93 11.26
N GLN B 621 41.40 -23.89 10.34
CA GLN B 621 40.78 -23.68 9.04
C GLN B 621 39.26 -23.64 9.12
N ILE B 622 38.67 -24.22 10.17
CA ILE B 622 37.22 -24.20 10.35
C ILE B 622 36.88 -23.07 11.32
N MET B 623 37.82 -22.73 12.20
CA MET B 623 37.63 -21.55 13.03
C MET B 623 37.61 -20.28 12.20
N TYR B 624 38.31 -20.26 11.07
CA TYR B 624 38.22 -19.12 10.18
C TYR B 624 36.84 -19.03 9.54
N LEU B 625 36.25 -20.16 9.20
CA LEU B 625 34.86 -20.17 8.75
C LEU B 625 33.92 -19.68 9.83
N GLY B 626 34.13 -20.13 11.07
CA GLY B 626 33.25 -19.72 12.15
C GLY B 626 33.31 -18.23 12.42
N SER B 627 34.51 -17.66 12.45
CA SER B 627 34.63 -16.23 12.64
C SER B 627 34.16 -15.45 11.43
N GLY B 628 34.34 -15.96 10.22
CA GLY B 628 33.85 -15.26 9.04
C GLY B 628 32.34 -15.23 8.95
N LEU B 629 31.69 -16.34 9.32
CA LEU B 629 30.24 -16.36 9.31
C LEU B 629 29.67 -15.57 10.48
N CYS B 630 30.38 -15.49 11.61
CA CYS B 630 29.93 -14.59 12.66
C CYS B 630 30.09 -13.13 12.25
N CYS B 631 31.12 -12.80 11.48
CA CYS B 631 31.24 -11.43 11.00
C CYS B 631 30.19 -11.11 9.94
N VAL B 632 29.75 -12.11 9.17
CA VAL B 632 28.65 -11.89 8.23
C VAL B 632 27.34 -11.69 9.00
N GLY B 633 27.11 -12.53 10.02
CA GLY B 633 25.92 -12.37 10.84
C GLY B 633 25.91 -11.12 11.69
N ALA B 634 27.07 -10.49 11.87
CA ALA B 634 27.09 -9.18 12.51
C ALA B 634 26.37 -8.14 11.67
N LEU B 635 26.61 -8.14 10.36
CA LEU B 635 25.95 -7.19 9.49
C LEU B 635 24.55 -7.64 9.13
N ALA B 636 24.30 -8.95 9.11
CA ALA B 636 23.00 -9.42 8.66
C ALA B 636 21.96 -9.32 9.75
N GLY B 637 22.34 -9.62 10.99
CA GLY B 637 21.38 -9.61 12.09
C GLY B 637 20.92 -8.23 12.48
N LEU B 638 21.60 -7.18 12.00
CA LEU B 638 21.20 -5.82 12.27
C LEU B 638 20.33 -5.24 11.17
N SER B 639 19.54 -6.08 10.51
CA SER B 639 18.65 -5.63 9.46
C SER B 639 17.19 -5.63 9.90
N THR B 640 16.95 -5.44 11.20
CA THR B 640 15.61 -5.65 11.70
C THR B 640 15.13 -4.47 12.53
N GLN B 641 16.07 -3.81 13.23
CA GLN B 641 15.95 -2.78 14.27
C GLN B 641 15.48 -3.38 15.59
N GLY B 642 15.09 -4.66 15.58
CA GLY B 642 14.64 -5.31 16.78
C GLY B 642 15.65 -6.29 17.33
N THR B 643 16.50 -6.82 16.44
CA THR B 643 17.55 -7.75 16.82
C THR B 643 18.92 -7.17 16.57
N ALA B 644 19.11 -5.90 16.92
CA ALA B 644 20.39 -5.26 16.66
C ALA B 644 21.47 -5.71 17.62
N ARG B 645 21.10 -6.06 18.86
CA ARG B 645 22.12 -6.39 19.87
C ARG B 645 22.77 -7.73 19.60
N LEU B 646 22.07 -8.61 18.89
CA LEU B 646 22.72 -9.84 18.46
C LEU B 646 23.72 -9.55 17.35
N GLY B 647 23.49 -8.50 16.57
CA GLY B 647 24.37 -8.10 15.49
C GLY B 647 25.65 -7.46 15.93
N ASN B 648 25.80 -7.19 17.22
CA ASN B 648 27.06 -6.77 17.81
C ASN B 648 27.73 -7.92 18.56
N ALA B 649 26.91 -8.77 19.17
CA ALA B 649 27.43 -9.92 19.89
C ALA B 649 28.09 -10.91 18.95
N LEU B 650 27.51 -11.11 17.77
CA LEU B 650 28.16 -11.98 16.80
C LEU B 650 29.48 -11.39 16.29
N GLY B 651 29.57 -10.07 16.21
CA GLY B 651 30.84 -9.46 15.83
C GLY B 651 31.91 -9.66 16.88
N MET B 652 31.51 -9.57 18.16
CA MET B 652 32.49 -9.77 19.23
C MET B 652 32.93 -11.22 19.31
N ILE B 653 32.00 -12.17 19.11
CA ILE B 653 32.35 -13.58 19.01
C ILE B 653 33.29 -13.82 17.84
N GLY B 654 33.03 -13.15 16.71
CA GLY B 654 33.84 -13.37 15.53
C GLY B 654 35.27 -12.89 15.69
N VAL B 655 35.44 -11.68 16.25
CA VAL B 655 36.79 -11.15 16.43
C VAL B 655 37.54 -11.94 17.50
N ALA B 656 36.83 -12.35 18.57
CA ALA B 656 37.44 -13.16 19.61
C ALA B 656 37.92 -14.50 19.09
N GLY B 657 37.05 -15.21 18.36
CA GLY B 657 37.42 -16.49 17.79
C GLY B 657 38.49 -16.39 16.73
N GLY B 658 38.49 -15.31 15.95
CA GLY B 658 39.52 -15.15 14.94
C GLY B 658 40.89 -14.93 15.55
N LEU B 659 40.99 -14.01 16.52
CA LEU B 659 42.29 -13.77 17.13
C LEU B 659 42.76 -14.94 17.96
N ALA B 660 41.83 -15.65 18.63
CA ALA B 660 42.23 -16.84 19.39
C ALA B 660 42.70 -17.96 18.47
N ALA B 661 42.07 -18.11 17.31
CA ALA B 661 42.47 -19.16 16.38
C ALA B 661 43.84 -18.87 15.78
N THR B 662 44.07 -17.63 15.34
CA THR B 662 45.37 -17.31 14.78
C THR B 662 46.47 -17.33 15.82
N LEU B 663 46.15 -16.97 17.06
CA LEU B 663 47.15 -16.98 18.11
C LEU B 663 47.49 -18.41 18.51
N GLY B 664 46.51 -19.31 18.50
CA GLY B 664 46.82 -20.69 18.77
C GLY B 664 47.44 -21.43 17.61
N GLY B 665 47.32 -20.88 16.40
CA GLY B 665 47.83 -21.58 15.24
C GLY B 665 49.27 -21.28 14.84
N LEU B 666 50.10 -20.86 15.79
CA LEU B 666 51.53 -20.74 15.48
C LEU B 666 52.44 -21.20 16.60
N LYS B 667 51.90 -21.72 17.71
CA LYS B 667 52.61 -22.29 18.86
C LYS B 667 53.58 -21.32 19.49
N PRO B 668 53.12 -20.30 20.21
CA PRO B 668 54.06 -19.34 20.81
C PRO B 668 54.69 -19.88 22.08
N CYS B 669 55.97 -19.53 22.28
CA CYS B 669 56.65 -19.83 23.53
C CYS B 669 56.18 -18.85 24.61
N PRO B 670 56.12 -19.29 25.88
CA PRO B 670 55.41 -18.51 26.91
C PRO B 670 56.03 -17.17 27.28
N GLU B 671 57.14 -16.75 26.68
CA GLU B 671 57.58 -15.38 26.83
C GLU B 671 57.24 -14.51 25.62
N LEU B 672 57.09 -15.13 24.45
CA LEU B 672 56.68 -14.39 23.26
C LEU B 672 55.24 -13.95 23.35
N LEU B 673 54.42 -14.67 24.11
CA LEU B 673 53.01 -14.39 24.19
C LEU B 673 52.74 -13.16 25.04
N ALA B 674 53.66 -12.85 25.95
CA ALA B 674 53.48 -11.71 26.84
C ALA B 674 53.53 -10.41 26.08
N GLN B 675 54.39 -10.33 25.06
CA GLN B 675 54.48 -9.12 24.26
C GLN B 675 53.23 -8.90 23.43
N MET B 676 52.68 -9.97 22.86
CA MET B 676 51.46 -9.87 22.07
C MET B 676 50.28 -9.45 22.94
N SER B 677 50.15 -10.06 24.12
CA SER B 677 49.09 -9.69 25.04
C SER B 677 49.26 -8.25 25.54
N GLY B 678 50.50 -7.84 25.81
CA GLY B 678 50.72 -6.48 26.28
C GLY B 678 50.46 -5.44 25.22
N ALA B 679 50.86 -5.70 23.97
CA ALA B 679 50.66 -4.76 22.89
C ALA B 679 49.18 -4.63 22.55
N MET B 680 48.47 -5.76 22.46
CA MET B 680 47.04 -5.68 22.17
C MET B 680 46.26 -5.10 23.35
N ALA B 681 46.74 -5.31 24.58
CA ALA B 681 46.02 -4.74 25.72
C ALA B 681 46.25 -3.25 25.83
N LEU B 682 47.44 -2.77 25.47
CA LEU B 682 47.66 -1.33 25.45
C LEU B 682 46.84 -0.66 24.35
N GLY B 683 46.74 -1.30 23.19
CA GLY B 683 45.90 -0.77 22.12
C GLY B 683 44.43 -0.75 22.49
N GLY B 684 43.97 -1.80 23.16
CA GLY B 684 42.61 -1.82 23.65
C GLY B 684 42.37 -0.80 24.75
N THR B 685 43.37 -0.52 25.56
CA THR B 685 43.24 0.49 26.59
C THR B 685 43.05 1.87 25.98
N ILE B 686 43.85 2.20 24.96
CA ILE B 686 43.73 3.49 24.30
C ILE B 686 42.38 3.62 23.59
N GLY B 687 42.02 2.60 22.80
CA GLY B 687 40.76 2.66 22.09
C GLY B 687 39.55 2.56 22.99
N LEU B 688 39.71 2.01 24.19
CA LEU B 688 38.62 1.92 25.13
C LEU B 688 38.43 3.24 25.86
N THR B 689 39.53 3.95 26.15
CA THR B 689 39.43 5.18 26.90
C THR B 689 39.23 6.40 26.02
N ILE B 690 39.35 6.29 24.70
CA ILE B 690 38.97 7.44 23.89
C ILE B 690 37.50 7.38 23.48
N ALA B 691 36.96 6.19 23.24
CA ALA B 691 35.60 6.10 22.73
C ALA B 691 34.58 5.96 23.85
N LYS B 692 34.73 6.79 24.88
CA LYS B 692 33.70 6.98 25.90
C LYS B 692 33.69 8.43 26.34
N ARG B 693 34.53 9.26 25.75
CA ARG B 693 34.67 10.66 26.13
C ARG B 693 34.41 11.56 24.91
N ILE B 694 33.61 11.07 23.96
CA ILE B 694 33.18 11.86 22.81
C ILE B 694 31.68 11.79 22.69
N GLN B 695 31.06 12.93 22.39
CA GLN B 695 29.65 12.95 22.06
C GLN B 695 29.44 12.44 20.65
N ILE B 696 28.22 11.96 20.40
CA ILE B 696 27.91 11.30 19.13
C ILE B 696 27.88 12.27 17.97
N SER B 697 27.73 13.57 18.25
CA SER B 697 27.80 14.54 17.17
C SER B 697 29.22 14.67 16.59
N ASP B 698 30.24 14.24 17.33
CA ASP B 698 31.61 14.28 16.87
C ASP B 698 32.10 12.92 16.37
N LEU B 699 31.20 12.16 15.76
CA LEU B 699 31.55 10.78 15.36
C LEU B 699 32.37 10.66 14.07
N PRO B 700 32.09 11.39 12.97
CA PRO B 700 32.88 11.15 11.74
C PRO B 700 34.36 11.47 11.86
N GLN B 701 34.76 12.31 12.79
CA GLN B 701 36.19 12.50 13.06
C GLN B 701 36.80 11.20 13.56
N LEU B 702 36.10 10.50 14.43
CA LEU B 702 36.59 9.24 14.96
C LEU B 702 36.65 8.17 13.89
N VAL B 703 35.61 8.09 13.06
CA VAL B 703 35.59 7.08 12.01
C VAL B 703 36.68 7.33 10.97
N ALA B 704 36.91 8.61 10.61
CA ALA B 704 37.99 8.92 9.70
C ALA B 704 39.36 8.75 10.34
N ALA B 705 39.45 8.75 11.67
CA ALA B 705 40.72 8.37 12.27
C ALA B 705 40.95 6.87 12.20
N PHE B 706 39.89 6.08 12.43
CA PHE B 706 40.01 4.63 12.39
C PHE B 706 40.39 4.14 11.00
N HIS B 707 39.93 4.80 9.94
CA HIS B 707 40.36 4.37 8.61
C HIS B 707 41.83 4.67 8.34
N SER B 708 42.34 5.78 8.88
CA SER B 708 43.76 6.08 8.77
C SER B 708 44.59 5.02 9.48
N LEU B 709 44.11 4.57 10.64
CA LEU B 709 44.81 3.51 11.34
C LEU B 709 44.80 2.18 10.57
N VAL B 710 43.69 1.84 9.91
CA VAL B 710 43.65 0.61 9.13
C VAL B 710 44.60 0.68 7.94
N GLY B 711 44.68 1.83 7.28
CA GLY B 711 45.62 1.96 6.17
C GLY B 711 47.07 1.90 6.61
N LEU B 712 47.39 2.54 7.74
CA LEU B 712 48.75 2.50 8.27
C LEU B 712 49.14 1.08 8.64
N ALA B 713 48.23 0.34 9.28
CA ALA B 713 48.52 -1.04 9.65
C ALA B 713 48.73 -1.91 8.43
N ALA B 714 47.96 -1.69 7.37
CA ALA B 714 48.09 -2.51 6.18
C ALA B 714 49.43 -2.27 5.48
N VAL B 715 49.85 -1.01 5.37
CA VAL B 715 51.15 -0.70 4.76
C VAL B 715 52.28 -1.30 5.59
N LEU B 716 52.18 -1.21 6.91
CA LEU B 716 53.25 -1.71 7.75
C LEU B 716 53.36 -3.24 7.69
N THR B 717 52.24 -3.95 7.74
CA THR B 717 52.37 -5.40 7.66
C THR B 717 52.73 -5.88 6.27
N CYS B 718 52.43 -5.10 5.23
CA CYS B 718 52.90 -5.45 3.90
C CYS B 718 54.42 -5.34 3.78
N ILE B 719 54.99 -4.22 4.22
CA ILE B 719 56.44 -4.06 4.15
C ILE B 719 57.13 -5.08 5.05
N ALA B 720 56.54 -5.37 6.21
CA ALA B 720 57.14 -6.34 7.12
C ALA B 720 57.15 -7.75 6.54
N GLU B 721 56.07 -8.13 5.86
CA GLU B 721 56.06 -9.45 5.25
C GLU B 721 56.96 -9.50 4.03
N TYR B 722 57.17 -8.38 3.35
CA TYR B 722 58.15 -8.41 2.27
C TYR B 722 59.56 -8.57 2.80
N ILE B 723 59.86 -7.95 3.95
CA ILE B 723 61.21 -8.01 4.48
C ILE B 723 61.51 -9.39 5.07
N ILE B 724 60.53 -10.01 5.73
CA ILE B 724 60.80 -11.31 6.33
C ILE B 724 60.86 -12.41 5.27
N GLU B 725 60.34 -12.16 4.07
CA GLU B 725 60.25 -13.19 3.05
C GLU B 725 61.11 -12.82 1.84
N TYR B 726 62.25 -12.18 2.08
CA TYR B 726 63.22 -11.99 1.02
C TYR B 726 64.16 -13.19 0.75
N PRO B 727 64.73 -13.90 1.73
CA PRO B 727 65.60 -15.02 1.37
C PRO B 727 64.87 -16.27 0.87
N HIS B 728 63.58 -16.20 0.59
CA HIS B 728 62.83 -17.31 0.03
C HIS B 728 62.36 -17.00 -1.40
N PHE B 729 63.12 -16.18 -2.13
CA PHE B 729 62.79 -15.87 -3.51
C PHE B 729 63.52 -16.75 -4.51
N ALA B 730 63.77 -18.01 -4.18
CA ALA B 730 64.15 -19.00 -5.17
C ALA B 730 63.09 -20.08 -5.30
N THR B 731 62.70 -20.71 -4.20
CA THR B 731 61.84 -21.90 -4.21
C THR B 731 60.36 -21.57 -4.01
N ASP B 732 59.81 -20.63 -4.77
CA ASP B 732 58.40 -20.25 -4.63
C ASP B 732 57.82 -19.93 -5.99
N ALA B 733 56.81 -20.71 -6.39
CA ALA B 733 56.09 -20.44 -7.64
C ALA B 733 55.22 -19.20 -7.52
N ALA B 734 54.72 -18.92 -6.31
CA ALA B 734 53.89 -17.75 -6.07
C ALA B 734 54.69 -16.54 -5.60
N ALA B 735 56.00 -16.52 -5.89
CA ALA B 735 56.84 -15.43 -5.41
C ALA B 735 56.55 -14.14 -6.15
N ASN B 736 56.40 -14.20 -7.48
CA ASN B 736 56.03 -13.01 -8.24
C ASN B 736 54.64 -12.54 -7.89
N LEU B 737 53.73 -13.48 -7.61
CA LEU B 737 52.37 -13.12 -7.25
C LEU B 737 52.31 -12.40 -5.92
N THR B 738 52.99 -12.94 -4.90
CA THR B 738 52.99 -12.26 -3.61
C THR B 738 53.77 -10.96 -3.66
N LYS B 739 54.70 -10.82 -4.59
CA LYS B 739 55.38 -9.55 -4.77
C LYS B 739 54.44 -8.48 -5.32
N ILE B 740 53.62 -8.86 -6.32
CA ILE B 740 52.65 -7.94 -6.90
C ILE B 740 51.57 -7.57 -5.88
N VAL B 741 51.12 -8.56 -5.11
CA VAL B 741 50.08 -8.32 -4.11
C VAL B 741 50.61 -7.43 -3.00
N ALA B 742 51.89 -7.54 -2.68
CA ALA B 742 52.52 -6.60 -1.77
C ALA B 742 52.50 -5.18 -2.31
N TYR B 743 52.84 -5.02 -3.59
CA TYR B 743 52.84 -3.69 -4.21
C TYR B 743 51.45 -3.06 -4.17
N LEU B 744 50.44 -3.84 -4.52
CA LEU B 744 49.08 -3.34 -4.60
C LEU B 744 48.53 -2.99 -3.22
N GLY B 745 48.81 -3.84 -2.22
CA GLY B 745 48.38 -3.53 -0.87
C GLY B 745 49.06 -2.31 -0.30
N THR B 746 50.32 -2.09 -0.66
CA THR B 746 51.03 -0.89 -0.23
C THR B 746 50.38 0.37 -0.80
N TYR B 747 50.07 0.34 -2.09
CA TYR B 747 49.42 1.47 -2.75
C TYR B 747 48.07 1.81 -2.13
N ILE B 748 47.22 0.78 -1.94
CA ILE B 748 45.89 0.99 -1.38
C ILE B 748 45.96 1.52 0.05
N GLY B 749 46.82 0.94 0.88
CA GLY B 749 46.91 1.38 2.26
C GLY B 749 47.44 2.80 2.39
N GLY B 750 48.38 3.18 1.54
CA GLY B 750 48.90 4.54 1.60
C GLY B 750 47.87 5.59 1.22
N VAL B 751 47.11 5.32 0.15
CA VAL B 751 46.04 6.26 -0.24
C VAL B 751 45.01 6.36 0.86
N THR B 752 44.65 5.23 1.48
CA THR B 752 43.70 5.23 2.59
C THR B 752 44.19 6.08 3.75
N PHE B 753 45.46 5.91 4.11
CA PHE B 753 46.06 6.64 5.22
C PHE B 753 46.03 8.14 5.01
N SER B 754 46.52 8.60 3.85
CA SER B 754 46.64 10.04 3.64
C SER B 754 45.29 10.69 3.45
N GLY B 755 44.43 10.08 2.63
CA GLY B 755 43.10 10.64 2.43
C GLY B 755 42.26 10.65 3.68
N SER B 756 42.47 9.67 4.56
CA SER B 756 41.72 9.63 5.80
C SER B 756 42.14 10.74 6.75
N LEU B 757 43.45 10.98 6.88
CA LEU B 757 43.84 12.04 7.82
C LEU B 757 43.54 13.43 7.27
N VAL B 758 43.56 13.59 5.93
CA VAL B 758 43.13 14.88 5.38
C VAL B 758 41.62 15.06 5.52
N ALA B 759 40.84 13.96 5.44
CA ALA B 759 39.40 14.06 5.64
C ALA B 759 39.06 14.39 7.08
N TYR B 760 39.82 13.83 8.02
CA TYR B 760 39.70 14.21 9.42
C TYR B 760 40.02 15.69 9.62
N GLY B 761 41.06 16.17 8.94
CA GLY B 761 41.40 17.58 9.04
C GLY B 761 40.36 18.51 8.45
N LYS B 762 39.70 18.08 7.38
CA LYS B 762 38.72 18.95 6.76
C LYS B 762 37.38 18.89 7.49
N LEU B 763 37.07 17.77 8.15
CA LEU B 763 35.84 17.70 8.94
C LEU B 763 35.97 18.43 10.26
N GLN B 764 37.13 18.32 10.92
CA GLN B 764 37.26 18.86 12.27
C GLN B 764 37.25 20.38 12.27
N GLY B 765 37.83 21.00 11.25
CA GLY B 765 37.88 22.44 11.20
C GLY B 765 39.31 22.93 11.23
N ILE B 766 40.25 21.99 11.18
CA ILE B 766 41.66 22.34 11.18
C ILE B 766 42.05 22.96 9.85
N LEU B 767 41.77 22.25 8.76
CA LEU B 767 41.93 22.85 7.44
C LEU B 767 40.70 23.65 7.07
N LYS B 768 40.88 24.56 6.12
CA LYS B 768 39.80 25.43 5.69
C LYS B 768 38.88 24.64 4.77
N SER B 769 37.57 24.74 5.04
CA SER B 769 36.58 23.86 4.44
C SER B 769 36.33 24.15 2.96
N ALA B 770 36.85 25.24 2.43
CA ALA B 770 36.68 25.56 1.02
C ALA B 770 37.50 24.60 0.15
N PRO B 771 37.00 24.26 -1.03
CA PRO B 771 37.73 23.32 -1.90
C PRO B 771 38.93 23.96 -2.57
N LEU B 772 40.10 23.91 -1.92
CA LEU B 772 41.28 24.60 -2.42
C LEU B 772 41.72 24.03 -3.77
N LEU B 773 42.42 24.87 -4.53
CA LEU B 773 42.73 24.61 -5.93
C LEU B 773 44.23 24.39 -6.12
N LEU B 774 44.57 23.56 -7.09
CA LEU B 774 45.90 23.47 -7.63
C LEU B 774 45.84 23.76 -9.13
N PRO B 775 46.82 24.48 -9.69
CA PRO B 775 46.67 24.98 -11.05
C PRO B 775 46.69 23.89 -12.11
N GLY B 776 47.70 23.05 -12.08
CA GLY B 776 47.66 21.85 -12.88
C GLY B 776 47.38 20.65 -12.00
N ARG B 777 46.14 20.21 -11.96
CA ARG B 777 45.81 19.04 -11.15
C ARG B 777 45.68 17.77 -11.97
N HIS B 778 45.14 17.86 -13.19
CA HIS B 778 44.75 16.66 -13.91
C HIS B 778 45.96 15.98 -14.51
N LEU B 779 46.91 16.77 -15.02
CA LEU B 779 48.20 16.20 -15.39
C LEU B 779 48.93 15.68 -14.16
N LEU B 780 48.77 16.33 -13.01
CA LEU B 780 49.49 15.89 -11.83
C LEU B 780 48.92 14.59 -11.29
N ASN B 781 47.59 14.48 -11.22
CA ASN B 781 46.96 13.25 -10.75
C ASN B 781 47.18 12.11 -11.74
N ALA B 782 47.09 12.41 -13.04
CA ALA B 782 47.40 11.41 -14.04
C ALA B 782 48.87 10.99 -13.98
N GLY B 783 49.76 11.91 -13.62
CA GLY B 783 51.17 11.56 -13.50
C GLY B 783 51.44 10.69 -12.30
N LEU B 784 50.77 10.95 -11.19
CA LEU B 784 50.98 10.12 -10.01
C LEU B 784 50.39 8.73 -10.20
N LEU B 785 49.22 8.65 -10.82
CA LEU B 785 48.63 7.35 -11.13
C LEU B 785 49.48 6.56 -12.12
N ALA B 786 50.04 7.25 -13.13
CA ALA B 786 50.90 6.58 -14.09
C ALA B 786 52.24 6.22 -13.49
N ALA B 787 52.68 6.94 -12.46
CA ALA B 787 53.91 6.53 -11.77
C ALA B 787 53.66 5.32 -10.90
N SER B 788 52.47 5.23 -10.30
CA SER B 788 52.09 4.02 -9.58
C SER B 788 51.97 2.83 -10.50
N VAL B 789 51.51 3.04 -11.74
CA VAL B 789 51.50 1.95 -12.71
C VAL B 789 52.92 1.62 -13.14
N GLY B 790 53.72 2.66 -13.45
CA GLY B 790 55.05 2.46 -14.00
C GLY B 790 56.08 1.97 -13.01
N GLY B 791 55.79 2.07 -11.70
CA GLY B 791 56.72 1.50 -10.74
C GLY B 791 56.73 -0.01 -10.70
N ILE B 792 55.65 -0.64 -11.18
CA ILE B 792 55.55 -2.09 -11.08
C ILE B 792 56.42 -2.78 -12.12
N ILE B 793 56.89 -2.06 -13.13
CA ILE B 793 57.68 -2.64 -14.20
C ILE B 793 59.14 -2.86 -13.78
N PRO B 794 59.85 -1.93 -13.11
CA PRO B 794 61.17 -2.29 -12.58
C PRO B 794 61.11 -3.10 -11.31
N PHE B 795 59.93 -3.49 -10.85
CA PHE B 795 59.79 -4.17 -9.58
C PHE B 795 59.96 -5.67 -9.71
N MET B 796 59.80 -6.20 -10.92
CA MET B 796 60.41 -7.46 -11.29
C MET B 796 61.78 -7.14 -11.88
N MET B 797 62.38 -8.12 -12.55
CA MET B 797 63.60 -7.99 -13.38
C MET B 797 64.84 -7.61 -12.58
N ASP B 798 64.72 -7.47 -11.27
CA ASP B 798 65.79 -7.15 -10.36
C ASP B 798 65.37 -7.64 -8.97
N PRO B 799 65.84 -8.79 -8.54
CA PRO B 799 65.53 -9.26 -7.19
C PRO B 799 66.46 -8.69 -6.13
N SER B 800 67.17 -7.60 -6.44
CA SER B 800 68.02 -6.95 -5.46
C SER B 800 67.18 -6.37 -4.34
N PHE B 801 67.49 -6.80 -3.10
CA PHE B 801 66.83 -6.27 -1.92
C PHE B 801 67.06 -4.78 -1.77
N THR B 802 68.24 -4.29 -2.16
CA THR B 802 68.53 -2.87 -2.04
C THR B 802 67.69 -2.07 -3.03
N THR B 803 67.44 -2.63 -4.22
CA THR B 803 66.57 -1.97 -5.19
C THR B 803 65.11 -2.27 -4.91
N GLY B 804 64.81 -3.50 -4.46
CA GLY B 804 63.43 -3.89 -4.24
C GLY B 804 62.77 -3.11 -3.12
N ILE B 805 63.46 -2.98 -1.98
CA ILE B 805 62.85 -2.28 -0.86
C ILE B 805 62.83 -0.79 -1.12
N THR B 806 63.75 -0.25 -1.91
CA THR B 806 63.74 1.18 -2.15
C THR B 806 62.78 1.56 -3.24
N CYS B 807 62.33 0.61 -4.05
CA CYS B 807 61.25 0.88 -4.99
C CYS B 807 59.93 0.36 -4.47
N LEU B 808 59.93 -0.31 -3.32
CA LEU B 808 58.69 -0.67 -2.65
C LEU B 808 58.30 0.36 -1.58
N GLY B 809 59.28 1.01 -0.96
CA GLY B 809 58.97 2.09 -0.04
C GLY B 809 58.75 3.42 -0.71
N SER B 810 59.04 3.53 -1.99
CA SER B 810 58.75 4.72 -2.76
C SER B 810 57.37 4.68 -3.38
N VAL B 811 56.50 3.82 -2.89
CA VAL B 811 55.13 3.72 -3.34
C VAL B 811 54.17 4.32 -2.32
N SER B 812 54.53 4.16 -1.04
CA SER B 812 53.78 4.81 0.04
C SER B 812 53.83 6.33 -0.11
N ALA B 813 54.95 6.86 -0.58
CA ALA B 813 55.08 8.30 -0.77
C ALA B 813 54.17 8.79 -1.90
N LEU B 814 54.17 8.07 -3.03
CA LEU B 814 53.33 8.45 -4.16
C LEU B 814 51.86 8.34 -3.81
N SER B 815 51.50 7.29 -3.09
CA SER B 815 50.13 7.11 -2.63
C SER B 815 49.71 8.24 -1.70
N ALA B 816 50.60 8.65 -0.79
CA ALA B 816 50.28 9.73 0.12
C ALA B 816 50.11 11.06 -0.61
N VAL B 817 50.97 11.32 -1.59
CA VAL B 817 50.88 12.58 -2.34
C VAL B 817 49.61 12.63 -3.17
N MET B 818 49.25 11.52 -3.83
CA MET B 818 48.02 11.54 -4.61
C MET B 818 46.80 11.53 -3.71
N GLY B 819 46.90 11.00 -2.50
CA GLY B 819 45.77 11.05 -1.59
C GLY B 819 45.52 12.45 -1.06
N VAL B 820 46.60 13.18 -0.78
CA VAL B 820 46.48 14.59 -0.41
C VAL B 820 45.93 15.40 -1.57
N THR B 821 46.36 15.09 -2.79
CA THR B 821 45.91 15.86 -3.95
C THR B 821 44.45 15.56 -4.30
N LEU B 822 44.00 14.34 -4.08
CA LEU B 822 42.63 13.97 -4.39
C LEU B 822 41.67 14.10 -3.21
N THR B 823 42.15 14.46 -2.03
CA THR B 823 41.24 14.69 -0.92
C THR B 823 41.11 16.16 -0.56
N ALA B 824 42.15 16.96 -0.80
CA ALA B 824 42.08 18.38 -0.44
C ALA B 824 41.10 19.13 -1.32
N ALA B 825 41.04 18.80 -2.61
CA ALA B 825 40.18 19.50 -3.53
C ALA B 825 38.87 18.74 -3.73
N ILE B 826 38.05 18.71 -2.67
CA ILE B 826 36.75 18.07 -2.76
C ILE B 826 35.61 19.02 -2.45
N GLY B 827 35.56 19.56 -1.23
CA GLY B 827 34.44 20.39 -0.85
C GLY B 827 33.55 19.72 0.18
N GLY B 828 33.33 20.38 1.31
CA GLY B 828 32.68 19.74 2.43
C GLY B 828 31.18 19.60 2.33
N ALA B 829 30.55 20.18 1.31
CA ALA B 829 29.10 20.05 1.21
C ALA B 829 28.70 18.67 0.74
N ASP B 830 29.36 18.17 -0.30
CA ASP B 830 29.31 16.76 -0.67
C ASP B 830 30.45 15.97 -0.05
N MET B 831 30.60 16.10 1.27
CA MET B 831 31.67 15.39 1.97
C MET B 831 31.51 13.87 2.01
N PRO B 832 30.43 13.29 2.59
CA PRO B 832 30.55 11.92 3.14
C PRO B 832 30.75 10.83 2.12
N VAL B 833 30.61 11.12 0.83
CA VAL B 833 30.97 10.13 -0.19
C VAL B 833 32.45 9.80 -0.11
N VAL B 834 33.30 10.75 0.29
CA VAL B 834 34.70 10.45 0.48
C VAL B 834 34.99 9.90 1.87
N ILE B 835 34.02 9.92 2.79
CA ILE B 835 34.26 9.16 4.02
C ILE B 835 33.83 7.72 3.84
N THR B 836 33.00 7.41 2.84
CA THR B 836 32.68 6.02 2.56
C THR B 836 33.61 5.35 1.54
N VAL B 837 34.10 6.10 0.56
CA VAL B 837 35.08 5.54 -0.38
C VAL B 837 36.36 5.11 0.34
N LEU B 838 36.73 5.82 1.41
CA LEU B 838 37.86 5.36 2.21
C LEU B 838 37.55 4.08 2.98
N ASN B 839 36.28 3.86 3.32
CA ASN B 839 35.91 2.59 3.94
C ASN B 839 36.06 1.44 2.97
N SER B 840 35.66 1.66 1.71
CA SER B 840 35.93 0.69 0.66
C SER B 840 37.41 0.42 0.50
N TYR B 841 38.23 1.47 0.59
CA TYR B 841 39.67 1.28 0.45
C TYR B 841 40.26 0.46 1.60
N SER B 842 39.75 0.65 2.82
CA SER B 842 40.25 -0.16 3.92
C SER B 842 39.86 -1.63 3.77
N GLY B 843 38.64 -1.89 3.30
CA GLY B 843 38.23 -3.25 3.06
C GLY B 843 39.05 -3.94 1.99
N TRP B 844 39.34 -3.23 0.89
CA TRP B 844 40.15 -3.83 -0.15
C TRP B 844 41.62 -3.95 0.25
N ALA B 845 42.08 -3.13 1.20
CA ALA B 845 43.38 -3.35 1.80
C ALA B 845 43.42 -4.66 2.58
N LEU B 846 42.35 -4.97 3.31
CA LEU B 846 42.30 -6.28 3.96
C LEU B 846 42.22 -7.43 2.97
N CYS B 847 41.55 -7.22 1.84
CA CYS B 847 41.50 -8.28 0.83
C CYS B 847 42.88 -8.55 0.24
N ALA B 848 43.63 -7.49 -0.07
CA ALA B 848 44.99 -7.66 -0.55
C ALA B 848 45.93 -8.17 0.54
N GLU B 849 45.57 -8.01 1.81
CA GLU B 849 46.35 -8.64 2.86
C GLU B 849 46.11 -10.14 2.89
N GLY B 850 44.84 -10.54 2.76
CA GLY B 850 44.50 -11.94 2.84
C GLY B 850 45.02 -12.75 1.68
N PHE B 851 45.12 -12.13 0.49
CA PHE B 851 45.77 -12.82 -0.62
C PHE B 851 47.25 -13.03 -0.40
N LEU B 852 47.87 -12.26 0.50
CA LEU B 852 49.29 -12.32 0.73
C LEU B 852 49.66 -13.30 1.84
N LEU B 853 48.89 -13.35 2.93
CA LEU B 853 49.23 -14.25 4.03
C LEU B 853 48.55 -15.59 3.96
N ASN B 854 47.79 -15.86 2.89
CA ASN B 854 47.11 -17.14 2.63
C ASN B 854 46.16 -17.48 3.78
N ASN B 855 45.13 -16.64 3.93
CA ASN B 855 44.26 -16.68 5.08
C ASN B 855 42.84 -16.38 4.65
N ASN B 856 41.90 -17.22 5.07
CA ASN B 856 40.54 -17.09 4.57
C ASN B 856 39.75 -16.04 5.31
N LEU B 857 40.01 -15.91 6.61
CA LEU B 857 39.29 -14.96 7.45
C LEU B 857 39.46 -13.53 6.95
N LEU B 858 40.69 -13.17 6.59
CA LEU B 858 40.97 -11.83 6.09
C LEU B 858 40.28 -11.56 4.77
N THR B 859 40.25 -12.53 3.86
CA THR B 859 39.62 -12.29 2.56
C THR B 859 38.11 -12.19 2.69
N ILE B 860 37.51 -13.01 3.55
CA ILE B 860 36.07 -12.96 3.74
C ILE B 860 35.65 -11.62 4.35
N VAL B 861 36.32 -11.20 5.43
CA VAL B 861 35.92 -9.93 6.02
C VAL B 861 36.37 -8.75 5.17
N GLY B 862 37.37 -8.92 4.31
CA GLY B 862 37.76 -7.86 3.42
C GLY B 862 36.72 -7.60 2.36
N ALA B 863 36.20 -8.66 1.74
CA ALA B 863 35.11 -8.48 0.79
C ALA B 863 33.86 -7.96 1.47
N LEU B 864 33.62 -8.43 2.70
CA LEU B 864 32.44 -8.03 3.45
C LEU B 864 32.46 -6.55 3.81
N ILE B 865 33.64 -5.99 4.09
CA ILE B 865 33.74 -4.57 4.41
C ILE B 865 33.76 -3.72 3.15
N GLY B 866 34.46 -4.18 2.12
CA GLY B 866 34.56 -3.40 0.89
C GLY B 866 33.23 -3.22 0.17
N SER B 867 32.42 -4.29 0.14
CA SER B 867 31.13 -4.14 -0.52
C SER B 867 30.19 -3.26 0.28
N SER B 868 30.30 -3.27 1.60
CA SER B 868 29.48 -2.38 2.43
C SER B 868 29.84 -0.93 2.21
N GLY B 869 31.13 -0.63 2.10
CA GLY B 869 31.53 0.74 1.82
C GLY B 869 31.07 1.21 0.45
N ALA B 870 31.21 0.35 -0.56
CA ALA B 870 30.78 0.74 -1.90
C ALA B 870 29.27 0.90 -1.99
N ILE B 871 28.51 0.10 -1.24
CA ILE B 871 27.06 0.24 -1.28
C ILE B 871 26.60 1.48 -0.53
N LEU B 872 27.30 1.86 0.55
CA LEU B 872 26.96 3.14 1.20
C LEU B 872 27.30 4.33 0.31
N SER B 873 28.42 4.27 -0.41
CA SER B 873 28.73 5.35 -1.34
C SER B 873 27.74 5.38 -2.51
N TYR B 874 27.23 4.23 -2.94
CA TYR B 874 26.27 4.26 -4.04
C TYR B 874 24.92 4.77 -3.58
N ILE B 875 24.46 4.38 -2.39
CA ILE B 875 23.17 4.85 -1.94
C ILE B 875 23.23 6.33 -1.60
N MET B 876 24.39 6.87 -1.28
CA MET B 876 24.45 8.30 -1.08
C MET B 876 24.78 9.09 -2.35
N CYS B 877 25.43 8.47 -3.35
CA CYS B 877 25.51 9.15 -4.64
C CYS B 877 24.16 9.16 -5.34
N VAL B 878 23.30 8.18 -5.08
CA VAL B 878 21.97 8.20 -5.68
C VAL B 878 20.97 8.87 -4.76
N ALA B 879 21.37 9.23 -3.54
CA ALA B 879 20.55 10.15 -2.75
C ALA B 879 20.53 11.53 -3.39
N MET B 880 21.69 12.04 -3.75
CA MET B 880 21.80 13.15 -4.68
C MET B 880 21.78 12.57 -6.09
N ASN B 881 22.15 13.31 -7.11
CA ASN B 881 22.12 12.71 -8.44
C ASN B 881 23.45 12.91 -9.15
N ARG B 882 24.50 13.16 -8.40
CA ARG B 882 25.82 13.32 -8.98
C ARG B 882 26.50 11.97 -9.07
N SER B 883 27.18 11.72 -10.18
CA SER B 883 27.94 10.49 -10.25
C SER B 883 29.23 10.62 -9.45
N LEU B 884 29.93 9.51 -9.28
CA LEU B 884 31.12 9.51 -8.43
C LEU B 884 32.27 10.22 -9.10
N ALA B 885 32.44 10.01 -10.41
CA ALA B 885 33.53 10.62 -11.15
C ALA B 885 33.40 12.13 -11.23
N ASN B 886 32.18 12.65 -11.13
CA ASN B 886 31.96 14.08 -11.06
C ASN B 886 32.26 14.64 -9.68
N VAL B 887 32.29 13.80 -8.65
CA VAL B 887 32.63 14.27 -7.32
C VAL B 887 34.13 14.26 -7.10
N ILE B 888 34.78 13.16 -7.47
CA ILE B 888 36.15 12.92 -7.05
C ILE B 888 37.12 13.86 -7.77
N LEU B 889 37.17 13.79 -9.09
CA LEU B 889 38.12 14.60 -9.84
C LEU B 889 37.49 15.93 -10.28
N GLY B 890 36.53 16.42 -9.52
CA GLY B 890 35.97 17.73 -9.77
C GLY B 890 34.94 17.76 -10.89
N GLY B 891 33.87 18.50 -10.68
CA GLY B 891 32.85 18.62 -11.70
C GLY B 891 31.91 19.75 -11.33
N TYR B 892 31.07 20.12 -12.30
CA TYR B 892 30.02 21.09 -12.08
C TYR B 892 28.66 20.43 -12.18
N GLY B 893 27.83 20.69 -11.19
CA GLY B 893 26.43 20.40 -11.28
C GLY B 893 26.11 18.92 -11.22
N THR B 894 24.90 18.62 -11.67
CA THR B 894 24.31 17.31 -11.54
C THR B 894 24.68 16.52 -12.81
N THR B 895 24.02 15.39 -13.04
CA THR B 895 24.21 14.63 -14.25
C THR B 895 22.98 14.70 -15.16
N SER B 896 22.04 15.58 -14.85
CA SER B 896 20.92 15.85 -15.74
C SER B 896 20.83 17.30 -16.19
N THR B 897 21.48 18.22 -15.51
CA THR B 897 21.56 19.58 -16.00
C THR B 897 22.40 19.63 -17.28
N ALA B 898 22.12 20.64 -18.11
CA ALA B 898 22.84 20.82 -19.36
C ALA B 898 22.70 22.26 -19.81
N GLY B 899 23.69 22.74 -20.56
CA GLY B 899 23.60 24.03 -21.21
C GLY B 899 24.08 25.21 -20.39
N GLY B 900 23.14 25.94 -19.82
CA GLY B 900 23.50 27.11 -19.03
C GLY B 900 22.26 27.84 -18.58
N LYS B 901 22.48 29.05 -18.05
CA LYS B 901 21.46 29.97 -17.54
C LYS B 901 20.50 29.35 -16.53
N PRO B 902 20.91 29.17 -15.28
CA PRO B 902 19.97 28.76 -14.23
C PRO B 902 18.90 29.82 -14.02
N MET B 903 17.64 29.37 -14.02
CA MET B 903 16.51 30.27 -14.12
C MET B 903 16.24 30.95 -12.79
N GLU B 904 15.88 32.23 -12.84
CA GLU B 904 15.38 32.97 -11.69
C GLU B 904 13.88 32.77 -11.55
N ILE B 905 13.42 32.77 -10.30
CA ILE B 905 12.00 32.62 -10.00
C ILE B 905 11.62 33.74 -9.03
N SER B 906 10.66 34.56 -9.43
CA SER B 906 10.20 35.68 -8.62
C SER B 906 9.13 35.20 -7.64
N GLY B 907 8.50 36.15 -6.94
CA GLY B 907 7.55 35.83 -5.90
C GLY B 907 7.68 36.75 -4.71
N THR B 908 6.84 36.58 -3.70
CA THR B 908 6.84 37.47 -2.55
C THR B 908 7.11 36.70 -1.27
N HIS B 909 7.20 37.46 -0.19
CA HIS B 909 7.56 37.01 1.14
C HIS B 909 6.31 36.91 2.01
N THR B 910 6.41 36.15 3.10
CA THR B 910 5.37 36.12 4.12
C THR B 910 6.03 36.00 5.48
N GLU B 911 6.15 37.10 6.22
CA GLU B 911 6.79 37.08 7.53
C GLU B 911 5.79 36.72 8.62
N ILE B 912 6.26 35.96 9.61
CA ILE B 912 5.47 35.49 10.74
C ILE B 912 6.32 35.66 12.00
N ASN B 913 5.68 36.04 13.10
CA ASN B 913 6.35 36.14 14.40
C ASN B 913 6.31 34.78 15.10
N LEU B 914 6.57 34.76 16.41
CA LEU B 914 6.40 33.54 17.17
C LEU B 914 4.95 33.27 17.54
N ASP B 915 4.17 34.33 17.77
CA ASP B 915 2.79 34.13 18.22
C ASP B 915 1.91 33.61 17.09
N ASN B 916 2.10 34.12 15.88
CA ASN B 916 1.31 33.56 14.78
C ASN B 916 1.79 32.18 14.40
N ALA B 917 3.06 31.86 14.67
CA ALA B 917 3.55 30.50 14.50
C ALA B 917 2.86 29.53 15.44
N ILE B 918 2.81 29.85 16.74
CA ILE B 918 2.13 28.95 17.67
C ILE B 918 0.62 28.96 17.47
N ASP B 919 0.08 30.08 16.98
CA ASP B 919 -1.34 30.14 16.63
C ASP B 919 -1.66 29.23 15.45
N MET B 920 -0.73 29.09 14.52
CA MET B 920 -0.97 28.21 13.38
C MET B 920 -0.65 26.76 13.72
N ILE B 921 0.23 26.52 14.69
CA ILE B 921 0.53 25.16 15.11
C ILE B 921 -0.62 24.58 15.92
N ARG B 922 -1.20 25.39 16.83
CA ARG B 922 -2.09 24.88 17.88
C ARG B 922 -3.37 24.22 17.37
N GLU B 923 -3.72 24.41 16.10
CA GLU B 923 -4.89 23.76 15.53
C GLU B 923 -4.56 22.39 14.95
N ALA B 924 -3.36 22.24 14.38
CA ALA B 924 -3.07 21.16 13.45
C ALA B 924 -3.05 19.80 14.14
N ASN B 925 -3.37 18.76 13.36
CA ASN B 925 -3.51 17.42 13.90
C ASN B 925 -2.63 16.41 13.19
N SER B 926 -1.80 16.84 12.24
CA SER B 926 -0.93 15.94 11.49
C SER B 926 0.26 16.78 11.04
N ILE B 927 1.38 16.64 11.75
CA ILE B 927 2.54 17.52 11.58
C ILE B 927 3.72 16.66 11.15
N ILE B 928 4.44 17.12 10.12
CA ILE B 928 5.65 16.46 9.68
C ILE B 928 6.80 17.45 9.80
N ILE B 929 7.84 17.05 10.52
CA ILE B 929 9.03 17.88 10.73
C ILE B 929 10.14 17.30 9.87
N THR B 930 10.87 18.15 9.15
CA THR B 930 12.04 17.72 8.38
C THR B 930 13.26 18.44 8.91
N PRO B 931 13.86 17.94 9.99
CA PRO B 931 15.03 18.62 10.56
C PRO B 931 16.26 18.42 9.69
N GLY B 932 17.19 19.37 9.83
CA GLY B 932 18.41 19.36 9.06
C GLY B 932 19.63 19.27 9.96
N TYR B 933 20.79 19.37 9.32
CA TYR B 933 22.02 19.23 10.07
C TYR B 933 22.34 20.50 10.85
N GLY B 934 21.90 21.66 10.35
CA GLY B 934 22.03 22.90 11.11
C GLY B 934 21.12 22.97 12.31
N LEU B 935 20.15 22.06 12.42
CA LEU B 935 19.41 21.90 13.66
C LEU B 935 20.23 21.15 14.69
N CYS B 936 20.62 19.93 14.35
CA CYS B 936 21.21 19.04 15.33
C CYS B 936 22.64 19.40 15.68
N ALA B 937 23.41 19.95 14.75
CA ALA B 937 24.78 20.34 15.08
C ALA B 937 24.88 21.75 15.62
N ALA B 938 23.75 22.40 15.89
CA ALA B 938 23.74 23.67 16.63
C ALA B 938 23.25 23.48 18.05
N LYS B 939 23.31 22.24 18.56
CA LYS B 939 22.93 21.87 19.93
C LYS B 939 21.48 22.22 20.23
N ALA B 940 20.61 22.00 19.24
CA ALA B 940 19.24 22.51 19.31
C ALA B 940 18.22 21.42 19.02
N GLN B 941 18.54 20.16 19.31
CA GLN B 941 17.59 19.09 19.08
C GLN B 941 16.80 18.71 20.32
N TYR B 942 17.26 19.11 21.50
CA TYR B 942 16.53 18.84 22.74
C TYR B 942 15.20 19.62 22.83
N PRO B 943 15.10 20.90 22.42
CA PRO B 943 13.77 21.49 22.38
C PRO B 943 12.84 20.89 21.33
N ILE B 944 13.35 20.39 20.20
CA ILE B 944 12.49 19.65 19.28
C ILE B 944 12.01 18.36 19.91
N ALA B 945 12.88 17.71 20.69
CA ALA B 945 12.53 16.47 21.36
C ALA B 945 11.41 16.66 22.36
N ASP B 946 11.54 17.64 23.27
CA ASP B 946 10.45 17.78 24.23
C ASP B 946 9.24 18.51 23.65
N LEU B 947 9.40 19.23 22.53
CA LEU B 947 8.24 19.72 21.79
C LEU B 947 7.41 18.57 21.25
N VAL B 948 8.07 17.57 20.66
CA VAL B 948 7.38 16.37 20.21
C VAL B 948 6.74 15.64 21.39
N LYS B 949 7.47 15.58 22.51
CA LYS B 949 6.97 14.91 23.71
C LYS B 949 5.72 15.60 24.25
N MET B 950 5.65 16.93 24.15
CA MET B 950 4.49 17.63 24.66
C MET B 950 3.35 17.69 23.66
N LEU B 951 3.64 17.67 22.36
CA LEU B 951 2.55 17.72 21.40
C LEU B 951 1.90 16.37 21.15
N SER B 952 2.64 15.27 21.30
CA SER B 952 2.06 13.98 20.97
C SER B 952 1.06 13.51 22.01
N GLU B 953 1.16 14.00 23.24
CA GLU B 953 0.24 13.60 24.30
C GLU B 953 -1.06 14.38 24.28
N GLN B 954 -1.24 15.32 23.36
CA GLN B 954 -2.47 16.10 23.26
C GLN B 954 -3.34 15.71 22.07
N GLY B 955 -2.97 14.64 21.37
CA GLY B 955 -3.79 14.13 20.29
C GLY B 955 -3.29 14.42 18.90
N LYS B 956 -2.17 15.13 18.73
CA LYS B 956 -1.62 15.37 17.42
C LYS B 956 -0.95 14.10 16.89
N LYS B 957 -0.44 14.19 15.67
CA LYS B 957 0.31 13.10 15.06
C LYS B 957 1.59 13.71 14.50
N VAL B 958 2.65 13.70 15.31
CA VAL B 958 3.92 14.31 14.95
C VAL B 958 4.82 13.24 14.37
N ARG B 959 5.28 13.44 13.13
CA ARG B 959 6.23 12.53 12.51
C ARG B 959 7.43 13.30 12.01
N PHE B 960 8.58 12.65 11.98
CA PHE B 960 9.77 13.25 11.40
C PHE B 960 9.96 12.76 9.97
N GLY B 961 10.68 13.54 9.19
CA GLY B 961 11.00 13.16 7.83
C GLY B 961 12.47 13.38 7.54
N ILE B 962 13.18 12.33 7.15
CA ILE B 962 14.64 12.34 7.08
C ILE B 962 15.07 12.10 5.64
N HIS B 963 16.06 12.88 5.19
CA HIS B 963 16.67 12.79 3.88
C HIS B 963 18.09 12.24 3.99
N PRO B 964 18.53 11.39 3.06
CA PRO B 964 19.80 10.67 3.25
C PRO B 964 21.07 11.48 3.11
N VAL B 965 21.03 12.77 2.79
CA VAL B 965 22.27 13.56 2.84
C VAL B 965 22.20 14.65 3.90
N ALA B 966 21.21 14.61 4.78
CA ALA B 966 21.15 15.56 5.87
C ALA B 966 22.10 15.08 6.95
N GLY B 967 23.34 15.54 6.88
CA GLY B 967 24.35 15.10 7.83
C GLY B 967 25.70 14.91 7.17
N ARG B 968 26.71 14.49 7.94
CA ARG B 968 28.03 14.27 7.39
C ARG B 968 28.50 12.83 7.54
N MET B 969 27.56 11.89 7.58
CA MET B 969 27.79 10.47 7.70
C MET B 969 26.47 9.85 7.27
N PRO B 970 26.46 8.72 6.57
CA PRO B 970 25.17 8.13 6.20
C PRO B 970 24.38 7.65 7.39
N GLY B 971 23.28 8.34 7.67
CA GLY B 971 22.42 7.98 8.78
C GLY B 971 22.75 8.64 10.08
N GLN B 972 23.44 9.78 10.06
CA GLN B 972 23.78 10.48 11.31
C GLN B 972 22.55 11.11 11.95
N LEU B 973 21.59 11.51 11.14
CA LEU B 973 20.49 12.29 11.67
C LEU B 973 19.54 11.42 12.48
N ASN B 974 19.44 10.13 12.13
CA ASN B 974 18.65 9.20 12.91
C ASN B 974 19.20 9.02 14.31
N VAL B 975 20.52 8.86 14.43
CA VAL B 975 21.08 8.63 15.76
C VAL B 975 21.14 9.93 16.56
N LEU B 976 21.23 11.10 15.90
CA LEU B 976 21.13 12.33 16.67
C LEU B 976 19.72 12.55 17.21
N LEU B 977 18.71 12.20 16.41
CA LEU B 977 17.34 12.31 16.92
C LEU B 977 17.04 11.26 17.98
N ALA B 978 17.74 10.12 17.94
CA ALA B 978 17.54 9.16 19.03
C ALA B 978 18.33 9.54 20.26
N GLU B 979 19.43 10.28 20.08
CA GLU B 979 20.13 10.90 21.20
C GLU B 979 19.24 11.92 21.90
N ALA B 980 18.43 12.65 21.12
CA ALA B 980 17.54 13.65 21.70
C ALA B 980 16.47 13.02 22.58
N GLY B 981 16.07 11.78 22.31
CA GLY B 981 15.10 11.11 23.14
C GLY B 981 13.80 10.83 22.43
N VAL B 982 13.91 10.59 21.12
CA VAL B 982 12.75 10.42 20.25
C VAL B 982 12.57 8.93 19.96
N PRO B 983 11.37 8.38 20.11
CA PRO B 983 11.15 6.98 19.72
C PRO B 983 11.22 6.83 18.22
N TYR B 984 11.70 5.69 17.77
CA TYR B 984 11.91 5.47 16.35
C TYR B 984 10.66 5.08 15.59
N ASP B 985 9.49 5.10 16.21
CA ASP B 985 8.27 4.84 15.47
C ASP B 985 7.76 6.06 14.74
N ILE B 986 8.35 7.23 14.98
CA ILE B 986 7.88 8.45 14.32
C ILE B 986 8.94 9.04 13.42
N VAL B 987 10.05 8.35 13.22
CA VAL B 987 11.10 8.81 12.30
C VAL B 987 10.99 7.98 11.03
N LEU B 988 10.66 8.65 9.94
CA LEU B 988 10.51 8.00 8.65
C LEU B 988 11.71 8.34 7.78
N GLU B 989 11.82 7.70 6.64
CA GLU B 989 12.79 8.12 5.64
C GLU B 989 12.06 8.69 4.44
N MET B 990 12.81 9.04 3.40
CA MET B 990 12.28 9.85 2.31
C MET B 990 11.26 9.09 1.47
N ASP B 991 11.54 7.84 1.14
CA ASP B 991 10.80 7.12 0.11
C ASP B 991 9.39 6.71 0.57
N GLU B 992 9.07 6.85 1.86
CA GLU B 992 7.76 6.47 2.37
C GLU B 992 7.00 7.61 3.02
N ILE B 993 7.65 8.74 3.32
CA ILE B 993 6.95 9.91 3.80
C ILE B 993 6.54 10.82 2.66
N ASN B 994 7.06 10.58 1.46
CA ASN B 994 6.95 11.55 0.37
C ASN B 994 5.56 11.59 -0.23
N HIS B 995 4.81 10.49 -0.19
CA HIS B 995 3.42 10.50 -0.59
C HIS B 995 2.48 10.42 0.60
N ASP B 996 2.97 10.82 1.77
CA ASP B 996 2.13 11.03 2.94
C ASP B 996 2.22 12.48 3.43
N PHE B 997 2.58 13.39 2.52
CA PHE B 997 2.42 14.85 2.64
C PHE B 997 1.07 15.47 2.30
N PRO B 998 0.33 15.10 1.23
CA PRO B 998 -0.83 15.92 0.86
C PRO B 998 -1.98 15.92 1.86
N ASP B 999 -2.13 14.86 2.63
CA ASP B 999 -3.07 14.86 3.75
C ASP B 999 -2.40 15.22 5.07
N THR B 1000 -1.68 16.33 5.09
CA THR B 1000 -1.05 16.84 6.31
C THR B 1000 -1.41 18.30 6.51
N ASP B 1001 -1.66 18.66 7.77
CA ASP B 1001 -2.05 20.02 8.07
C ASP B 1001 -0.86 20.96 7.98
N LEU B 1002 0.30 20.53 8.48
CA LEU B 1002 1.35 21.44 8.88
C LEU B 1002 2.71 20.79 8.69
N VAL B 1003 3.65 21.55 8.12
CA VAL B 1003 5.02 21.07 7.97
C VAL B 1003 5.95 22.09 8.60
N LEU B 1004 6.85 21.63 9.46
CA LEU B 1004 7.85 22.47 10.11
C LEU B 1004 9.21 22.21 9.49
N VAL B 1005 9.67 23.10 8.62
CA VAL B 1005 10.97 22.96 7.97
C VAL B 1005 11.98 23.74 8.79
N ILE B 1006 13.00 23.04 9.28
CA ILE B 1006 13.92 23.57 10.29
C ILE B 1006 15.34 23.36 9.76
N GLY B 1007 15.94 24.41 9.22
CA GLY B 1007 17.35 24.42 8.88
C GLY B 1007 17.76 23.46 7.78
N ALA B 1008 17.15 23.60 6.60
CA ALA B 1008 17.50 22.76 5.46
C ALA B 1008 17.21 23.54 4.18
N ASN B 1009 18.15 23.50 3.24
CA ASN B 1009 17.97 24.19 1.97
C ASN B 1009 17.89 23.24 0.79
N ASP B 1010 18.91 22.41 0.57
CA ASP B 1010 18.98 21.66 -0.67
C ASP B 1010 18.06 20.45 -0.72
N THR B 1011 17.62 19.95 0.42
CA THR B 1011 16.72 18.80 0.45
C THR B 1011 15.26 19.20 0.41
N VAL B 1012 14.95 20.49 0.30
CA VAL B 1012 13.57 20.96 0.22
C VAL B 1012 13.42 21.98 -0.90
N ASN B 1013 14.37 22.01 -1.83
CA ASN B 1013 14.24 22.88 -2.99
C ASN B 1013 13.09 22.40 -3.89
N SER B 1014 12.54 23.34 -4.65
CA SER B 1014 11.54 23.01 -5.66
C SER B 1014 12.08 23.12 -7.08
N ALA B 1015 13.25 23.74 -7.24
CA ALA B 1015 13.93 23.81 -8.53
C ALA B 1015 14.44 22.45 -9.00
N ALA B 1016 14.47 21.46 -8.12
CA ALA B 1016 15.04 20.17 -8.46
C ALA B 1016 14.14 19.37 -9.37
N GLN B 1017 12.82 19.57 -9.29
CA GLN B 1017 11.90 18.76 -10.08
C GLN B 1017 11.46 19.44 -11.36
N GLU B 1018 11.24 20.75 -11.32
CA GLU B 1018 10.54 21.43 -12.41
C GLU B 1018 11.46 22.21 -13.35
N ASP B 1019 12.67 22.56 -12.91
CA ASP B 1019 13.50 23.48 -13.69
C ASP B 1019 14.74 22.77 -14.20
N PRO B 1020 14.82 22.46 -15.50
CA PRO B 1020 15.97 21.70 -16.00
C PRO B 1020 17.22 22.53 -16.14
N ASN B 1021 17.11 23.85 -16.07
CA ASN B 1021 18.28 24.72 -16.12
C ASN B 1021 19.07 24.71 -14.82
N SER B 1022 18.49 24.20 -13.74
CA SER B 1022 18.98 24.48 -12.40
C SER B 1022 20.25 23.70 -12.10
N ILE B 1023 20.91 24.12 -11.02
CA ILE B 1023 22.16 23.51 -10.61
C ILE B 1023 21.88 22.18 -9.95
N ILE B 1024 20.79 22.08 -9.22
CA ILE B 1024 20.53 20.96 -8.33
C ILE B 1024 19.31 20.24 -8.91
N ALA B 1025 19.22 20.20 -10.22
CA ALA B 1025 18.07 19.59 -10.86
C ALA B 1025 18.20 18.07 -10.90
N GLY B 1026 17.07 17.39 -10.81
CA GLY B 1026 17.03 15.95 -10.84
C GLY B 1026 17.28 15.26 -9.52
N MET B 1027 17.71 16.00 -8.50
CA MET B 1027 17.89 15.43 -7.17
C MET B 1027 16.54 15.08 -6.56
N PRO B 1028 16.36 13.88 -6.04
CA PRO B 1028 15.11 13.58 -5.32
C PRO B 1028 15.06 14.36 -4.03
N VAL B 1029 13.85 14.72 -3.63
CA VAL B 1029 13.62 15.82 -2.71
C VAL B 1029 12.26 15.61 -2.07
N LEU B 1030 12.12 16.06 -0.83
CA LEU B 1030 10.85 15.93 -0.14
C LEU B 1030 9.82 16.86 -0.74
N GLU B 1031 8.71 16.30 -1.22
CA GLU B 1031 7.62 17.10 -1.76
C GLU B 1031 6.90 17.71 -0.56
N VAL B 1032 7.46 18.82 -0.07
CA VAL B 1032 6.86 19.56 1.01
C VAL B 1032 5.78 20.52 0.51
N TRP B 1033 5.88 21.00 -0.73
CA TRP B 1033 4.89 21.94 -1.25
C TRP B 1033 3.69 21.22 -1.86
N LYS B 1034 3.17 20.23 -1.12
CA LYS B 1034 1.80 19.77 -1.30
C LYS B 1034 1.07 19.77 0.03
N SER B 1035 1.64 20.42 1.04
CA SER B 1035 0.99 20.73 2.29
C SER B 1035 0.45 22.15 2.19
N LYS B 1036 0.03 22.70 3.34
CA LYS B 1036 -0.67 23.98 3.34
C LYS B 1036 0.13 25.09 3.99
N GLN B 1037 0.66 24.86 5.19
CA GLN B 1037 1.39 25.88 5.93
C GLN B 1037 2.78 25.37 6.25
N VAL B 1038 3.79 26.07 5.75
CA VAL B 1038 5.18 25.65 5.86
C VAL B 1038 5.90 26.70 6.69
N ILE B 1039 6.29 26.33 7.90
CA ILE B 1039 7.12 27.19 8.73
C ILE B 1039 8.58 26.90 8.38
N VAL B 1040 9.28 27.93 7.94
CA VAL B 1040 10.71 27.85 7.64
C VAL B 1040 11.44 28.69 8.66
N MET B 1041 12.45 28.12 9.30
CA MET B 1041 13.24 28.85 10.30
C MET B 1041 14.67 28.95 9.82
N LYS B 1042 15.09 30.14 9.42
CA LYS B 1042 16.50 30.38 9.12
C LYS B 1042 16.83 31.82 9.47
N ARG B 1043 18.08 32.19 9.20
CA ARG B 1043 18.67 33.41 9.74
C ARG B 1043 18.03 34.70 9.20
N SER B 1044 18.26 35.04 7.93
CA SER B 1044 17.55 36.20 7.39
C SER B 1044 16.80 35.95 6.09
N LEU B 1045 17.51 35.59 5.03
CA LEU B 1045 16.97 35.65 3.67
C LEU B 1045 17.80 34.72 2.80
N GLY B 1046 17.62 34.85 1.48
CA GLY B 1046 18.34 34.01 0.54
C GLY B 1046 19.80 34.37 0.36
N VAL B 1052 21.57 29.95 -5.97
CA VAL B 1052 20.22 30.36 -6.32
C VAL B 1052 19.28 30.02 -5.18
N ASP B 1053 18.51 31.03 -4.78
CA ASP B 1053 17.58 30.93 -3.67
C ASP B 1053 16.47 29.92 -3.98
N ASN B 1054 15.94 29.34 -2.94
CA ASN B 1054 14.92 28.32 -3.06
C ASN B 1054 13.59 28.97 -3.43
N PRO B 1055 12.85 28.43 -4.41
CA PRO B 1055 11.50 28.93 -4.67
C PRO B 1055 10.47 28.61 -3.59
N ILE B 1056 10.77 27.77 -2.60
CA ILE B 1056 9.83 27.66 -1.49
C ILE B 1056 9.91 28.89 -0.59
N PHE B 1057 11.03 29.62 -0.64
CA PHE B 1057 11.19 30.85 0.12
C PHE B 1057 10.28 31.95 -0.38
N TYR B 1058 9.84 31.88 -1.64
CA TYR B 1058 8.97 32.88 -2.21
C TYR B 1058 7.60 32.36 -2.56
N LYS B 1059 7.35 31.07 -2.45
CA LYS B 1059 6.05 30.53 -2.81
C LYS B 1059 5.05 30.90 -1.72
N PRO B 1060 3.88 31.46 -2.07
CA PRO B 1060 3.09 32.22 -1.09
C PRO B 1060 2.35 31.39 -0.06
N ASN B 1061 2.32 30.07 -0.15
CA ASN B 1061 1.77 29.27 0.94
C ASN B 1061 2.78 29.00 2.05
N THR B 1062 4.01 29.50 1.90
CA THR B 1062 5.05 29.40 2.91
C THR B 1062 4.88 30.53 3.91
N ALA B 1063 4.83 30.19 5.20
CA ALA B 1063 4.76 31.18 6.26
C ALA B 1063 6.02 31.03 7.12
N MET B 1064 7.06 31.77 6.76
CA MET B 1064 8.37 31.63 7.39
C MET B 1064 8.51 32.55 8.60
N LEU B 1065 9.53 32.27 9.42
CA LEU B 1065 9.92 33.16 10.49
C LEU B 1065 11.43 33.32 10.48
N LEU B 1066 11.96 34.08 11.44
CA LEU B 1066 13.36 34.45 11.43
C LEU B 1066 14.01 34.24 12.79
N GLY B 1067 15.33 34.20 12.77
CA GLY B 1067 16.16 34.08 13.96
C GLY B 1067 17.06 32.87 13.90
N ASP B 1068 17.88 32.73 14.95
CA ASP B 1068 18.74 31.58 15.10
C ASP B 1068 17.92 30.39 15.59
N ALA B 1069 18.21 29.21 15.01
CA ALA B 1069 17.34 28.04 15.16
C ALA B 1069 17.27 27.57 16.61
N LYS B 1070 18.36 27.72 17.36
CA LYS B 1070 18.33 27.54 18.80
C LYS B 1070 17.35 28.51 19.46
N LYS B 1071 17.41 29.79 19.09
CA LYS B 1071 16.61 30.81 19.77
C LYS B 1071 15.15 30.72 19.39
N THR B 1072 14.86 30.58 18.09
CA THR B 1072 13.49 30.38 17.64
C THR B 1072 12.91 29.10 18.22
N CYS B 1073 13.72 28.04 18.25
CA CYS B 1073 13.23 26.74 18.66
C CYS B 1073 12.91 26.71 20.15
N ASP B 1074 13.82 27.22 21.00
CA ASP B 1074 13.54 27.14 22.43
C ASP B 1074 12.57 28.22 22.90
N ALA B 1075 12.49 29.35 22.18
CA ALA B 1075 11.40 30.29 22.45
C ALA B 1075 10.05 29.64 22.13
N LEU B 1076 9.99 28.86 21.05
CA LEU B 1076 8.76 28.15 20.72
C LEU B 1076 8.49 27.03 21.72
N GLN B 1077 9.56 26.45 22.29
CA GLN B 1077 9.41 25.48 23.37
C GLN B 1077 8.74 26.10 24.59
N ALA B 1078 9.25 27.27 25.02
CA ALA B 1078 8.69 27.94 26.18
C ALA B 1078 7.26 28.38 25.94
N LYS B 1079 6.95 28.80 24.71
CA LYS B 1079 5.57 29.19 24.41
C LYS B 1079 4.63 27.98 24.34
N VAL B 1080 5.13 26.83 23.85
CA VAL B 1080 4.32 25.61 23.86
C VAL B 1080 4.01 25.19 25.28
N ARG B 1081 5.00 25.29 26.18
CA ARG B 1081 4.75 24.87 27.54
C ARG B 1081 3.86 25.86 28.29
N GLU B 1082 4.06 27.16 28.07
CA GLU B 1082 3.24 28.14 28.78
C GLU B 1082 1.89 28.40 28.12
N SER B 1083 1.63 27.83 26.95
CA SER B 1083 0.35 28.03 26.29
C SER B 1083 -0.69 27.04 26.78
N TYR B 1084 -0.34 25.77 26.85
CA TYR B 1084 -1.29 24.73 27.20
C TYR B 1084 -1.46 24.54 28.70
N GLN B 1085 -0.39 24.72 29.47
CA GLN B 1085 -0.43 24.45 30.90
C GLN B 1085 -1.08 25.59 31.66
O12 PC1 C . 11.51 -14.44 8.76
P PC1 C . 11.09 -15.33 7.66
O14 PC1 C . 10.11 -16.41 7.94
O13 PC1 C . 10.53 -14.40 6.50
C11 PC1 C . 11.16 -13.13 6.20
C12 PC1 C . 11.87 -13.39 4.90
N PC1 C . 12.39 -12.18 4.18
C13 PC1 C . 11.24 -11.29 3.77
C14 PC1 C . 13.14 -12.58 2.95
C15 PC1 C . 13.29 -11.41 5.07
O11 PC1 C . 12.41 -16.00 7.06
C1 PC1 C . 12.38 -17.40 6.77
C2 PC1 C . 13.71 -18.02 7.12
O21 PC1 C . 13.55 -19.47 7.02
C21 PC1 C . 13.83 -20.03 5.84
O22 PC1 C . 14.22 -19.41 4.89
C22 PC1 C . 13.61 -21.52 5.86
C23 PC1 C . 14.45 -22.26 4.83
C24 PC1 C . 15.93 -22.24 5.13
C25 PC1 C . 16.77 -22.90 4.06
C26 PC1 C . 18.27 -22.80 4.27
C27 PC1 C . 19.07 -22.79 3.00
C28 PC1 C . 20.52 -22.46 3.17
C29 PC1 C . 21.36 -23.60 3.68
C2A PC1 C . 22.85 -23.35 3.65
C2B PC1 C . 23.68 -24.53 4.13
C3 PC1 C . 14.10 -17.72 8.53
O31 PC1 C . 14.70 -18.90 9.10
C31 PC1 C . 16.03 -19.01 9.06
O32 PC1 C . 16.75 -18.21 8.53
C32 PC1 C . 16.49 -20.24 9.77
C33 PC1 C . 16.94 -21.37 8.86
C34 PC1 C . 18.24 -21.10 8.14
C35 PC1 C . 19.08 -22.34 7.89
C36 PC1 C . 19.39 -23.10 9.15
C37 PC1 C . 20.70 -23.87 9.10
C38 PC1 C . 20.75 -24.97 8.07
C39 PC1 C . 22.06 -25.72 8.04
O12 PC1 D . 17.14 -13.19 8.69
P PC1 D . 17.92 -12.92 7.46
O14 PC1 D . 17.58 -13.63 6.22
O13 PC1 D . 17.85 -11.34 7.18
C11 PC1 D . 16.89 -10.83 6.21
C12 PC1 D . 17.76 -10.16 5.17
N PC1 D . 17.07 -9.79 3.88
C13 PC1 D . 15.93 -8.84 4.14
C14 PC1 D . 16.53 -11.02 3.21
C15 PC1 D . 18.04 -9.12 2.95
O11 PC1 D . 19.45 -13.21 7.83
C1 PC1 D . 19.80 -14.48 8.40
C2 PC1 D . 20.99 -15.01 7.67
O21 PC1 D . 21.03 -16.47 7.84
C21 PC1 D . 21.34 -17.19 6.77
O22 PC1 D . 21.52 -16.73 5.68
C22 PC1 D . 21.43 -18.65 7.11
C23 PC1 D . 21.83 -19.49 5.91
C24 PC1 D . 22.49 -20.77 6.34
C25 PC1 D . 23.85 -20.54 6.98
C26 PC1 D . 24.30 -21.69 7.86
C27 PC1 D . 25.77 -21.67 8.19
C28 PC1 D . 26.65 -21.86 6.98
C29 PC1 D . 26.37 -23.14 6.23
C2A PC1 D . 26.76 -24.39 7.00
C2B PC1 D . 28.25 -24.65 7.03
C2C PC1 D . 28.62 -25.97 7.68
C2D PC1 D . 27.93 -27.17 7.05
C3 PC1 D . 22.28 -14.46 8.21
O31 PC1 D . 22.80 -15.36 9.22
C31 PC1 D . 24.02 -15.84 9.02
O32 PC1 D . 24.70 -15.56 8.08
C32 PC1 D . 24.44 -16.77 10.12
C33 PC1 D . 25.16 -16.05 11.23
C34 PC1 D . 25.36 -16.92 12.46
C35 PC1 D . 26.21 -18.13 12.20
C36 PC1 D . 26.35 -19.05 13.39
C37 PC1 D . 27.18 -20.27 13.11
O12 PC1 E . 4.78 -22.80 11.03
P PC1 E . 5.79 -22.84 9.95
O14 PC1 E . 5.38 -23.25 8.59
O13 PC1 E . 6.39 -21.36 9.85
C11 PC1 E . 5.51 -20.22 9.92
C12 PC1 E . 6.26 -19.31 10.86
N PC1 E . 5.64 -17.94 11.10
C13 PC1 E . 4.16 -18.05 11.30
C14 PC1 E . 5.90 -17.05 9.92
C15 PC1 E . 6.26 -17.33 12.31
O11 PC1 E . 6.98 -23.76 10.44
C1 PC1 E . 7.62 -24.69 9.54
C2 PC1 E . 8.82 -24.02 8.93
O21 PC1 E . 9.75 -25.05 8.50
C21 PC1 E . 9.78 -25.35 7.19
O22 PC1 E . 9.02 -24.90 6.38
C22 PC1 E . 10.89 -26.31 6.87
C23 PC1 E . 11.59 -25.99 5.56
C24 PC1 E . 12.89 -26.75 5.35
C25 PC1 E . 12.80 -27.92 4.38
C26 PC1 E . 14.07 -28.76 4.32
C27 PC1 E . 13.92 -30.03 3.52
C28 PC1 E . 15.13 -30.94 3.60
C3 PC1 E . 9.51 -23.16 9.95
O31 PC1 E . 10.89 -22.99 9.57
C31 PC1 E . 11.73 -22.57 10.51
O32 PC1 E . 11.38 -22.25 11.62
C32 PC1 E . 13.14 -22.54 10.01
C33 PC1 E . 13.41 -23.59 8.94
C34 PC1 E . 13.55 -24.99 9.48
C35 PC1 E . 14.82 -25.21 10.27
O12 PC1 F . 15.38 -19.37 -33.37
P PC1 F . 14.24 -18.85 -32.60
O14 PC1 F . 13.07 -18.28 -33.32
O13 PC1 F . 13.75 -20.00 -31.61
C11 PC1 F . 13.31 -21.29 -32.11
C12 PC1 F . 14.25 -22.28 -31.48
N PC1 F . 13.72 -23.66 -31.24
C13 PC1 F . 13.01 -24.18 -32.45
C14 PC1 F . 12.76 -23.64 -30.09
C15 PC1 F . 14.84 -24.59 -30.91
O11 PC1 F . 14.81 -17.79 -31.56
C1 PC1 F . 16.24 -17.59 -31.40
C2 PC1 F . 16.70 -18.23 -30.11
O21 PC1 F . 18.05 -17.75 -29.85
C21 PC1 F . 18.35 -17.43 -28.58
O22 PC1 F . 17.57 -17.46 -27.68
C22 PC1 F . 19.79 -17.02 -28.46
C23 PC1 F . 20.73 -18.21 -28.42
C24 PC1 F . 20.93 -18.76 -27.03
C25 PC1 F . 21.92 -17.96 -26.21
C26 PC1 F . 22.35 -18.66 -24.94
C27 PC1 F . 23.19 -19.90 -25.15
C28 PC1 F . 24.54 -19.63 -25.77
C29 PC1 F . 25.49 -20.81 -25.72
C2A PC1 F . 24.95 -22.07 -26.37
C2B PC1 F . 25.93 -23.22 -26.35
C3 PC1 F . 16.77 -19.73 -30.25
O31 PC1 F . 17.50 -20.30 -29.13
C31 PC1 F . 16.79 -20.70 -28.08
O32 PC1 F . 15.61 -20.52 -27.96
C32 PC1 F . 17.66 -21.42 -27.10
C33 PC1 F . 18.57 -22.40 -27.81
C34 PC1 F . 19.58 -23.07 -26.92
C35 PC1 F . 18.99 -23.98 -25.87
C36 PC1 F . 18.04 -25.04 -26.41
C37 PC1 F . 18.17 -26.36 -25.70
C38 PC1 F . 19.29 -27.20 -26.23
C39 PC1 F . 20.23 -27.75 -25.16
C3A PC1 F . 21.26 -26.75 -24.67
C3B PC1 F . 22.40 -27.40 -23.93
C3C PC1 F . 23.46 -26.42 -23.47
C3D PC1 F . 24.62 -27.07 -22.74
O12 PC1 G . 20.21 -2.83 -9.19
P PC1 G . 20.00 -1.82 -8.14
O14 PC1 G . 19.30 -0.55 -8.45
O13 PC1 G . 19.22 -2.53 -6.95
C11 PC1 G . 18.36 -1.76 -6.08
C12 PC1 G . 17.89 -2.79 -5.09
N PC1 G . 16.88 -2.31 -4.08
C13 PC1 G . 15.64 -1.86 -4.78
C14 PC1 G . 17.44 -1.18 -3.29
C15 PC1 G . 16.55 -3.43 -3.15
O11 PC1 G . 21.43 -1.48 -7.52
C1 PC1 G . 22.51 -1.15 -8.40
C2 PC1 G . 23.61 -2.14 -8.15
O21 PC1 G . 24.90 -1.45 -8.22
C21 PC1 G . 25.37 -0.90 -7.10
O22 PC1 G . 24.76 -0.83 -6.06
C22 PC1 G . 26.76 -0.38 -7.30
C23 PC1 G . 27.74 -0.85 -6.23
C24 PC1 G . 27.66 -2.33 -5.99
C25 PC1 G . 28.67 -2.83 -4.99
C26 PC1 G . 30.10 -2.77 -5.48
C27 PC1 G . 30.69 -4.13 -5.78
C28 PC1 G . 30.61 -5.09 -4.61
C29 PC1 G . 31.07 -6.49 -4.95
C2A PC1 G . 32.53 -6.58 -5.28
C2B PC1 G . 32.85 -7.67 -6.29
C2C PC1 G . 34.31 -8.03 -6.39
C2D PC1 G . 34.83 -8.66 -5.12
C3 PC1 G . 23.63 -3.21 -9.20
O31 PC1 G . 24.89 -3.12 -9.90
C31 PC1 G . 25.72 -4.16 -9.76
O32 PC1 G . 25.51 -5.10 -9.05
C32 PC1 G . 26.96 -3.98 -10.59
C33 PC1 G . 27.93 -5.14 -10.47
C34 PC1 G . 28.79 -5.06 -9.23
C35 PC1 G . 30.18 -4.50 -9.50
C36 PC1 G . 31.03 -5.40 -10.38
C37 PC1 G . 32.46 -4.90 -10.54
O12 PC1 H . 20.61 -6.42 -8.73
P PC1 H . 20.42 -7.45 -7.69
O14 PC1 H . 20.87 -7.15 -6.30
O13 PC1 H . 18.85 -7.75 -7.64
C11 PC1 H . 18.37 -9.01 -7.11
C12 PC1 H . 17.91 -8.73 -5.69
N PC1 H . 16.58 -7.98 -5.52
C13 PC1 H . 15.85 -8.57 -4.37
C14 PC1 H . 15.69 -8.02 -6.73
C15 PC1 H . 16.88 -6.55 -5.20
O11 PC1 H . 21.16 -8.75 -8.21
C1 PC1 H . 22.05 -8.64 -9.34
C2 PC1 H . 23.15 -9.66 -9.20
O21 PC1 H . 24.38 -8.91 -8.94
C21 PC1 H . 25.24 -9.44 -8.05
O22 PC1 H . 25.06 -10.47 -7.48
C22 PC1 H . 26.47 -8.59 -7.91
C23 PC1 H . 27.48 -9.17 -6.94
C24 PC1 H . 28.85 -8.55 -7.08
C25 PC1 H . 29.42 -8.64 -8.48
C26 PC1 H . 30.67 -9.50 -8.62
C27 PC1 H . 30.49 -10.94 -8.22
C28 PC1 H . 31.75 -11.77 -8.34
C29 PC1 H . 32.91 -11.26 -7.53
C3 PC1 H . 23.35 -10.43 -10.47
O31 PC1 H . 24.54 -11.24 -10.42
C31 PC1 H . 25.09 -11.55 -11.59
O32 PC1 H . 24.65 -11.21 -12.65
C32 PC1 H . 26.33 -12.38 -11.43
C33 PC1 H . 26.87 -12.84 -12.78
C34 PC1 H . 28.14 -13.65 -12.67
C35 PC1 H . 29.34 -12.85 -12.21
C36 PC1 H . 29.85 -11.88 -13.24
C37 PC1 H . 30.33 -12.55 -14.51
O12 PC1 I . 20.27 7.00 -11.79
P PC1 I . 20.82 6.05 -12.80
O14 PC1 I . 20.23 6.03 -14.15
O13 PC1 I . 20.68 4.59 -12.16
C11 PC1 I . 20.19 3.48 -12.96
C12 PC1 I . 20.35 2.31 -12.04
N PC1 I . 20.34 0.93 -12.69
C13 PC1 I . 19.22 0.83 -13.68
C14 PC1 I . 20.15 -0.12 -11.64
C15 PC1 I . 21.64 0.69 -13.39
O11 PC1 I . 22.37 6.36 -12.90
C1 PC1 I . 23.26 5.43 -13.54
C2 PC1 I . 24.00 4.68 -12.47
O21 PC1 I . 25.15 5.50 -12.10
C21 PC1 I . 25.02 6.37 -11.10
O22 PC1 I . 23.99 6.56 -10.51
C22 PC1 I . 26.31 7.07 -10.80
C23 PC1 I . 27.12 6.44 -9.67
C24 PC1 I . 27.55 5.02 -9.95
C25 PC1 I . 28.75 4.57 -9.14
C26 PC1 I . 28.55 4.70 -7.64
C27 PC1 I . 29.72 4.18 -6.83
C28 PC1 I . 30.09 2.75 -7.17
C29 PC1 I . 31.11 2.15 -6.24
C2A PC1 I . 32.42 2.92 -6.16
C2B PC1 I . 33.40 2.33 -5.17
C2C PC1 I . 34.62 3.17 -4.94
C2D PC1 I . 35.84 2.73 -5.72
C2E PC1 I . 36.55 1.55 -5.10
C2F PC1 I . 37.93 1.32 -5.69
C2G PC1 I . 38.68 0.12 -5.13
C2H PC1 I . 40.08 0.01 -5.70
C2I PC1 I . 40.84 -1.16 -5.14
C3 PC1 I . 24.52 3.37 -12.96
O31 PC1 I . 25.35 2.78 -11.94
C31 PC1 I . 25.50 1.46 -11.97
O32 PC1 I . 24.96 0.74 -12.77
C32 PC1 I . 26.43 0.99 -10.89
C33 PC1 I . 27.81 0.59 -11.38
C34 PC1 I . 28.81 0.56 -10.24
C35 PC1 I . 30.14 -0.10 -10.53
C36 PC1 I . 31.01 -0.21 -9.29
C37 PC1 I . 32.15 -1.20 -9.39
C38 PC1 I . 32.85 -1.46 -8.06
O12 PC1 J . 24.15 -4.05 29.89
P PC1 J . 24.63 -3.79 28.50
O14 PC1 J . 23.77 -4.23 27.37
O13 PC1 J . 24.98 -2.24 28.36
C11 PC1 J . 25.92 -1.62 29.28
C12 PC1 J . 26.93 -0.92 28.40
N PC1 J . 28.26 -0.61 29.05
C13 PC1 J . 29.06 -1.85 29.27
C14 PC1 J . 28.04 0.07 30.37
C15 PC1 J . 29.04 0.32 28.16
O11 PC1 J . 26.05 -4.50 28.36
C1 PC1 J . 26.31 -5.68 29.12
C2 PC1 J . 26.98 -6.70 28.22
O21 PC1 J . 28.32 -6.22 27.92
C21 PC1 J . 29.34 -7.07 28.13
O22 PC1 J . 29.19 -8.22 28.46
C22 PC1 J . 30.65 -6.38 27.93
C23 PC1 J . 30.55 -5.07 27.15
C24 PC1 J . 30.60 -5.29 25.66
C25 PC1 J . 31.99 -5.17 25.09
C26 PC1 J . 32.48 -3.76 24.90
C27 PC1 J . 33.97 -3.66 24.66
C28 PC1 J . 34.49 -4.62 23.63
C29 PC1 J . 35.97 -4.92 23.79
C2A PC1 J . 36.51 -5.94 22.82
C2B PC1 J . 35.70 -7.22 22.73
C2C PC1 J . 36.50 -8.42 22.29
C2D PC1 J . 37.35 -8.17 21.05
C2E PC1 J . 38.35 -9.28 20.76
C3 PC1 J . 26.24 -6.85 26.93
O31 PC1 J . 26.44 -8.21 26.46
C31 PC1 J . 27.03 -8.37 25.28
O32 PC1 J . 27.49 -7.47 24.64
C32 PC1 J . 26.99 -9.82 24.86
C33 PC1 J . 28.35 -10.51 24.91
C34 PC1 J . 29.23 -10.14 23.74
C35 PC1 J . 30.50 -10.95 23.65
C36 PC1 J . 31.32 -10.91 24.91
C37 PC1 J . 32.73 -11.41 24.71
C38 PC1 J . 32.80 -12.77 24.05
C39 PC1 J . 34.22 -13.27 23.83
C3A PC1 J . 35.01 -13.46 25.09
C3B PC1 J . 36.42 -13.94 24.84
C3C PC1 J . 37.20 -14.26 26.10
#